data_9CY7
#
_entry.id   9CY7
#
_cell.length_a   122.838
_cell.length_b   122.838
_cell.length_c   296.769
_cell.angle_alpha   90.00
_cell.angle_beta   90.00
_cell.angle_gamma   90.00
#
_symmetry.space_group_name_H-M   'P 41 21 2'
#
loop_
_entity.id
_entity.type
_entity.pdbx_description
1 polymer 'DIS3-like exonuclease 2'
2 polymer 'U13 RNA'
3 non-polymer 'MAGNESIUM ION'
4 water water
#
loop_
_entity_poly.entity_id
_entity_poly.type
_entity_poly.pdbx_seq_one_letter_code
_entity_poly.pdbx_strand_id
1 'polypeptide(L)'
;SSNAKKSVYPLYYDSATVKKGLKSGTLFKGTLRILENHRSAFACMEDIPDFYVDGPIARNRAFHNDVVIVEPVMNNDSPT
EKSNFLQNGVEKVKIKDHDDELGGAMEHLERLEIKSVASFKGDSRTRARVVAIEKRAEISKIVGILRAPGWSLKNVEYVS
KKSSYAIFIPKDKRLPFITIHKNDLSDLSGENWIENILKHHDQLFSVEITRWSIYSRYPMGVLGEKLGNITDVEAYTNAL
LLENGISSSPFSDEVLNCLPPDDWIISHEEIKKRRDLRNELIITIDPETARDLNDAVSCRALDNGTYEVGVHIADVTHFV
KPDSALDKEAASRATTVYLVQKAIPMLPPLLCERLCSLNPNVERLAFSVFWKLDSNGKEIGKRWFGKTVIKTCARLAYSE
AQGVIEGKSWDDAVGKPIGGTHTPKDVETSILTLCEISRKLRKDRFAKGAVEINSTELKFQLDEYGMPNKCEVYEQTDAN
HLIEEFMLLANRSVAEHISKNFSNNSLLRRHASPKEKQINEFCHFLKSMNFDFDASSSAAFNASMVRLRSTFNEELVELF
ENMAVRSLNRAEYFCTGDFGEKTDWHHYALSFNHYTHFTSPIRRYPDIIVHRLLERSLKNTSPGIDKKNCSLVAAHCNEK
KEKSTTVQEDSQQLFLSVYIAEYCKKHDKKSMPVQAFATRISGNSIDVYISEYGISNRVDLSSDDRIKSFIVAPDDSSVK
ITLFDDSQKTIALTDRFQVYLYSDYSRTFFSIRCSLVSLN
;
A,B
2 'polyribonucleotide' UUUUUUUUUUUUU C,D
#
# COMPACT_ATOMS: atom_id res chain seq x y z
N LYS A 6 34.76 -51.19 -22.56
CA LYS A 6 33.47 -50.54 -22.82
C LYS A 6 33.35 -49.26 -22.00
N SER A 7 32.96 -48.17 -22.65
CA SER A 7 32.81 -46.90 -21.98
C SER A 7 31.69 -46.95 -20.95
N VAL A 8 31.96 -46.40 -19.77
CA VAL A 8 30.95 -46.39 -18.71
C VAL A 8 29.79 -45.49 -19.08
N TYR A 9 30.04 -44.44 -19.85
CA TYR A 9 29.05 -43.45 -20.22
C TYR A 9 28.89 -43.42 -21.74
N PRO A 10 27.74 -42.97 -22.24
CA PRO A 10 27.57 -42.85 -23.68
C PRO A 10 28.26 -41.62 -24.24
N LEU A 11 28.49 -41.65 -25.54
CA LEU A 11 29.15 -40.54 -26.23
C LEU A 11 28.19 -39.38 -26.39
N TYR A 12 28.70 -38.16 -26.21
CA TYR A 12 27.90 -36.98 -26.49
C TYR A 12 27.53 -36.94 -27.96
N TYR A 13 26.27 -36.61 -28.23
CA TYR A 13 25.78 -36.59 -29.61
C TYR A 13 26.45 -35.47 -30.39
N ASP A 14 26.42 -35.60 -31.71
CA ASP A 14 27.03 -34.57 -32.56
C ASP A 14 26.20 -33.28 -32.45
N SER A 15 26.85 -32.16 -32.78
CA SER A 15 26.16 -30.87 -32.71
C SER A 15 24.96 -30.83 -33.65
N ALA A 16 25.12 -31.32 -34.87
CA ALA A 16 24.02 -31.35 -35.82
C ALA A 16 22.90 -32.27 -35.35
N THR A 17 23.26 -33.46 -34.85
CA THR A 17 22.26 -34.36 -34.30
C THR A 17 21.51 -33.73 -33.13
N VAL A 18 22.22 -33.03 -32.26
CA VAL A 18 21.57 -32.37 -31.13
C VAL A 18 20.60 -31.30 -31.61
N LYS A 19 21.01 -30.48 -32.58
CA LYS A 19 20.10 -29.47 -33.12
C LYS A 19 18.88 -30.11 -33.77
N LYS A 20 19.10 -31.16 -34.58
CA LYS A 20 18.01 -31.87 -35.20
C LYS A 20 17.01 -32.38 -34.16
N GLY A 21 17.51 -33.05 -33.13
CA GLY A 21 16.64 -33.53 -32.07
C GLY A 21 15.89 -32.40 -31.39
N LEU A 22 16.54 -31.25 -31.23
CA LEU A 22 15.86 -30.08 -30.68
C LEU A 22 14.69 -29.66 -31.56
N LYS A 23 14.87 -29.68 -32.89
CA LYS A 23 13.78 -29.34 -33.78
C LYS A 23 12.76 -30.46 -33.90
N SER A 24 13.09 -31.66 -33.41
CA SER A 24 12.20 -32.80 -33.47
C SER A 24 11.47 -33.01 -32.16
N GLY A 25 11.61 -32.10 -31.20
CA GLY A 25 10.94 -32.20 -29.93
C GLY A 25 11.52 -33.24 -29.00
N THR A 26 12.33 -34.17 -29.52
CA THR A 26 12.96 -35.18 -28.68
C THR A 26 13.96 -34.55 -27.71
N LEU A 27 14.96 -33.84 -28.23
CA LEU A 27 15.95 -33.24 -27.37
C LEU A 27 15.35 -32.07 -26.58
N PHE A 28 15.92 -31.81 -25.40
CA PHE A 28 15.49 -30.73 -24.53
C PHE A 28 16.72 -30.02 -24.01
N LYS A 29 16.51 -28.85 -23.42
CA LYS A 29 17.62 -28.00 -23.00
C LYS A 29 17.25 -27.21 -21.76
N GLY A 30 18.02 -27.41 -20.70
CA GLY A 30 17.73 -26.69 -19.46
C GLY A 30 18.93 -26.75 -18.55
N THR A 31 18.80 -26.06 -17.41
CA THR A 31 19.89 -26.11 -16.45
C THR A 31 19.84 -27.48 -15.74
N LEU A 32 20.85 -27.80 -14.95
CA LEU A 32 20.85 -29.05 -14.21
C LEU A 32 21.08 -28.73 -12.74
N ARG A 33 20.26 -29.30 -11.87
CA ARG A 33 20.44 -29.17 -10.43
C ARG A 33 20.54 -30.55 -9.82
N ILE A 34 21.73 -30.86 -9.30
CA ILE A 34 22.00 -32.13 -8.63
C ILE A 34 21.65 -31.97 -7.16
N LEU A 35 21.01 -32.98 -6.59
CA LEU A 35 20.58 -32.88 -5.21
C LEU A 35 21.70 -33.34 -4.28
N GLU A 36 21.61 -32.91 -3.02
CA GLU A 36 22.67 -33.21 -2.05
C GLU A 36 22.79 -34.71 -1.83
N ASN A 37 21.67 -35.42 -1.84
CA ASN A 37 21.69 -36.86 -1.58
C ASN A 37 22.21 -37.67 -2.76
N HIS A 38 22.62 -37.01 -3.84
CA HIS A 38 23.28 -37.63 -4.99
C HIS A 38 22.38 -38.63 -5.71
N ARG A 39 22.84 -39.12 -6.86
CA ARG A 39 22.14 -40.10 -7.69
C ARG A 39 20.87 -39.49 -8.29
N SER A 40 20.26 -38.56 -7.56
CA SER A 40 19.07 -37.84 -7.97
C SER A 40 19.44 -36.46 -8.51
N ALA A 41 18.92 -36.12 -9.69
CA ALA A 41 19.19 -34.81 -10.26
C ALA A 41 17.98 -34.40 -11.08
N PHE A 42 17.87 -33.10 -11.35
CA PHE A 42 16.77 -32.60 -12.17
C PHE A 42 17.25 -31.68 -13.28
N ALA A 43 16.74 -31.91 -14.49
CA ALA A 43 16.89 -30.96 -15.58
C ALA A 43 15.88 -29.86 -15.32
N CYS A 44 16.38 -28.75 -14.77
CA CYS A 44 15.59 -27.55 -14.48
C CYS A 44 15.18 -26.87 -15.78
N MET A 45 13.92 -27.02 -16.15
CA MET A 45 13.32 -26.36 -17.31
C MET A 45 12.31 -25.36 -16.77
N GLU A 46 12.51 -24.07 -17.07
CA GLU A 46 11.65 -23.05 -16.50
C GLU A 46 10.20 -23.19 -16.98
N ASP A 47 10.00 -23.46 -18.26
CA ASP A 47 8.63 -23.56 -18.80
C ASP A 47 8.06 -24.96 -18.67
N ILE A 48 8.47 -25.87 -19.56
CA ILE A 48 7.97 -27.24 -19.60
C ILE A 48 8.23 -27.91 -18.26
N PRO A 49 7.49 -28.97 -17.92
CA PRO A 49 7.71 -29.65 -16.63
C PRO A 49 9.18 -30.04 -16.46
N ASP A 50 9.70 -29.81 -15.25
CA ASP A 50 11.08 -30.15 -14.98
C ASP A 50 11.29 -31.65 -15.19
N PHE A 51 12.50 -32.02 -15.60
CA PHE A 51 12.74 -33.43 -15.86
C PHE A 51 13.59 -34.02 -14.73
N TYR A 52 13.48 -35.34 -14.58
CA TYR A 52 14.24 -36.04 -13.56
C TYR A 52 15.34 -36.87 -14.20
N VAL A 53 16.40 -37.12 -13.44
CA VAL A 53 17.54 -37.92 -13.89
C VAL A 53 17.98 -38.77 -12.71
N ASP A 54 18.02 -40.09 -12.89
CA ASP A 54 18.44 -41.03 -11.87
C ASP A 54 19.71 -41.72 -12.33
N GLY A 55 20.74 -41.69 -11.50
CA GLY A 55 21.99 -42.34 -11.81
C GLY A 55 22.97 -41.50 -12.61
N PRO A 56 24.24 -41.56 -12.21
CA PRO A 56 25.27 -40.82 -12.96
C PRO A 56 25.43 -41.30 -14.38
N ILE A 57 25.08 -42.56 -14.66
CA ILE A 57 25.05 -43.05 -16.03
C ILE A 57 24.21 -42.13 -16.91
N ALA A 58 22.99 -41.82 -16.44
CA ALA A 58 22.14 -40.89 -17.16
C ALA A 58 22.62 -39.46 -17.01
N ARG A 59 23.32 -39.14 -15.93
CA ARG A 59 23.89 -37.80 -15.81
C ARG A 59 24.96 -37.53 -16.85
N ASN A 60 25.66 -38.57 -17.31
CA ASN A 60 26.67 -38.47 -18.36
C ASN A 60 27.73 -37.42 -18.02
N ARG A 61 28.30 -37.54 -16.82
CA ARG A 61 29.44 -36.73 -16.38
C ARG A 61 29.11 -35.24 -16.44
N ALA A 62 28.06 -34.86 -15.72
CA ALA A 62 27.64 -33.47 -15.61
C ALA A 62 27.67 -33.04 -14.16
N PHE A 63 27.73 -31.73 -13.95
CA PHE A 63 27.81 -31.15 -12.61
C PHE A 63 26.61 -30.25 -12.35
N HIS A 64 26.62 -29.62 -11.17
CA HIS A 64 25.58 -28.69 -10.78
C HIS A 64 25.64 -27.41 -11.59
N ASN A 65 24.47 -26.85 -11.90
CA ASN A 65 24.31 -25.62 -12.69
C ASN A 65 24.92 -25.73 -14.08
N ASP A 66 25.05 -26.95 -14.61
CA ASP A 66 25.58 -27.16 -15.95
C ASP A 66 24.42 -27.19 -16.94
N VAL A 67 24.32 -26.16 -17.78
CA VAL A 67 23.28 -26.09 -18.79
C VAL A 67 23.47 -27.24 -19.77
N VAL A 68 22.48 -28.14 -19.84
CA VAL A 68 22.64 -29.45 -20.46
C VAL A 68 21.49 -29.70 -21.44
N ILE A 69 21.72 -30.66 -22.34
CA ILE A 69 20.79 -31.10 -23.38
C ILE A 69 20.41 -32.55 -23.09
N VAL A 70 19.19 -32.77 -22.62
CA VAL A 70 18.74 -34.11 -22.25
C VAL A 70 17.83 -34.70 -23.34
N GLU A 71 17.65 -36.03 -23.28
CA GLU A 71 16.80 -36.75 -24.23
C GLU A 71 15.90 -37.71 -23.44
N PRO A 72 14.60 -37.74 -23.72
CA PRO A 72 13.70 -38.60 -22.94
C PRO A 72 14.00 -40.08 -23.17
N VAL A 73 14.20 -40.81 -22.07
CA VAL A 73 14.42 -42.24 -22.14
C VAL A 73 13.36 -42.98 -21.34
N THR A 126 9.01 -38.59 -15.64
CA THR A 126 9.66 -37.55 -16.43
C THR A 126 11.18 -37.74 -16.37
N ARG A 127 11.64 -38.87 -16.92
CA ARG A 127 13.05 -39.24 -16.87
C ARG A 127 13.72 -38.95 -18.21
N ALA A 128 15.04 -38.76 -18.16
CA ALA A 128 15.79 -38.34 -19.34
C ALA A 128 17.28 -38.60 -19.12
N ARG A 129 17.98 -38.84 -20.23
CA ARG A 129 19.40 -39.16 -20.23
C ARG A 129 20.17 -37.99 -20.84
N VAL A 130 21.25 -37.59 -20.19
CA VAL A 130 22.08 -36.51 -20.70
C VAL A 130 22.82 -36.98 -21.95
N VAL A 131 22.80 -36.17 -23.00
CA VAL A 131 23.49 -36.48 -24.25
C VAL A 131 24.37 -35.33 -24.74
N ALA A 132 24.33 -34.17 -24.10
CA ALA A 132 25.17 -33.05 -24.50
C ALA A 132 25.16 -31.99 -23.41
N ILE A 133 26.30 -31.34 -23.22
CA ILE A 133 26.46 -30.27 -22.23
C ILE A 133 26.67 -28.96 -22.99
N GLU A 134 25.69 -28.06 -22.92
CA GLU A 134 25.82 -26.80 -23.63
C GLU A 134 26.78 -25.84 -22.93
N LYS A 135 26.68 -25.69 -21.61
CA LYS A 135 27.58 -24.84 -20.87
C LYS A 135 27.89 -25.45 -19.50
N ARG A 136 29.16 -25.38 -19.10
CA ARG A 136 29.60 -25.83 -17.79
C ARG A 136 29.86 -24.64 -16.88
N ALA A 137 29.23 -24.62 -15.71
CA ALA A 137 29.56 -23.60 -14.72
C ALA A 137 30.96 -23.83 -14.17
N GLU A 138 31.67 -22.73 -13.92
CA GLU A 138 33.04 -22.83 -13.41
C GLU A 138 33.06 -23.48 -12.04
N ILE A 139 33.74 -24.62 -11.93
CA ILE A 139 33.82 -25.36 -10.67
C ILE A 139 34.91 -24.71 -9.82
N SER A 140 34.51 -23.80 -8.93
CA SER A 140 35.45 -23.05 -8.10
C SER A 140 36.05 -23.96 -7.04
N LYS A 141 37.11 -24.68 -7.43
CA LYS A 141 37.90 -25.53 -6.53
C LYS A 141 37.09 -26.70 -6.00
N ILE A 142 37.74 -27.81 -5.64
CA ILE A 142 37.01 -28.91 -5.00
C ILE A 142 37.67 -29.21 -3.66
N VAL A 143 37.18 -28.57 -2.60
CA VAL A 143 37.72 -28.83 -1.27
C VAL A 143 37.07 -30.09 -0.71
N GLY A 144 37.82 -30.86 0.07
CA GLY A 144 37.31 -32.09 0.62
C GLY A 144 38.33 -32.83 1.47
N ILE A 145 38.26 -34.17 1.44
CA ILE A 145 39.18 -35.02 2.18
C ILE A 145 39.68 -36.13 1.26
N LEU A 146 40.72 -36.82 1.72
CA LEU A 146 41.34 -37.92 0.99
C LEU A 146 41.30 -39.17 1.84
N ARG A 147 40.89 -40.29 1.24
CA ARG A 147 40.84 -41.58 1.89
C ARG A 147 41.70 -42.57 1.14
N ALA A 148 42.20 -43.56 1.90
CA ALA A 148 43.03 -44.61 1.32
C ALA A 148 42.25 -45.42 0.29
N PRO A 149 42.94 -46.00 -0.68
CA PRO A 149 42.25 -46.85 -1.66
C PRO A 149 41.63 -48.06 -0.98
N GLY A 150 40.33 -48.26 -1.23
CA GLY A 150 39.72 -49.44 -0.64
C GLY A 150 39.50 -49.37 0.85
N TRP A 151 39.53 -48.17 1.44
CA TRP A 151 39.46 -48.02 2.88
C TRP A 151 38.24 -48.70 3.47
N SER A 152 38.44 -49.38 4.59
CA SER A 152 37.38 -50.09 5.29
C SER A 152 36.48 -49.11 6.04
N LYS A 162 45.94 -53.26 0.01
CA LYS A 162 44.97 -52.80 -0.98
C LYS A 162 45.46 -51.55 -1.70
N SER A 163 46.60 -51.65 -2.38
CA SER A 163 47.13 -50.49 -3.07
C SER A 163 46.27 -50.14 -4.27
N SER A 164 46.19 -48.83 -4.56
CA SER A 164 45.45 -48.28 -5.68
C SER A 164 45.42 -46.76 -5.64
N TYR A 165 44.66 -46.15 -6.54
CA TYR A 165 44.55 -44.69 -6.61
C TYR A 165 43.82 -44.15 -5.38
N ALA A 166 44.23 -42.96 -4.95
CA ALA A 166 43.64 -42.36 -3.75
C ALA A 166 42.22 -41.87 -4.02
N ILE A 167 41.36 -41.96 -3.00
CA ILE A 167 39.94 -41.66 -3.15
C ILE A 167 39.66 -40.28 -2.54
N PHE A 168 39.39 -39.28 -3.37
CA PHE A 168 39.04 -37.96 -2.86
C PHE A 168 37.53 -37.83 -2.75
N ILE A 169 37.07 -37.36 -1.59
CA ILE A 169 35.66 -37.16 -1.29
C ILE A 169 35.43 -35.67 -1.11
N PRO A 170 34.65 -35.03 -1.97
CA PRO A 170 34.36 -33.60 -1.83
C PRO A 170 33.35 -33.33 -0.72
N LYS A 171 33.41 -32.11 -0.18
CA LYS A 171 32.41 -31.69 0.80
C LYS A 171 31.03 -31.62 0.18
N ASP A 172 30.94 -31.07 -1.02
CA ASP A 172 29.68 -31.04 -1.75
C ASP A 172 29.35 -32.46 -2.21
N LYS A 173 28.34 -33.07 -1.59
CA LYS A 173 27.92 -34.40 -2.00
C LYS A 173 27.48 -34.43 -3.47
N ARG A 174 27.08 -33.27 -4.01
CA ARG A 174 26.70 -33.18 -5.42
C ARG A 174 27.86 -33.50 -6.34
N LEU A 175 29.09 -33.33 -5.87
CA LEU A 175 30.27 -33.64 -6.68
C LEU A 175 30.64 -35.10 -6.46
N PRO A 176 30.79 -35.88 -7.53
CA PRO A 176 31.12 -37.31 -7.35
C PRO A 176 32.51 -37.51 -6.79
N PHE A 177 32.88 -38.76 -6.50
CA PHE A 177 34.20 -39.02 -5.96
C PHE A 177 35.25 -38.75 -7.04
N ILE A 178 36.49 -38.54 -6.60
CA ILE A 178 37.57 -38.23 -7.53
C ILE A 178 38.72 -39.19 -7.30
N THR A 179 39.43 -39.53 -8.38
CA THR A 179 40.57 -40.43 -8.31
C THR A 179 41.84 -39.59 -8.36
N ILE A 180 42.69 -39.74 -7.34
CA ILE A 180 44.00 -39.12 -7.30
C ILE A 180 44.98 -40.16 -7.81
N HIS A 181 45.70 -39.83 -8.89
CA HIS A 181 46.52 -40.82 -9.58
C HIS A 181 47.60 -41.35 -8.63
N LYS A 182 48.28 -42.40 -9.09
CA LYS A 182 49.27 -43.11 -8.29
C LYS A 182 50.26 -42.17 -7.60
N ASN A 183 50.14 -42.06 -6.28
CA ASN A 183 51.03 -41.25 -5.44
C ASN A 183 51.06 -39.79 -5.86
N ASP A 184 49.96 -39.28 -6.40
CA ASP A 184 49.86 -37.88 -6.83
C ASP A 184 49.75 -36.96 -5.62
N LEU A 185 50.84 -36.24 -5.31
CA LEU A 185 50.85 -35.26 -4.23
C LEU A 185 52.23 -34.62 -4.12
N SER A 186 52.41 -33.72 -3.15
CA SER A 186 53.69 -33.09 -2.90
C SER A 186 53.99 -33.08 -1.41
N ASP A 187 52.95 -33.08 -0.56
CA ASP A 187 53.16 -33.02 0.88
C ASP A 187 53.11 -34.38 1.55
N LEU A 188 52.65 -35.41 0.83
CA LEU A 188 52.54 -36.75 1.38
C LEU A 188 52.83 -37.80 0.31
N SER A 189 53.26 -37.39 -0.88
CA SER A 189 53.64 -38.31 -1.93
C SER A 189 55.04 -38.87 -1.72
N GLY A 190 55.22 -40.09 -2.17
CA GLY A 190 56.42 -40.89 -2.11
C GLY A 190 56.15 -42.22 -1.47
N GLU A 191 57.23 -42.89 -1.06
CA GLU A 191 57.09 -44.13 -0.31
C GLU A 191 56.35 -43.86 0.99
N ASN A 192 55.59 -44.87 1.44
CA ASN A 192 54.78 -44.81 2.66
C ASN A 192 53.63 -43.82 2.53
N TRP A 193 53.22 -43.52 1.30
CA TRP A 193 52.16 -42.55 1.05
C TRP A 193 50.88 -42.88 1.82
N ILE A 194 50.48 -44.16 1.82
CA ILE A 194 49.29 -44.59 2.55
C ILE A 194 49.38 -44.18 4.02
N GLU A 195 50.53 -44.46 4.64
CA GLU A 195 50.74 -44.06 6.03
C GLU A 195 50.53 -42.56 6.21
N ASN A 196 51.06 -41.75 5.30
CA ASN A 196 50.89 -40.30 5.40
C ASN A 196 49.43 -39.90 5.26
N ILE A 197 48.71 -40.54 4.33
CA ILE A 197 47.27 -40.30 4.20
C ILE A 197 46.56 -40.56 5.52
N LEU A 198 46.80 -41.74 6.11
CA LEU A 198 46.16 -42.08 7.37
C LEU A 198 46.54 -41.08 8.47
N LYS A 199 47.81 -40.69 8.53
CA LYS A 199 48.25 -39.70 9.51
C LYS A 199 47.51 -38.38 9.34
N HIS A 200 47.27 -37.97 8.08
CA HIS A 200 46.57 -36.73 7.79
C HIS A 200 45.14 -36.97 7.32
N HIS A 201 44.52 -38.07 7.76
CA HIS A 201 43.16 -38.38 7.32
C HIS A 201 42.17 -37.31 7.79
N ASP A 202 42.38 -36.79 9.00
CA ASP A 202 41.52 -35.73 9.54
C ASP A 202 41.98 -34.34 9.13
N GLN A 203 42.48 -34.19 7.91
CA GLN A 203 42.95 -32.90 7.41
C GLN A 203 42.20 -32.60 6.12
N LEU A 204 41.57 -31.42 6.06
CA LEU A 204 40.93 -30.95 4.85
C LEU A 204 41.98 -30.54 3.83
N PHE A 205 41.81 -31.03 2.60
CA PHE A 205 42.66 -30.74 1.46
C PHE A 205 41.80 -30.18 0.33
N SER A 206 42.43 -29.85 -0.79
CA SER A 206 41.73 -29.33 -1.95
C SER A 206 42.25 -30.04 -3.20
N VAL A 207 41.34 -30.34 -4.12
CA VAL A 207 41.69 -31.04 -5.34
C VAL A 207 41.19 -30.24 -6.54
N GLU A 208 41.90 -30.41 -7.65
CA GLU A 208 41.54 -29.91 -8.97
C GLU A 208 41.28 -31.08 -9.90
N ILE A 209 40.43 -30.83 -10.89
CA ILE A 209 40.04 -31.82 -11.90
C ILE A 209 41.04 -31.77 -13.04
N THR A 210 41.49 -32.95 -13.50
CA THR A 210 42.42 -33.02 -14.61
C THR A 210 41.82 -33.71 -15.83
N ARG A 211 41.19 -34.87 -15.68
CA ARG A 211 40.48 -35.47 -16.79
C ARG A 211 39.49 -36.50 -16.28
N TRP A 212 38.43 -36.72 -17.05
CA TRP A 212 37.41 -37.72 -16.76
C TRP A 212 37.37 -38.69 -17.93
N SER A 213 38.01 -39.85 -17.78
CA SER A 213 37.96 -40.87 -18.81
C SER A 213 36.59 -41.54 -18.82
N ILE A 214 36.01 -41.68 -20.03
CA ILE A 214 34.71 -42.34 -20.16
C ILE A 214 34.75 -43.76 -19.66
N TYR A 215 35.95 -44.36 -19.56
CA TYR A 215 36.13 -45.70 -19.04
C TYR A 215 36.31 -45.73 -17.53
N SER A 216 35.84 -44.70 -16.83
CA SER A 216 35.97 -44.61 -15.38
C SER A 216 34.74 -43.89 -14.85
N ARG A 217 34.16 -44.42 -13.77
CA ARG A 217 32.96 -43.79 -13.21
C ARG A 217 33.28 -42.49 -12.50
N TYR A 218 34.54 -42.24 -12.19
CA TYR A 218 34.97 -41.01 -11.54
C TYR A 218 36.08 -40.34 -12.34
N PRO A 219 36.17 -39.01 -12.28
CA PRO A 219 37.26 -38.32 -12.96
C PRO A 219 38.55 -38.38 -12.15
N MET A 220 39.57 -37.66 -12.56
CA MET A 220 40.86 -37.69 -11.88
C MET A 220 41.21 -36.28 -11.44
N GLY A 221 42.24 -36.17 -10.61
CA GLY A 221 42.60 -34.85 -10.15
C GLY A 221 43.76 -34.73 -9.17
N VAL A 222 44.42 -33.58 -9.22
CA VAL A 222 45.60 -33.32 -8.40
C VAL A 222 45.18 -32.77 -7.05
N LEU A 223 45.77 -33.32 -5.98
CA LEU A 223 45.56 -32.79 -4.63
C LEU A 223 46.37 -31.52 -4.44
N GLY A 224 45.73 -30.47 -3.94
CA GLY A 224 46.41 -29.19 -3.75
C GLY A 224 47.01 -29.00 -2.37
N GLU A 225 46.72 -27.86 -1.75
CA GLU A 225 47.26 -27.50 -0.45
C GLU A 225 46.38 -28.06 0.67
N LYS A 226 47.03 -28.47 1.77
CA LYS A 226 46.30 -28.96 2.94
C LYS A 226 45.74 -27.78 3.73
N LEU A 227 44.42 -27.59 3.67
CA LEU A 227 43.81 -26.49 4.43
C LEU A 227 43.91 -26.72 5.93
N GLY A 228 43.87 -27.98 6.38
CA GLY A 228 44.19 -28.24 7.77
C GLY A 228 43.12 -28.95 8.59
N ASN A 229 43.24 -28.90 9.92
CA ASN A 229 42.40 -29.72 10.80
C ASN A 229 40.92 -29.48 10.54
N ILE A 230 40.19 -30.58 10.35
CA ILE A 230 38.74 -30.50 10.16
C ILE A 230 38.07 -29.94 11.41
N THR A 231 38.56 -30.33 12.59
CA THR A 231 37.98 -29.82 13.83
C THR A 231 38.38 -28.38 14.10
N ASP A 232 39.39 -27.86 13.41
CA ASP A 232 39.78 -26.47 13.53
C ASP A 232 38.75 -25.61 12.78
N VAL A 233 38.10 -24.71 13.51
CA VAL A 233 37.06 -23.87 12.91
C VAL A 233 37.65 -22.98 11.82
N GLU A 234 38.83 -22.42 12.07
CA GLU A 234 39.45 -21.51 11.10
C GLU A 234 39.86 -22.24 9.83
N ALA A 235 40.31 -23.49 9.94
CA ALA A 235 40.63 -24.26 8.74
C ALA A 235 39.38 -24.50 7.90
N TYR A 236 38.28 -24.89 8.55
CA TYR A 236 37.00 -25.00 7.85
C TYR A 236 36.61 -23.69 7.18
N THR A 237 36.86 -22.57 7.87
CA THR A 237 36.54 -21.26 7.33
C THR A 237 37.36 -20.99 6.06
N ASN A 238 38.66 -21.22 6.12
CA ASN A 238 39.51 -21.04 4.94
C ASN A 238 39.06 -21.94 3.80
N ALA A 239 38.65 -23.17 4.11
CA ALA A 239 38.13 -24.07 3.08
C ALA A 239 36.88 -23.50 2.43
N LEU A 240 35.96 -22.99 3.24
CA LEU A 240 34.75 -22.37 2.71
C LEU A 240 35.07 -21.17 1.83
N LEU A 241 36.02 -20.33 2.27
CA LEU A 241 36.48 -19.23 1.43
C LEU A 241 37.01 -19.74 0.10
N LEU A 242 37.78 -20.83 0.14
CA LEU A 242 38.33 -21.39 -1.10
C LEU A 242 37.21 -21.88 -2.02
N GLU A 243 36.14 -22.44 -1.44
CA GLU A 243 35.03 -22.94 -2.25
C GLU A 243 34.44 -21.84 -3.12
N ASN A 244 34.01 -20.74 -2.51
CA ASN A 244 33.40 -19.65 -3.25
C ASN A 244 34.41 -18.66 -3.80
N GLY A 245 35.70 -19.01 -3.78
CA GLY A 245 36.73 -18.17 -4.38
C GLY A 245 36.82 -16.77 -3.82
N ILE A 246 36.99 -16.65 -2.50
CA ILE A 246 37.14 -15.36 -1.84
C ILE A 246 38.58 -15.22 -1.39
N SER A 247 39.25 -14.17 -1.85
CA SER A 247 40.66 -13.97 -1.57
C SER A 247 40.89 -13.67 -0.09
N SER A 248 41.62 -14.54 0.59
CA SER A 248 42.00 -14.35 1.98
C SER A 248 43.47 -13.98 2.13
N SER A 249 44.20 -13.79 1.04
CA SER A 249 45.60 -13.42 1.07
C SER A 249 45.75 -11.95 1.42
N PRO A 250 46.85 -11.57 2.10
CA PRO A 250 47.08 -10.16 2.39
C PRO A 250 47.25 -9.34 1.12
N PHE A 251 47.08 -8.04 1.27
CA PHE A 251 47.12 -7.13 0.13
C PHE A 251 48.52 -7.08 -0.47
N SER A 252 48.58 -6.93 -1.80
CA SER A 252 49.84 -6.87 -2.50
C SER A 252 50.63 -5.63 -2.10
N ASP A 253 51.96 -5.74 -2.18
CA ASP A 253 52.83 -4.65 -1.76
C ASP A 253 52.65 -3.42 -2.64
N GLU A 254 52.28 -3.62 -3.91
CA GLU A 254 52.02 -2.47 -4.78
C GLU A 254 50.78 -1.72 -4.34
N VAL A 255 49.72 -2.45 -3.96
CA VAL A 255 48.52 -1.82 -3.43
C VAL A 255 48.86 -1.00 -2.19
N LEU A 256 49.75 -1.53 -1.33
CA LEU A 256 50.19 -0.77 -0.17
C LEU A 256 51.02 0.45 -0.58
N ASN A 257 51.76 0.36 -1.68
CA ASN A 257 52.47 1.53 -2.21
C ASN A 257 51.50 2.58 -2.71
N CYS A 258 50.31 2.17 -3.17
CA CYS A 258 49.30 3.13 -3.58
C CYS A 258 48.74 3.93 -2.40
N LEU A 259 48.92 3.44 -1.18
CA LEU A 259 48.33 4.09 -0.01
C LEU A 259 48.97 5.47 0.22
N PRO A 260 48.20 6.40 0.79
CA PRO A 260 48.78 7.69 1.19
C PRO A 260 49.50 7.53 2.52
N PRO A 261 50.31 8.53 2.92
CA PRO A 261 51.02 8.41 4.19
C PRO A 261 50.05 8.25 5.35
N ASP A 262 50.44 7.41 6.32
CA ASP A 262 49.57 7.14 7.46
C ASP A 262 49.34 8.39 8.30
N ASP A 263 50.30 9.30 8.32
CA ASP A 263 50.20 10.57 9.04
C ASP A 263 49.54 11.67 8.23
N TRP A 264 48.76 11.31 7.21
CA TRP A 264 48.07 12.30 6.40
C TRP A 264 47.20 13.20 7.26
N ILE A 265 47.28 14.51 7.01
CA ILE A 265 46.54 15.50 7.78
C ILE A 265 45.56 16.20 6.85
N ILE A 266 44.56 16.84 7.47
CA ILE A 266 43.52 17.54 6.72
C ILE A 266 44.07 18.86 6.17
N SER A 267 44.06 18.98 4.85
CA SER A 267 44.55 20.21 4.22
C SER A 267 43.56 21.35 4.42
N HIS A 268 44.09 22.53 4.76
CA HIS A 268 43.26 23.72 4.82
C HIS A 268 42.62 24.02 3.47
N GLU A 269 43.36 23.80 2.38
CA GLU A 269 42.78 23.96 1.05
C GLU A 269 41.56 23.08 0.88
N GLU A 270 41.67 21.81 1.27
CA GLU A 270 40.52 20.89 1.16
C GLU A 270 39.41 21.28 2.12
N ILE A 271 39.76 21.74 3.33
CA ILE A 271 38.73 22.16 4.28
C ILE A 271 37.95 23.34 3.76
N LYS A 272 38.58 24.21 2.97
CA LYS A 272 37.86 25.32 2.36
C LYS A 272 37.11 24.92 1.09
N LYS A 273 37.64 23.95 0.33
CA LYS A 273 36.97 23.50 -0.88
C LYS A 273 35.66 22.78 -0.59
N ARG A 274 35.52 22.21 0.60
CA ARG A 274 34.37 21.41 0.99
C ARG A 274 33.49 22.20 1.96
N ARG A 275 32.40 21.55 2.38
CA ARG A 275 31.49 22.15 3.36
C ARG A 275 31.96 21.75 4.76
N ASP A 276 32.20 22.75 5.61
CA ASP A 276 32.78 22.55 6.93
C ASP A 276 31.66 22.23 7.92
N LEU A 277 31.34 20.95 8.06
CA LEU A 277 30.32 20.50 9.01
C LEU A 277 30.93 19.96 10.30
N ARG A 278 32.19 20.30 10.58
CA ARG A 278 32.86 19.76 11.77
C ARG A 278 32.15 20.19 13.05
N ASN A 279 31.73 21.46 13.13
CA ASN A 279 31.06 21.96 14.32
C ASN A 279 29.66 21.39 14.51
N GLU A 280 29.12 20.70 13.51
CA GLU A 280 27.76 20.19 13.61
C GLU A 280 27.69 18.94 14.50
N LEU A 281 26.47 18.51 14.76
CA LEU A 281 26.20 17.34 15.60
C LEU A 281 25.99 16.15 14.68
N ILE A 282 26.97 15.25 14.65
CA ILE A 282 26.96 14.10 13.76
C ILE A 282 27.35 12.86 14.55
N ILE A 283 26.64 11.75 14.32
CA ILE A 283 26.84 10.51 15.05
C ILE A 283 26.83 9.35 14.07
N THR A 284 27.30 8.19 14.55
CA THR A 284 27.39 6.96 13.76
C THR A 284 26.75 5.83 14.56
N ILE A 285 25.50 5.50 14.24
CA ILE A 285 24.80 4.41 14.90
C ILE A 285 25.11 3.13 14.13
N ASP A 286 26.02 2.33 14.68
CA ASP A 286 26.49 1.07 14.11
C ASP A 286 26.61 0.07 15.24
N PRO A 287 26.60 -1.23 14.94
CA PRO A 287 26.61 -2.22 16.02
C PRO A 287 27.90 -2.17 16.82
N GLU A 288 27.89 -2.88 17.95
CA GLU A 288 29.03 -2.83 18.86
C GLU A 288 30.29 -3.37 18.21
N THR A 289 30.17 -4.42 17.41
CA THR A 289 31.33 -5.06 16.78
C THR A 289 31.62 -4.47 15.40
N ALA A 290 31.67 -3.14 15.31
CA ALA A 290 31.91 -2.45 14.07
C ALA A 290 33.28 -1.77 14.11
N ARG A 291 34.07 -1.95 13.06
CA ARG A 291 35.35 -1.28 12.92
C ARG A 291 35.44 -0.36 11.71
N ASP A 292 34.74 -0.67 10.62
CA ASP A 292 34.70 0.20 9.44
C ASP A 292 33.35 0.92 9.42
N LEU A 293 33.39 2.21 9.74
CA LEU A 293 32.19 3.03 9.80
C LEU A 293 32.04 3.83 8.52
N ASN A 294 30.90 3.67 7.85
CA ASN A 294 30.62 4.34 6.58
C ASN A 294 29.55 5.41 6.70
N ASP A 295 28.54 5.21 7.53
CA ASP A 295 27.37 6.07 7.60
C ASP A 295 27.50 7.07 8.75
N ALA A 296 26.92 8.24 8.54
CA ALA A 296 26.81 9.24 9.58
C ALA A 296 25.52 10.02 9.36
N VAL A 297 24.72 10.17 10.40
CA VAL A 297 23.42 10.83 10.29
C VAL A 297 23.47 12.14 11.08
N SER A 298 22.71 13.12 10.60
CA SER A 298 22.63 14.40 11.29
C SER A 298 21.26 15.02 11.05
N CYS A 299 20.84 15.86 12.00
CA CYS A 299 19.60 16.61 11.87
C CYS A 299 19.86 18.03 12.34
N ARG A 300 19.20 18.97 11.67
CA ARG A 300 19.40 20.40 11.89
C ARG A 300 18.03 21.05 12.08
N ALA A 301 17.77 21.57 13.28
CA ALA A 301 16.52 22.25 13.53
C ALA A 301 16.53 23.59 12.81
N LEU A 302 15.63 23.76 11.86
CA LEU A 302 15.50 25.02 11.13
C LEU A 302 14.59 25.97 11.90
N ASP A 303 14.67 27.25 11.53
CA ASP A 303 13.91 28.27 12.28
C ASP A 303 12.42 28.03 12.16
N ASN A 304 11.95 27.52 11.03
CA ASN A 304 10.54 27.19 10.86
C ASN A 304 10.26 25.82 11.47
N GLY A 305 9.18 25.19 11.05
CA GLY A 305 8.80 23.87 11.51
C GLY A 305 9.52 22.72 10.86
N THR A 306 10.48 22.98 9.97
CA THR A 306 11.15 21.94 9.21
C THR A 306 12.51 21.60 9.80
N TYR A 307 13.19 20.66 9.14
CA TYR A 307 14.50 20.17 9.56
C TYR A 307 15.36 19.95 8.33
N GLU A 308 16.67 20.10 8.51
CA GLU A 308 17.66 19.78 7.48
C GLU A 308 18.36 18.50 7.93
N VAL A 309 18.01 17.39 7.31
CA VAL A 309 18.56 16.08 7.67
C VAL A 309 19.67 15.75 6.68
N GLY A 310 20.77 15.22 7.18
CA GLY A 310 21.95 14.99 6.36
C GLY A 310 22.55 13.61 6.55
N VAL A 311 22.94 13.00 5.44
CA VAL A 311 23.62 11.72 5.42
C VAL A 311 25.03 11.94 4.90
N HIS A 312 26.02 11.40 5.62
CA HIS A 312 27.43 11.62 5.34
C HIS A 312 28.11 10.26 5.21
N ILE A 313 28.86 10.09 4.12
CA ILE A 313 29.40 8.81 3.71
C ILE A 313 30.88 8.99 3.39
N ALA A 314 31.72 8.17 4.00
CA ALA A 314 33.17 8.27 3.85
C ALA A 314 33.58 8.40 2.39
N ASP A 315 34.37 9.44 2.10
CA ASP A 315 34.78 9.75 0.73
C ASP A 315 35.97 8.88 0.36
N VAL A 316 35.67 7.63 0.02
CA VAL A 316 36.73 6.68 -0.31
C VAL A 316 37.38 7.03 -1.65
N THR A 317 36.59 7.51 -2.61
CA THR A 317 37.14 7.87 -3.92
C THR A 317 38.17 8.98 -3.83
N HIS A 318 38.19 9.75 -2.74
CA HIS A 318 39.26 10.71 -2.54
C HIS A 318 40.60 10.02 -2.29
N PHE A 319 40.57 8.75 -1.89
CA PHE A 319 41.77 7.96 -1.68
C PHE A 319 41.99 6.91 -2.75
N VAL A 320 40.92 6.24 -3.19
CA VAL A 320 41.00 5.23 -4.23
C VAL A 320 40.75 5.91 -5.57
N LYS A 321 41.76 5.91 -6.43
CA LYS A 321 41.75 6.56 -7.72
C LYS A 321 41.51 5.53 -8.82
N PRO A 322 40.90 5.94 -9.93
CA PRO A 322 40.55 4.96 -10.97
C PRO A 322 41.76 4.25 -11.56
N ASP A 323 41.58 2.97 -11.87
CA ASP A 323 42.56 2.11 -12.54
C ASP A 323 43.84 1.91 -11.74
N SER A 324 43.93 2.42 -10.51
CA SER A 324 45.08 2.15 -9.68
C SER A 324 45.04 0.71 -9.19
N ALA A 325 46.22 0.20 -8.78
CA ALA A 325 46.30 -1.16 -8.28
C ALA A 325 45.37 -1.37 -7.09
N LEU A 326 45.26 -0.36 -6.23
CA LEU A 326 44.29 -0.39 -5.15
C LEU A 326 42.87 -0.51 -5.70
N ASP A 327 42.56 0.30 -6.72
CA ASP A 327 41.25 0.23 -7.37
C ASP A 327 41.01 -1.14 -7.98
N LYS A 328 42.05 -1.72 -8.60
CA LYS A 328 41.89 -3.03 -9.23
C LYS A 328 41.62 -4.11 -8.20
N GLU A 329 42.36 -4.09 -7.09
CA GLU A 329 42.10 -5.09 -6.04
C GLU A 329 40.73 -4.89 -5.42
N ALA A 330 40.30 -3.64 -5.28
CA ALA A 330 38.96 -3.37 -4.75
C ALA A 330 37.88 -3.92 -5.67
N ALA A 331 38.04 -3.71 -6.99
CA ALA A 331 37.08 -4.27 -7.94
C ALA A 331 37.14 -5.78 -7.97
N SER A 332 38.32 -6.36 -7.72
CA SER A 332 38.44 -7.82 -7.68
C SER A 332 37.68 -8.40 -6.49
N ARG A 333 37.89 -7.83 -5.30
CA ARG A 333 37.18 -8.33 -4.12
C ARG A 333 35.73 -7.92 -4.12
N ALA A 334 35.40 -6.79 -4.75
CA ALA A 334 34.04 -6.33 -4.97
C ALA A 334 33.30 -5.96 -3.69
N THR A 335 33.41 -6.79 -2.65
CA THR A 335 32.72 -6.50 -1.40
C THR A 335 33.50 -7.08 -0.23
N THR A 336 33.27 -6.49 0.95
CA THR A 336 33.82 -7.01 2.19
C THR A 336 32.98 -8.20 2.66
N VAL A 337 33.64 -9.33 2.88
CA VAL A 337 32.96 -10.53 3.33
C VAL A 337 33.01 -10.59 4.86
N TYR A 338 31.84 -10.71 5.47
CA TYR A 338 31.72 -10.69 6.93
C TYR A 338 31.40 -12.10 7.43
N LEU A 339 32.32 -12.66 8.21
CA LEU A 339 32.15 -13.96 8.84
C LEU A 339 31.85 -13.78 10.32
N VAL A 340 31.57 -14.89 10.99
CA VAL A 340 31.18 -14.83 12.39
C VAL A 340 32.35 -14.39 13.26
N GLN A 341 33.53 -14.98 13.03
CA GLN A 341 34.68 -14.71 13.88
C GLN A 341 35.67 -13.71 13.29
N LYS A 342 35.59 -13.42 11.99
CA LYS A 342 36.51 -12.47 11.36
C LYS A 342 35.83 -11.91 10.12
N ALA A 343 36.59 -11.10 9.37
CA ALA A 343 36.05 -10.46 8.18
C ALA A 343 37.17 -10.26 7.16
N ILE A 344 36.87 -10.55 5.89
CA ILE A 344 37.79 -10.32 4.79
C ILE A 344 37.50 -8.94 4.21
N PRO A 345 38.39 -7.97 4.37
CA PRO A 345 38.09 -6.61 3.88
C PRO A 345 38.27 -6.48 2.38
N MET A 346 37.55 -5.51 1.81
CA MET A 346 37.74 -5.18 0.41
C MET A 346 38.94 -4.24 0.24
N LEU A 347 39.16 -3.35 1.19
CA LEU A 347 40.22 -2.37 1.15
C LEU A 347 41.23 -2.62 2.27
N PRO A 348 42.47 -2.14 2.11
CA PRO A 348 43.47 -2.36 3.14
C PRO A 348 43.07 -1.72 4.45
N PRO A 349 43.51 -2.28 5.58
CA PRO A 349 43.04 -1.78 6.88
C PRO A 349 43.40 -0.33 7.15
N LEU A 350 44.50 0.19 6.58
CA LEU A 350 44.85 1.58 6.80
C LEU A 350 43.73 2.52 6.35
N LEU A 351 43.14 2.25 5.19
CA LEU A 351 42.00 3.03 4.74
C LEU A 351 40.71 2.57 5.41
N CYS A 352 40.53 1.25 5.54
CA CYS A 352 39.26 0.70 6.00
C CYS A 352 39.03 0.91 7.50
N GLU A 353 40.09 1.07 8.28
CA GLU A 353 39.96 1.21 9.73
C GLU A 353 40.47 2.53 10.29
N ARG A 354 41.16 3.35 9.51
CA ARG A 354 41.76 4.55 10.07
C ARG A 354 41.36 5.81 9.30
N LEU A 355 41.81 5.95 8.07
CA LEU A 355 41.67 7.23 7.37
C LEU A 355 40.24 7.47 6.93
N CYS A 356 39.59 6.46 6.34
CA CYS A 356 38.24 6.65 5.82
C CYS A 356 37.15 6.37 6.83
N SER A 357 37.36 5.44 7.77
CA SER A 357 36.34 5.11 8.74
C SER A 357 35.95 6.34 9.56
N LEU A 358 34.65 6.55 9.72
CA LEU A 358 34.13 7.73 10.40
C LEU A 358 34.15 7.53 11.93
N ASN A 359 35.37 7.41 12.45
CA ASN A 359 35.57 7.28 13.88
C ASN A 359 35.23 8.59 14.58
N PRO A 360 34.89 8.54 15.86
CA PRO A 360 34.51 9.77 16.57
C PRO A 360 35.68 10.66 16.93
N ASN A 361 35.38 11.96 16.98
CA ASN A 361 36.34 13.00 17.36
C ASN A 361 37.56 13.02 16.44
N VAL A 362 37.34 12.74 15.15
CA VAL A 362 38.37 12.82 14.13
C VAL A 362 37.77 13.53 12.92
N GLU A 363 38.52 14.48 12.36
CA GLU A 363 38.08 15.15 11.15
C GLU A 363 38.22 14.20 9.96
N ARG A 364 37.21 14.21 9.09
CA ARG A 364 37.11 13.22 8.01
C ARG A 364 36.50 13.85 6.78
N LEU A 365 36.98 13.44 5.62
CA LEU A 365 36.47 13.88 4.33
C LEU A 365 35.37 12.92 3.89
N ALA A 366 34.19 13.45 3.59
CA ALA A 366 33.05 12.60 3.29
C ALA A 366 32.09 13.30 2.35
N PHE A 367 31.46 12.52 1.47
CA PHE A 367 30.39 13.05 0.64
C PHE A 367 29.12 13.17 1.46
N SER A 368 28.32 14.19 1.20
CA SER A 368 27.15 14.43 2.02
C SER A 368 25.97 14.84 1.15
N VAL A 369 24.79 14.40 1.58
CA VAL A 369 23.51 14.72 0.94
C VAL A 369 22.56 15.23 2.02
N PHE A 370 21.93 16.37 1.77
CA PHE A 370 21.04 17.02 2.71
C PHE A 370 19.65 17.17 2.10
N TRP A 371 18.63 16.99 2.93
CA TRP A 371 17.24 17.18 2.55
C TRP A 371 16.58 18.09 3.58
N LYS A 372 15.53 18.78 3.16
CA LYS A 372 14.70 19.58 4.06
C LYS A 372 13.34 18.92 4.18
N LEU A 373 13.05 18.39 5.37
CA LEU A 373 11.89 17.56 5.62
C LEU A 373 11.04 18.17 6.74
N ASP A 374 9.74 17.88 6.71
CA ASP A 374 8.82 18.35 7.74
C ASP A 374 8.70 17.30 8.84
N SER A 375 7.70 17.47 9.71
CA SER A 375 7.48 16.50 10.78
C SER A 375 7.01 15.15 10.24
N ASN A 376 6.36 15.14 9.09
CA ASN A 376 5.95 13.89 8.46
C ASN A 376 7.07 13.28 7.61
N GLY A 377 8.08 14.07 7.26
CA GLY A 377 9.19 13.57 6.48
C GLY A 377 9.15 13.91 5.00
N LYS A 378 8.12 14.63 4.55
CA LYS A 378 8.04 15.01 3.15
C LYS A 378 9.13 16.02 2.81
N GLU A 379 9.81 15.78 1.69
CA GLU A 379 10.89 16.65 1.21
C GLU A 379 10.30 18.00 0.79
N ILE A 380 10.50 19.01 1.63
CA ILE A 380 10.00 20.36 1.34
C ILE A 380 11.00 21.18 0.55
N GLY A 381 12.26 21.23 1.01
CA GLY A 381 13.27 22.06 0.38
C GLY A 381 14.21 21.30 -0.53
N LYS A 382 14.98 22.08 -1.31
CA LYS A 382 15.90 21.52 -2.27
C LYS A 382 16.96 20.68 -1.57
N ARG A 383 17.36 19.59 -2.22
CA ARG A 383 18.44 18.76 -1.72
C ARG A 383 19.77 19.49 -1.88
N TRP A 384 20.79 18.96 -1.23
CA TRP A 384 22.14 19.49 -1.38
C TRP A 384 23.09 18.31 -1.47
N PHE A 385 23.99 18.34 -2.44
CA PHE A 385 24.98 17.29 -2.63
C PHE A 385 26.35 17.94 -2.61
N GLY A 386 27.33 17.29 -2.01
CA GLY A 386 28.65 17.89 -2.07
C GLY A 386 29.65 17.26 -1.15
N LYS A 387 30.91 17.61 -1.38
CA LYS A 387 32.02 17.13 -0.58
C LYS A 387 32.10 17.97 0.69
N THR A 388 32.25 17.30 1.83
CA THR A 388 32.25 17.97 3.12
C THR A 388 33.39 17.42 3.97
N VAL A 389 33.66 18.13 5.06
CA VAL A 389 34.59 17.68 6.09
C VAL A 389 33.84 17.74 7.41
N ILE A 390 33.77 16.61 8.11
CA ILE A 390 32.94 16.48 9.31
C ILE A 390 33.77 15.87 10.42
N LYS A 391 33.38 16.16 11.66
CA LYS A 391 33.97 15.52 12.83
C LYS A 391 32.80 15.02 13.67
N THR A 392 32.59 13.70 13.67
CA THR A 392 31.43 13.12 14.32
C THR A 392 31.45 13.39 15.82
N CYS A 393 30.29 13.77 16.36
CA CYS A 393 30.20 14.12 17.76
C CYS A 393 30.32 12.91 18.67
N ALA A 394 29.82 11.75 18.24
CA ALA A 394 29.88 10.54 19.06
C ALA A 394 29.60 9.33 18.20
N ARG A 395 30.07 8.18 18.67
CA ARG A 395 29.76 6.90 18.06
C ARG A 395 28.79 6.15 18.97
N LEU A 396 27.77 5.53 18.39
CA LEU A 396 26.71 4.89 19.15
C LEU A 396 26.48 3.48 18.67
N ALA A 397 26.07 2.63 19.60
CA ALA A 397 25.63 1.27 19.27
C ALA A 397 24.11 1.27 19.11
N TYR A 398 23.62 0.32 18.31
CA TYR A 398 22.18 0.25 18.06
C TYR A 398 21.40 0.05 19.36
N SER A 399 21.94 -0.77 20.28
CA SER A 399 21.27 -0.98 21.55
C SER A 399 21.19 0.32 22.36
N GLU A 400 22.29 1.07 22.42
CA GLU A 400 22.28 2.34 23.14
C GLU A 400 21.36 3.35 22.47
N ALA A 401 21.34 3.37 21.13
CA ALA A 401 20.42 4.24 20.42
C ALA A 401 18.97 3.90 20.76
N GLN A 402 18.63 2.62 20.79
CA GLN A 402 17.30 2.19 21.20
C GLN A 402 17.00 2.65 22.63
N GLY A 403 17.95 2.46 23.53
CA GLY A 403 17.78 2.95 24.89
C GLY A 403 17.48 4.43 24.95
N VAL A 404 18.14 5.22 24.11
CA VAL A 404 17.83 6.64 24.02
C VAL A 404 16.40 6.85 23.53
N ILE A 405 16.01 6.10 22.48
CA ILE A 405 14.67 6.25 21.92
C ILE A 405 13.60 5.89 22.96
N GLU A 406 13.88 4.89 23.80
CA GLU A 406 12.92 4.47 24.80
C GLU A 406 12.72 5.49 25.92
N GLY A 407 13.47 6.60 25.94
CA GLY A 407 13.28 7.63 26.93
C GLY A 407 14.28 7.65 28.05
N LYS A 408 15.29 6.77 28.03
CA LYS A 408 16.29 6.76 29.09
C LYS A 408 17.24 7.95 28.93
N SER A 409 18.03 8.19 29.97
CA SER A 409 19.00 9.27 29.96
C SER A 409 20.28 8.78 29.32
N TRP A 410 21.03 9.72 28.73
CA TRP A 410 22.24 9.36 27.99
C TRP A 410 23.20 8.54 28.82
N ASP A 411 23.36 8.89 30.10
CA ASP A 411 24.24 8.14 30.98
C ASP A 411 23.71 6.74 31.27
N ASP A 412 22.40 6.53 31.17
CA ASP A 412 21.82 5.22 31.43
C ASP A 412 21.93 4.26 30.26
N ALA A 413 22.09 4.77 29.04
CA ALA A 413 22.12 3.95 27.83
C ALA A 413 23.49 3.99 27.16
N VAL A 414 23.88 5.14 26.60
CA VAL A 414 25.13 5.26 25.86
C VAL A 414 26.31 5.29 26.82
N GLY A 415 26.39 6.34 27.62
CA GLY A 415 27.51 6.48 28.54
C GLY A 415 28.83 6.80 27.84
N LYS A 416 28.81 7.68 26.85
CA LYS A 416 29.99 8.08 26.12
C LYS A 416 30.21 9.58 26.21
N PRO A 417 31.45 10.03 26.12
CA PRO A 417 31.70 11.48 26.06
C PRO A 417 31.37 12.02 24.68
N ILE A 418 30.81 13.22 24.64
CA ILE A 418 30.40 13.86 23.40
C ILE A 418 31.29 15.08 23.19
N GLY A 419 32.33 14.89 22.38
CA GLY A 419 33.24 15.99 22.08
C GLY A 419 32.52 17.14 21.40
N GLY A 420 32.87 18.36 21.82
CA GLY A 420 32.31 19.56 21.25
C GLY A 420 31.26 20.21 22.14
N THR A 421 30.78 21.37 21.66
CA THR A 421 29.76 22.12 22.39
C THR A 421 28.45 21.37 22.54
N HIS A 422 28.26 20.29 21.78
CA HIS A 422 27.00 19.55 21.80
C HIS A 422 26.70 19.00 23.18
N THR A 423 25.58 19.45 23.74
CA THR A 423 25.13 18.99 25.05
C THR A 423 24.48 17.62 24.94
N PRO A 424 24.42 16.87 26.04
CA PRO A 424 23.76 15.55 25.98
C PRO A 424 22.31 15.62 25.51
N LYS A 425 21.55 16.60 25.99
CA LYS A 425 20.15 16.69 25.62
C LYS A 425 20.00 17.13 24.16
N ASP A 426 20.97 17.89 23.63
CA ASP A 426 20.97 18.19 22.20
C ASP A 426 20.98 16.91 21.38
N VAL A 427 21.89 15.98 21.71
CA VAL A 427 21.98 14.73 20.97
C VAL A 427 20.75 13.87 21.21
N GLU A 428 20.21 13.89 22.44
CA GLU A 428 18.98 13.15 22.71
C GLU A 428 17.83 13.65 21.83
N THR A 429 17.65 14.97 21.77
CA THR A 429 16.62 15.55 20.92
C THR A 429 16.84 15.19 19.46
N SER A 430 18.09 15.24 19.00
CA SER A 430 18.39 14.88 17.62
C SER A 430 18.02 13.43 17.33
N ILE A 431 18.36 12.53 18.26
CA ILE A 431 18.05 11.11 18.08
C ILE A 431 16.54 10.90 17.99
N LEU A 432 15.78 11.54 18.90
CA LEU A 432 14.34 11.34 18.89
C LEU A 432 13.69 11.95 17.64
N THR A 433 14.17 13.12 17.20
CA THR A 433 13.68 13.71 15.96
C THR A 433 13.91 12.78 14.77
N LEU A 434 15.14 12.29 14.62
CA LEU A 434 15.45 11.39 13.52
C LEU A 434 14.63 10.11 13.61
N CYS A 435 14.38 9.61 14.83
CA CYS A 435 13.58 8.41 14.98
C CYS A 435 12.15 8.63 14.52
N GLU A 436 11.54 9.74 14.92
CA GLU A 436 10.17 10.02 14.48
C GLU A 436 10.10 10.18 12.96
N ILE A 437 11.05 10.93 12.39
CA ILE A 437 11.07 11.09 10.93
C ILE A 437 11.22 9.74 10.24
N SER A 438 12.09 8.87 10.77
CA SER A 438 12.31 7.56 10.16
C SER A 438 11.07 6.68 10.27
N ARG A 439 10.37 6.73 11.40
CA ARG A 439 9.13 5.98 11.53
C ARG A 439 8.11 6.43 10.47
N LYS A 440 7.98 7.75 10.32
CA LYS A 440 7.04 8.26 9.32
C LYS A 440 7.44 7.83 7.91
N LEU A 441 8.73 7.93 7.58
CA LEU A 441 9.18 7.55 6.24
C LEU A 441 9.01 6.05 6.00
N ARG A 442 9.21 5.22 7.03
CA ARG A 442 9.01 3.79 6.85
C ARG A 442 7.54 3.46 6.63
N LYS A 443 6.65 4.10 7.40
CA LYS A 443 5.21 3.93 7.18
C LYS A 443 4.84 4.34 5.76
N ASP A 444 5.38 5.46 5.28
CA ASP A 444 5.07 5.90 3.92
C ASP A 444 5.61 4.93 2.88
N ARG A 445 6.85 4.46 3.06
CA ARG A 445 7.46 3.54 2.12
C ARG A 445 6.63 2.27 1.99
N PHE A 446 6.21 1.70 3.13
CA PHE A 446 5.39 0.49 3.04
C PHE A 446 4.02 0.79 2.47
N ALA A 447 3.45 1.95 2.81
CA ALA A 447 2.16 2.34 2.25
C ALA A 447 2.25 2.60 0.74
N LYS A 448 3.42 3.00 0.24
CA LYS A 448 3.57 3.27 -1.18
C LYS A 448 3.58 2.00 -2.02
N GLY A 449 3.88 0.84 -1.43
CA GLY A 449 3.86 -0.40 -2.16
C GLY A 449 5.03 -1.30 -1.82
N ALA A 450 5.85 -0.89 -0.86
CA ALA A 450 7.00 -1.66 -0.46
C ALA A 450 6.57 -2.94 0.26
N VAL A 451 7.53 -3.82 0.49
CA VAL A 451 7.31 -5.12 1.11
C VAL A 451 8.12 -5.18 2.39
N GLU A 452 7.51 -5.70 3.45
CA GLU A 452 8.15 -5.79 4.77
C GLU A 452 8.48 -7.25 5.04
N ILE A 453 9.77 -7.57 4.98
CA ILE A 453 10.30 -8.89 5.31
C ILE A 453 11.37 -8.70 6.36
N ASN A 454 11.29 -9.48 7.44
CA ASN A 454 12.19 -9.33 8.57
C ASN A 454 13.44 -10.18 8.46
N SER A 455 13.36 -11.30 7.74
CA SER A 455 14.46 -12.24 7.53
C SER A 455 14.99 -12.82 8.83
N THR A 456 15.92 -13.77 8.73
CA THR A 456 16.51 -14.44 9.88
C THR A 456 18.03 -14.38 9.79
N GLU A 457 18.68 -14.22 10.93
CA GLU A 457 20.13 -14.23 11.00
C GLU A 457 20.53 -14.68 12.40
N LEU A 458 21.60 -15.47 12.49
CA LEU A 458 22.02 -16.07 13.75
C LEU A 458 23.18 -15.28 14.30
N LYS A 459 22.93 -14.51 15.36
CA LYS A 459 23.96 -13.76 16.06
C LYS A 459 24.56 -14.64 17.14
N PHE A 460 25.89 -14.75 17.13
CA PHE A 460 26.63 -15.53 18.11
C PHE A 460 27.43 -14.62 19.02
N GLN A 461 27.46 -14.96 20.30
CA GLN A 461 28.44 -14.44 21.24
C GLN A 461 29.49 -15.49 21.51
N LEU A 462 30.76 -15.12 21.38
CA LEU A 462 31.88 -16.02 21.46
C LEU A 462 32.64 -15.81 22.76
N ASP A 463 33.36 -16.85 23.17
CA ASP A 463 34.22 -16.76 24.35
C ASP A 463 35.59 -16.23 23.92
N GLU A 464 36.55 -16.27 24.85
CA GLU A 464 37.90 -15.81 24.50
C GLU A 464 38.57 -16.74 23.50
N TYR A 465 38.21 -18.03 23.52
CA TYR A 465 38.78 -19.00 22.59
C TYR A 465 38.08 -19.03 21.24
N GLY A 466 37.01 -18.25 21.06
CA GLY A 466 36.26 -18.26 19.83
C GLY A 466 35.16 -19.30 19.73
N MET A 467 35.03 -20.18 20.72
CA MET A 467 33.96 -21.16 20.70
C MET A 467 32.62 -20.50 21.02
N PRO A 468 31.56 -20.85 20.29
CA PRO A 468 30.26 -20.19 20.52
C PRO A 468 29.71 -20.49 21.91
N ASN A 469 29.51 -19.42 22.69
CA ASN A 469 28.85 -19.54 23.98
C ASN A 469 27.39 -19.14 23.94
N LYS A 470 26.97 -18.32 22.96
CA LYS A 470 25.58 -17.93 22.86
C LYS A 470 25.17 -17.85 21.39
N CYS A 471 23.94 -18.29 21.09
CA CYS A 471 23.39 -18.27 19.74
C CYS A 471 21.95 -17.80 19.83
N GLU A 472 21.60 -16.79 19.04
CA GLU A 472 20.27 -16.19 19.16
C GLU A 472 19.83 -15.60 17.82
N VAL A 473 18.53 -15.45 17.67
CA VAL A 473 17.98 -14.78 16.50
C VAL A 473 18.07 -13.27 16.73
N TYR A 474 18.23 -12.54 15.64
CA TYR A 474 18.44 -11.09 15.69
C TYR A 474 17.14 -10.36 15.37
N GLU A 475 16.73 -9.47 16.27
CA GLU A 475 15.60 -8.60 16.06
C GLU A 475 16.09 -7.19 15.77
N GLN A 476 15.46 -6.52 14.81
CA GLN A 476 15.84 -5.17 14.43
C GLN A 476 15.01 -4.18 15.22
N THR A 477 15.66 -3.41 16.08
CA THR A 477 14.98 -2.40 16.88
C THR A 477 14.75 -1.14 16.06
N ASP A 478 14.08 -0.16 16.68
CA ASP A 478 13.71 1.05 15.96
C ASP A 478 14.92 1.83 15.46
N ALA A 479 16.07 1.72 16.15
CA ALA A 479 17.28 2.39 15.69
C ALA A 479 17.78 1.78 14.39
N ASN A 480 17.67 0.45 14.24
CA ASN A 480 18.02 -0.20 12.98
C ASN A 480 17.25 0.40 11.82
N HIS A 481 15.92 0.48 11.95
CA HIS A 481 15.10 1.07 10.90
C HIS A 481 15.35 2.57 10.76
N LEU A 482 15.73 3.24 11.85
CA LEU A 482 16.12 4.63 11.78
C LEU A 482 17.25 4.83 10.79
N ILE A 483 18.37 4.12 11.01
CA ILE A 483 19.50 4.21 10.09
C ILE A 483 19.09 3.71 8.69
N GLU A 484 18.29 2.65 8.64
CA GLU A 484 17.89 2.04 7.37
C GLU A 484 17.16 3.02 6.47
N GLU A 485 16.14 3.71 7.00
CA GLU A 485 15.33 4.59 6.18
C GLU A 485 16.17 5.72 5.58
N PHE A 486 17.05 6.32 6.37
CA PHE A 486 17.85 7.43 5.85
C PHE A 486 18.91 6.95 4.87
N MET A 487 19.48 5.76 5.09
CA MET A 487 20.39 5.20 4.09
C MET A 487 19.66 4.92 2.79
N LEU A 488 18.42 4.42 2.87
CA LEU A 488 17.61 4.20 1.68
C LEU A 488 17.31 5.52 0.96
N LEU A 489 16.98 6.55 1.73
CA LEU A 489 16.72 7.86 1.14
C LEU A 489 17.95 8.38 0.40
N ALA A 490 19.13 8.28 1.03
CA ALA A 490 20.36 8.71 0.39
C ALA A 490 20.61 7.92 -0.90
N ASN A 491 20.47 6.59 -0.83
CA ASN A 491 20.69 5.75 -2.00
C ASN A 491 19.75 6.15 -3.14
N ARG A 492 18.47 6.33 -2.83
CA ARG A 492 17.49 6.68 -3.85
C ARG A 492 17.78 8.04 -4.46
N SER A 493 18.10 9.03 -3.64
CA SER A 493 18.39 10.36 -4.16
C SER A 493 19.62 10.36 -5.07
N VAL A 494 20.69 9.69 -4.63
CA VAL A 494 21.89 9.60 -5.46
C VAL A 494 21.58 8.88 -6.76
N ALA A 495 20.78 7.81 -6.70
CA ALA A 495 20.41 7.09 -7.91
C ALA A 495 19.67 7.98 -8.88
N GLU A 496 18.67 8.72 -8.39
CA GLU A 496 17.92 9.62 -9.26
C GLU A 496 18.84 10.64 -9.91
N HIS A 497 19.72 11.26 -9.12
CA HIS A 497 20.60 12.29 -9.67
C HIS A 497 21.52 11.72 -10.74
N ILE A 498 22.25 10.65 -10.41
CA ILE A 498 23.23 10.11 -11.35
C ILE A 498 22.57 9.46 -12.55
N SER A 499 21.31 9.02 -12.43
CA SER A 499 20.59 8.48 -13.58
C SER A 499 20.10 9.60 -14.49
N LYS A 500 19.65 10.73 -13.90
CA LYS A 500 19.27 11.87 -14.71
C LYS A 500 20.47 12.41 -15.49
N ASN A 501 21.62 12.54 -14.83
CA ASN A 501 22.78 13.14 -15.50
C ASN A 501 23.41 12.18 -16.49
N PHE A 502 23.85 11.01 -16.03
CA PHE A 502 24.51 10.03 -16.90
C PHE A 502 23.55 8.86 -17.17
N SER A 503 22.54 9.14 -18.00
CA SER A 503 21.54 8.13 -18.35
C SER A 503 22.11 6.95 -19.12
N ASN A 504 23.36 7.03 -19.59
CA ASN A 504 23.97 5.94 -20.34
C ASN A 504 25.01 5.15 -19.57
N ASN A 505 25.72 5.79 -18.64
CA ASN A 505 26.80 5.14 -17.88
C ASN A 505 26.54 5.30 -16.38
N SER A 506 25.39 4.78 -15.92
CA SER A 506 25.02 4.85 -14.52
C SER A 506 24.86 3.45 -13.97
N LEU A 507 25.45 3.20 -12.80
CA LEU A 507 25.37 1.92 -12.12
C LEU A 507 24.31 2.01 -11.03
N LEU A 508 23.17 1.38 -11.26
CA LEU A 508 22.08 1.36 -10.28
C LEU A 508 21.77 -0.09 -9.92
N ARG A 509 20.83 -0.27 -9.01
CA ARG A 509 20.37 -1.61 -8.66
C ARG A 509 18.88 -1.75 -8.96
N ARG A 510 18.48 -2.96 -9.35
CA ARG A 510 17.13 -3.24 -9.77
C ARG A 510 16.65 -4.53 -9.13
N HIS A 511 15.33 -4.67 -9.04
CA HIS A 511 14.71 -5.88 -8.53
C HIS A 511 13.40 -6.05 -9.29
N ALA A 512 13.39 -6.98 -10.24
CA ALA A 512 12.22 -7.17 -11.09
C ALA A 512 11.11 -7.86 -10.31
N SER A 513 9.93 -7.93 -10.93
CA SER A 513 8.80 -8.59 -10.30
C SER A 513 9.15 -10.04 -10.00
N PRO A 514 8.53 -10.63 -8.97
CA PRO A 514 8.91 -11.99 -8.59
C PRO A 514 8.61 -12.97 -9.71
N LYS A 515 9.30 -14.11 -9.68
CA LYS A 515 9.08 -15.13 -10.68
C LYS A 515 7.73 -15.80 -10.44
N GLU A 516 6.97 -15.97 -11.53
CA GLU A 516 5.62 -16.52 -11.45
C GLU A 516 5.61 -17.93 -10.86
N LYS A 517 6.70 -18.69 -11.06
CA LYS A 517 6.69 -20.09 -10.64
C LYS A 517 6.76 -20.22 -9.12
N GLN A 518 7.74 -19.58 -8.49
CA GLN A 518 7.85 -19.60 -7.04
C GLN A 518 6.60 -19.04 -6.38
N ILE A 519 6.04 -17.96 -6.93
CA ILE A 519 4.87 -17.35 -6.31
C ILE A 519 3.65 -18.25 -6.47
N ASN A 520 3.53 -18.96 -7.60
CA ASN A 520 2.44 -19.92 -7.73
C ASN A 520 2.58 -21.07 -6.73
N GLU A 521 3.81 -21.55 -6.52
CA GLU A 521 4.00 -22.61 -5.53
C GLU A 521 3.65 -22.13 -4.12
N PHE A 522 4.11 -20.94 -3.75
CA PHE A 522 3.78 -20.40 -2.43
C PHE A 522 2.29 -20.16 -2.27
N CYS A 523 1.63 -19.65 -3.32
CA CYS A 523 0.19 -19.45 -3.27
C CYS A 523 -0.55 -20.77 -3.11
N HIS A 524 -0.06 -21.83 -3.76
CA HIS A 524 -0.71 -23.14 -3.58
C HIS A 524 -0.45 -23.68 -2.18
N PHE A 525 0.71 -23.39 -1.61
CA PHE A 525 0.97 -23.76 -0.21
C PHE A 525 -0.02 -23.07 0.73
N LEU A 526 -0.28 -21.79 0.50
CA LEU A 526 -1.26 -21.08 1.30
C LEU A 526 -2.67 -21.58 1.04
N LYS A 527 -2.96 -21.97 -0.20
CA LYS A 527 -4.22 -22.63 -0.52
C LYS A 527 -4.39 -23.92 0.28
N SER A 528 -3.29 -24.67 0.43
CA SER A 528 -3.31 -25.83 1.32
C SER A 528 -3.61 -25.41 2.75
N MET A 529 -3.05 -24.29 3.19
CA MET A 529 -3.40 -23.72 4.49
C MET A 529 -4.62 -22.81 4.43
N ASN A 530 -5.39 -22.85 3.35
CA ASN A 530 -6.63 -22.07 3.20
C ASN A 530 -6.39 -20.57 3.32
N PHE A 531 -5.40 -20.08 2.56
CA PHE A 531 -5.10 -18.66 2.54
C PHE A 531 -4.75 -18.26 1.11
N ASP A 532 -5.07 -17.01 0.78
CA ASP A 532 -4.83 -16.49 -0.56
C ASP A 532 -3.84 -15.32 -0.50
N PHE A 533 -2.92 -15.29 -1.45
CA PHE A 533 -1.91 -14.25 -1.57
C PHE A 533 -2.07 -13.58 -2.92
N ASP A 534 -2.31 -12.27 -2.90
CA ASP A 534 -2.46 -11.50 -4.14
C ASP A 534 -1.08 -11.02 -4.56
N ALA A 535 -0.51 -11.68 -5.56
CA ALA A 535 0.75 -11.25 -6.15
C ALA A 535 0.54 -10.29 -7.30
N SER A 536 -0.70 -9.79 -7.47
CA SER A 536 -0.97 -8.82 -8.52
C SER A 536 -0.10 -7.58 -8.39
N SER A 537 0.31 -7.25 -7.16
CA SER A 537 1.19 -6.12 -6.93
C SER A 537 2.02 -6.37 -5.68
N SER A 538 3.12 -5.63 -5.57
CA SER A 538 3.91 -5.65 -4.34
C SER A 538 3.08 -5.20 -3.15
N ALA A 539 2.24 -4.18 -3.36
CA ALA A 539 1.36 -3.71 -2.28
C ALA A 539 0.37 -4.78 -1.87
N ALA A 540 -0.25 -5.45 -2.84
CA ALA A 540 -1.15 -6.55 -2.50
C ALA A 540 -0.41 -7.68 -1.83
N PHE A 541 0.85 -7.93 -2.23
CA PHE A 541 1.66 -8.93 -1.56
C PHE A 541 1.86 -8.60 -0.09
N ASN A 542 2.24 -7.35 0.20
CA ASN A 542 2.45 -6.94 1.58
C ASN A 542 1.15 -6.95 2.37
N ALA A 543 0.03 -6.62 1.73
CA ALA A 543 -1.26 -6.67 2.41
C ALA A 543 -1.62 -8.10 2.76
N SER A 544 -1.41 -9.03 1.84
CA SER A 544 -1.64 -10.45 2.13
C SER A 544 -0.73 -10.91 3.25
N MET A 545 0.52 -10.45 3.27
CA MET A 545 1.42 -10.77 4.37
C MET A 545 0.87 -10.28 5.70
N VAL A 546 0.33 -9.05 5.73
CA VAL A 546 -0.21 -8.50 6.97
C VAL A 546 -1.40 -9.32 7.44
N ARG A 547 -2.32 -9.65 6.53
CA ARG A 547 -3.46 -10.49 6.91
C ARG A 547 -2.98 -11.85 7.43
N LEU A 548 -1.97 -12.42 6.78
CA LEU A 548 -1.41 -13.69 7.23
C LEU A 548 -0.87 -13.58 8.65
N ARG A 549 -0.11 -12.51 8.93
CA ARG A 549 0.38 -12.28 10.28
C ARG A 549 -0.76 -12.16 11.27
N SER A 550 -1.87 -11.55 10.86
CA SER A 550 -3.04 -11.45 11.71
C SER A 550 -3.92 -12.70 11.64
N THR A 551 -3.45 -13.75 10.96
CA THR A 551 -4.21 -14.98 10.80
C THR A 551 -3.60 -16.18 11.52
N PHE A 552 -2.28 -16.29 11.54
CA PHE A 552 -1.60 -17.44 12.13
C PHE A 552 -0.70 -17.02 13.28
N ASN A 553 -0.21 -18.02 14.00
CA ASN A 553 0.73 -17.81 15.09
C ASN A 553 2.07 -17.30 14.54
N GLU A 554 2.87 -16.70 15.44
CA GLU A 554 4.05 -15.96 15.01
C GLU A 554 5.11 -16.85 14.38
N GLU A 555 5.22 -18.11 14.80
CA GLU A 555 6.26 -18.99 14.27
C GLU A 555 5.90 -19.46 12.86
N LEU A 556 4.64 -19.87 12.66
CA LEU A 556 4.15 -20.12 11.31
C LEU A 556 4.36 -18.90 10.43
N VAL A 557 4.13 -17.70 10.98
CA VAL A 557 4.32 -16.47 10.22
C VAL A 557 5.79 -16.28 9.84
N GLU A 558 6.70 -16.67 10.73
CA GLU A 558 8.12 -16.61 10.41
C GLU A 558 8.45 -17.53 9.25
N LEU A 559 7.96 -18.77 9.31
CA LEU A 559 8.12 -19.69 8.18
C LEU A 559 7.55 -19.10 6.89
N PHE A 560 6.40 -18.44 6.98
CA PHE A 560 5.77 -17.85 5.80
C PHE A 560 6.62 -16.71 5.25
N GLU A 561 7.25 -15.93 6.13
CA GLU A 561 8.18 -14.90 5.67
C GLU A 561 9.38 -15.52 4.96
N ASN A 562 9.86 -16.65 5.47
CA ASN A 562 10.91 -17.38 4.76
C ASN A 562 10.47 -17.73 3.34
N MET A 563 9.32 -18.38 3.21
CA MET A 563 8.83 -18.73 1.88
C MET A 563 8.61 -17.49 1.01
N ALA A 564 8.19 -16.38 1.61
CA ALA A 564 7.98 -15.15 0.86
C ALA A 564 9.29 -14.63 0.27
N VAL A 565 10.33 -14.53 1.11
CA VAL A 565 11.63 -14.10 0.59
C VAL A 565 12.13 -15.08 -0.46
N ARG A 566 11.82 -16.38 -0.33
CA ARG A 566 12.15 -17.31 -1.40
C ARG A 566 11.47 -16.92 -2.71
N SER A 567 10.18 -16.55 -2.64
CA SER A 567 9.42 -16.24 -3.84
C SER A 567 10.00 -15.07 -4.63
N LEU A 568 10.73 -14.17 -3.98
CA LEU A 568 11.25 -12.98 -4.63
C LEU A 568 12.29 -13.33 -5.70
N ASN A 569 12.44 -12.42 -6.65
CA ASN A 569 13.45 -12.53 -7.70
C ASN A 569 14.78 -11.97 -7.21
N ARG A 570 15.85 -12.35 -7.89
CA ARG A 570 17.19 -11.93 -7.48
C ARG A 570 17.42 -10.47 -7.85
N ALA A 571 17.73 -9.66 -6.85
CA ALA A 571 18.12 -8.28 -7.11
C ALA A 571 19.49 -8.24 -7.75
N GLU A 572 19.72 -7.25 -8.61
CA GLU A 572 20.94 -7.23 -9.40
C GLU A 572 21.34 -5.81 -9.75
N TYR A 573 22.65 -5.59 -9.84
CA TYR A 573 23.19 -4.34 -10.34
C TYR A 573 23.03 -4.28 -11.85
N PHE A 574 23.02 -3.05 -12.39
CA PHE A 574 22.81 -2.88 -13.81
C PHE A 574 23.34 -1.52 -14.25
N CYS A 575 23.74 -1.46 -15.52
CA CYS A 575 24.09 -0.20 -16.18
C CYS A 575 22.86 0.29 -16.95
N THR A 576 22.52 1.56 -16.74
CA THR A 576 21.31 2.13 -17.35
C THR A 576 21.31 1.97 -18.87
N GLY A 577 22.48 1.95 -19.49
CA GLY A 577 22.54 1.85 -20.94
C GLY A 577 22.02 0.52 -21.48
N ASP A 578 22.16 -0.56 -20.71
CA ASP A 578 21.75 -1.87 -21.20
C ASP A 578 20.24 -1.94 -21.39
N PHE A 579 19.48 -1.27 -20.53
CA PHE A 579 18.02 -1.29 -20.60
C PHE A 579 17.56 0.02 -21.25
N GLY A 580 17.03 -0.09 -22.47
CA GLY A 580 16.50 1.08 -23.15
C GLY A 580 15.33 1.71 -22.42
N GLU A 581 14.39 0.87 -21.99
CA GLU A 581 13.19 1.36 -21.33
C GLU A 581 13.44 1.59 -19.85
N LYS A 582 13.15 2.80 -19.38
CA LYS A 582 13.37 3.15 -17.98
C LYS A 582 12.44 2.39 -17.04
N THR A 583 11.30 1.91 -17.54
CA THR A 583 10.41 1.10 -16.72
C THR A 583 11.07 -0.16 -16.20
N ASP A 584 12.12 -0.63 -16.87
CA ASP A 584 12.85 -1.81 -16.40
C ASP A 584 13.77 -1.50 -15.23
N TRP A 585 14.00 -0.22 -14.93
CA TRP A 585 14.81 0.17 -13.77
C TRP A 585 13.84 0.37 -12.61
N HIS A 586 13.50 -0.72 -11.93
CA HIS A 586 12.53 -0.64 -10.84
C HIS A 586 12.94 -1.63 -9.75
N HIS A 587 12.53 -1.34 -8.53
CA HIS A 587 12.78 -2.21 -7.39
C HIS A 587 11.42 -2.66 -6.87
N TYR A 588 11.05 -3.89 -7.20
CA TYR A 588 9.72 -4.39 -6.86
C TYR A 588 9.47 -4.32 -5.37
N ALA A 589 10.37 -4.90 -4.57
CA ALA A 589 10.14 -5.00 -3.13
C ALA A 589 10.14 -3.62 -2.47
N LEU A 590 11.01 -2.72 -2.92
CA LEU A 590 11.05 -1.37 -2.36
C LEU A 590 10.11 -0.40 -3.07
N SER A 591 9.48 -0.82 -4.17
CA SER A 591 8.56 0.02 -4.93
C SER A 591 9.20 1.34 -5.36
N PHE A 592 10.53 1.36 -5.49
CA PHE A 592 11.23 2.55 -5.93
C PHE A 592 11.37 2.54 -7.46
N ASN A 593 11.39 3.73 -8.04
CA ASN A 593 11.66 3.89 -9.46
C ASN A 593 13.13 4.05 -9.77
N HIS A 594 13.94 4.44 -8.79
CA HIS A 594 15.39 4.56 -8.95
C HIS A 594 16.05 4.15 -7.64
N TYR A 595 17.07 3.31 -7.72
CA TYR A 595 17.80 2.90 -6.53
C TYR A 595 19.18 2.39 -6.93
N THR A 596 20.18 2.72 -6.11
CA THR A 596 21.54 2.25 -6.28
C THR A 596 22.17 2.10 -4.91
N HIS A 597 23.41 1.63 -4.88
CA HIS A 597 24.17 1.53 -3.65
C HIS A 597 25.22 2.64 -3.61
N PHE A 598 25.14 3.47 -2.57
CA PHE A 598 26.05 4.60 -2.41
C PHE A 598 26.49 4.83 -0.97
N THR A 599 25.81 4.27 0.02
CA THR A 599 26.07 4.57 1.42
C THR A 599 27.11 3.66 2.06
N SER A 600 27.81 2.85 1.27
CA SER A 600 28.83 1.93 1.80
C SER A 600 29.94 1.77 0.79
N PRO A 601 30.84 2.75 0.69
CA PRO A 601 31.94 2.69 -0.28
C PRO A 601 33.18 1.97 0.24
N ILE A 602 33.22 1.64 1.54
CA ILE A 602 34.36 0.92 2.10
C ILE A 602 34.15 -0.58 2.05
N ARG A 603 32.98 -1.05 1.65
CA ARG A 603 32.70 -2.46 1.59
C ARG A 603 31.95 -2.90 0.33
N ARG A 604 31.66 -2.00 -0.61
CA ARG A 604 30.99 -2.35 -1.86
C ARG A 604 31.57 -1.48 -2.97
N TYR A 605 32.35 -2.10 -3.87
CA TYR A 605 32.93 -1.37 -4.99
C TYR A 605 31.91 -0.66 -5.88
N PRO A 606 30.72 -1.21 -6.16
CA PRO A 606 29.70 -0.42 -6.86
C PRO A 606 29.44 0.92 -6.21
N ASP A 607 29.56 1.02 -4.88
CA ASP A 607 29.43 2.31 -4.23
C ASP A 607 30.57 3.24 -4.60
N ILE A 608 31.79 2.70 -4.80
CA ILE A 608 32.89 3.52 -5.29
C ILE A 608 32.56 4.07 -6.68
N ILE A 609 32.06 3.21 -7.56
CA ILE A 609 31.68 3.65 -8.90
C ILE A 609 30.61 4.73 -8.83
N VAL A 610 29.61 4.53 -7.96
CA VAL A 610 28.53 5.50 -7.83
C VAL A 610 29.03 6.80 -7.23
N HIS A 611 30.00 6.74 -6.32
CA HIS A 611 30.62 7.95 -5.78
C HIS A 611 31.28 8.76 -6.88
N ARG A 612 32.07 8.08 -7.72
CA ARG A 612 32.71 8.77 -8.84
C ARG A 612 31.69 9.37 -9.78
N LEU A 613 30.64 8.62 -10.10
CA LEU A 613 29.59 9.14 -10.97
C LEU A 613 28.91 10.37 -10.36
N LEU A 614 28.66 10.34 -9.05
CA LEU A 614 28.01 11.49 -8.40
C LEU A 614 28.92 12.71 -8.42
N GLU A 615 30.21 12.52 -8.12
CA GLU A 615 31.16 13.63 -8.20
C GLU A 615 31.17 14.24 -9.60
N ARG A 616 31.24 13.39 -10.63
CA ARG A 616 31.28 13.90 -12.00
C ARG A 616 29.97 14.59 -12.36
N SER A 617 28.84 14.08 -11.86
CA SER A 617 27.56 14.72 -12.13
C SER A 617 27.47 16.09 -11.47
N LEU A 618 28.08 16.26 -10.30
CA LEU A 618 28.14 17.58 -9.70
C LEU A 618 29.11 18.50 -10.42
N LYS A 619 30.04 17.92 -11.20
CA LYS A 619 30.97 18.70 -12.01
C LYS A 619 30.54 18.81 -13.46
N ASN A 620 29.46 18.12 -13.85
CA ASN A 620 28.92 18.16 -15.21
C ASN A 620 29.93 17.75 -16.27
N THR A 621 30.82 16.82 -15.93
CA THR A 621 31.83 16.35 -16.87
C THR A 621 31.39 15.02 -17.49
N SER A 622 32.35 14.24 -17.97
CA SER A 622 32.08 12.94 -18.58
C SER A 622 31.88 11.88 -17.52
N PRO A 623 31.23 10.75 -17.87
CA PRO A 623 31.07 9.67 -16.89
C PRO A 623 32.37 8.97 -16.53
N GLY A 624 33.40 9.04 -17.38
CA GLY A 624 34.67 8.43 -17.10
C GLY A 624 34.68 6.91 -17.08
N ILE A 625 33.53 6.27 -17.28
CA ILE A 625 33.43 4.82 -17.33
C ILE A 625 32.56 4.45 -18.52
N ASP A 626 32.95 3.38 -19.21
CA ASP A 626 32.20 2.96 -20.39
C ASP A 626 31.01 2.08 -19.99
N LYS A 627 29.93 2.22 -20.77
CA LYS A 627 28.74 1.41 -20.56
C LYS A 627 29.08 -0.07 -20.44
N LYS A 628 29.92 -0.57 -21.35
CA LYS A 628 30.31 -1.98 -21.31
C LYS A 628 31.07 -2.29 -20.02
N ASN A 629 32.05 -1.46 -19.69
CA ASN A 629 32.83 -1.68 -18.47
C ASN A 629 31.95 -1.60 -17.23
N CYS A 630 30.98 -0.68 -17.24
CA CYS A 630 30.03 -0.60 -16.14
C CYS A 630 29.22 -1.87 -16.01
N SER A 631 28.77 -2.44 -17.13
CA SER A 631 28.05 -3.71 -17.09
C SER A 631 28.94 -4.83 -16.56
N LEU A 632 30.22 -4.85 -16.95
CA LEU A 632 31.14 -5.85 -16.44
C LEU A 632 31.25 -5.76 -14.92
N VAL A 633 31.45 -4.54 -14.41
CA VAL A 633 31.54 -4.35 -12.96
C VAL A 633 30.25 -4.80 -12.28
N ALA A 634 29.10 -4.44 -12.85
CA ALA A 634 27.83 -4.82 -12.26
C ALA A 634 27.68 -6.33 -12.15
N ALA A 635 27.96 -7.05 -13.25
CA ALA A 635 27.80 -8.50 -13.25
C ALA A 635 28.78 -9.17 -12.30
N HIS A 636 30.04 -8.76 -12.35
CA HIS A 636 31.05 -9.33 -11.45
C HIS A 636 30.66 -9.11 -10.00
N CYS A 637 30.18 -7.92 -9.66
CA CYS A 637 29.81 -7.63 -8.28
C CYS A 637 28.57 -8.41 -7.87
N ASN A 638 27.63 -8.63 -8.79
CA ASN A 638 26.48 -9.47 -8.48
C ASN A 638 26.90 -10.88 -8.14
N GLU A 639 27.80 -11.46 -8.95
CA GLU A 639 28.27 -12.81 -8.67
C GLU A 639 29.04 -12.87 -7.36
N LYS A 640 29.87 -11.86 -7.10
CA LYS A 640 30.62 -11.81 -5.84
C LYS A 640 29.67 -11.69 -4.65
N LYS A 641 28.59 -10.94 -4.79
CA LYS A 641 27.61 -10.82 -3.71
C LYS A 641 26.90 -12.15 -3.46
N GLU A 642 26.52 -12.85 -4.54
CA GLU A 642 25.97 -14.20 -4.39
C GLU A 642 26.90 -15.08 -3.56
N LYS A 643 28.17 -15.14 -3.96
CA LYS A 643 29.11 -16.01 -3.28
C LYS A 643 29.32 -15.57 -1.83
N SER A 644 29.36 -14.25 -1.58
CA SER A 644 29.55 -13.76 -0.23
C SER A 644 28.36 -14.10 0.67
N THR A 645 27.14 -13.94 0.15
CA THR A 645 25.95 -14.35 0.90
C THR A 645 26.04 -15.82 1.28
N THR A 646 26.37 -16.67 0.29
CA THR A 646 26.49 -18.10 0.57
C THR A 646 27.52 -18.37 1.65
N VAL A 647 28.67 -17.69 1.57
CA VAL A 647 29.74 -17.88 2.55
C VAL A 647 29.26 -17.51 3.95
N GLN A 648 28.61 -16.35 4.07
CA GLN A 648 28.14 -15.92 5.38
C GLN A 648 27.11 -16.89 5.96
N GLU A 649 26.17 -17.37 5.12
CA GLU A 649 25.20 -18.34 5.60
C GLU A 649 25.87 -19.63 6.06
N ASP A 650 26.83 -20.13 5.28
CA ASP A 650 27.54 -21.34 5.66
C ASP A 650 28.34 -21.14 6.95
N SER A 651 28.92 -19.96 7.15
CA SER A 651 29.58 -19.64 8.40
C SER A 651 28.62 -19.72 9.58
N GLN A 652 27.46 -19.09 9.43
CA GLN A 652 26.43 -19.19 10.46
C GLN A 652 26.08 -20.65 10.75
N GLN A 653 25.97 -21.47 9.70
CA GLN A 653 25.66 -22.89 9.88
C GLN A 653 26.76 -23.59 10.66
N LEU A 654 28.02 -23.32 10.30
CA LEU A 654 29.16 -23.91 11.01
C LEU A 654 29.12 -23.58 12.50
N PHE A 655 28.88 -22.30 12.81
CA PHE A 655 28.88 -21.91 14.22
C PHE A 655 27.66 -22.46 14.95
N LEU A 656 26.53 -22.63 14.26
CA LEU A 656 25.39 -23.30 14.87
C LEU A 656 25.73 -24.75 15.20
N SER A 657 26.41 -25.44 14.29
CA SER A 657 26.81 -26.83 14.56
C SER A 657 27.75 -26.91 15.76
N VAL A 658 28.73 -26.01 15.83
CA VAL A 658 29.64 -26.02 16.97
C VAL A 658 28.90 -25.70 18.26
N TYR A 659 27.91 -24.80 18.18
CA TYR A 659 27.10 -24.48 19.36
C TYR A 659 26.32 -25.70 19.84
N ILE A 660 25.72 -26.45 18.91
CA ILE A 660 25.00 -27.66 19.30
C ILE A 660 25.95 -28.67 19.93
N ALA A 661 27.16 -28.81 19.37
CA ALA A 661 28.13 -29.72 19.97
C ALA A 661 28.50 -29.30 21.38
N GLU A 662 28.71 -28.00 21.60
CA GLU A 662 29.04 -27.52 22.95
C GLU A 662 27.87 -27.70 23.91
N TYR A 663 26.63 -27.56 23.42
CA TYR A 663 25.48 -27.83 24.26
C TYR A 663 25.42 -29.29 24.68
N CYS A 664 25.66 -30.20 23.73
CA CYS A 664 25.68 -31.62 24.07
C CYS A 664 26.80 -31.94 25.06
N LYS A 665 27.94 -31.27 24.92
CA LYS A 665 29.06 -31.54 25.82
C LYS A 665 28.79 -31.02 27.22
N LYS A 666 28.31 -29.78 27.35
CA LYS A 666 28.16 -29.17 28.66
C LYS A 666 27.00 -29.79 29.44
N HIS A 667 25.85 -30.00 28.78
CA HIS A 667 24.65 -30.48 29.45
C HIS A 667 24.57 -32.00 29.48
N ASP A 668 25.68 -32.69 29.26
CA ASP A 668 25.79 -34.15 29.32
C ASP A 668 24.64 -34.85 28.60
N LYS A 669 24.39 -34.41 27.37
CA LYS A 669 23.44 -35.08 26.49
C LYS A 669 24.10 -35.32 25.13
N LYS A 670 23.39 -36.02 24.25
CA LYS A 670 23.85 -36.24 22.89
C LYS A 670 23.07 -35.43 21.87
N SER A 671 22.10 -34.63 22.32
CA SER A 671 21.28 -33.82 21.42
C SER A 671 20.73 -32.64 22.20
N MET A 672 20.34 -31.61 21.46
CA MET A 672 19.71 -30.43 22.06
C MET A 672 18.22 -30.48 21.81
N PRO A 673 17.38 -30.43 22.86
CA PRO A 673 15.93 -30.43 22.65
C PRO A 673 15.43 -29.04 22.27
N VAL A 674 14.59 -29.00 21.22
CA VAL A 674 14.03 -27.74 20.73
C VAL A 674 12.59 -28.00 20.28
N GLN A 675 11.85 -26.91 20.09
CA GLN A 675 10.50 -26.97 19.55
C GLN A 675 10.55 -26.66 18.06
N ALA A 676 9.68 -27.34 17.29
CA ALA A 676 9.71 -27.21 15.85
C ALA A 676 8.31 -27.41 15.28
N PHE A 677 8.08 -26.81 14.11
CA PHE A 677 6.81 -26.92 13.40
C PHE A 677 6.98 -27.80 12.16
N ALA A 678 6.02 -28.69 11.96
CA ALA A 678 6.03 -29.62 10.82
C ALA A 678 5.54 -28.91 9.57
N THR A 679 6.43 -28.69 8.60
CA THR A 679 6.11 -27.99 7.37
C THR A 679 5.57 -28.92 6.28
N ARG A 680 6.12 -30.12 6.16
CA ARG A 680 5.71 -31.05 5.10
C ARG A 680 5.82 -32.48 5.58
N ILE A 681 4.88 -33.32 5.15
CA ILE A 681 4.90 -34.75 5.45
C ILE A 681 4.91 -35.47 4.11
N SER A 682 6.08 -35.92 3.68
CA SER A 682 6.19 -36.75 2.49
C SER A 682 6.71 -38.13 2.87
N GLY A 683 6.44 -39.10 1.99
CA GLY A 683 6.84 -40.48 2.15
C GLY A 683 7.25 -40.96 3.53
N ASN A 684 8.56 -41.15 3.72
CA ASN A 684 9.13 -41.65 4.96
C ASN A 684 9.98 -40.60 5.68
N SER A 685 9.52 -39.35 5.66
CA SER A 685 10.25 -38.27 6.33
C SER A 685 9.29 -37.11 6.57
N ILE A 686 9.72 -36.18 7.42
CA ILE A 686 8.92 -35.00 7.74
C ILE A 686 9.85 -33.79 7.81
N ASP A 687 9.55 -32.77 7.04
CA ASP A 687 10.32 -31.53 7.09
C ASP A 687 9.88 -30.71 8.30
N VAL A 688 10.84 -30.33 9.14
CA VAL A 688 10.55 -29.54 10.34
C VAL A 688 11.34 -28.24 10.27
N TYR A 689 10.75 -27.20 10.84
CA TYR A 689 11.39 -25.89 10.94
C TYR A 689 11.55 -25.55 12.42
N ILE A 690 12.79 -25.33 12.83
CA ILE A 690 13.12 -24.84 14.17
C ILE A 690 13.31 -23.33 14.07
N SER A 691 12.35 -22.59 14.63
CA SER A 691 12.40 -21.12 14.59
C SER A 691 13.39 -20.54 15.59
N GLU A 692 13.70 -21.27 16.67
CA GLU A 692 14.64 -20.76 17.67
C GLU A 692 15.99 -20.47 17.05
N TYR A 693 16.37 -21.20 16.00
CA TYR A 693 17.60 -20.94 15.27
C TYR A 693 17.36 -20.75 13.78
N GLY A 694 16.09 -20.66 13.36
CA GLY A 694 15.75 -20.36 11.98
C GLY A 694 16.31 -21.34 10.97
N ILE A 695 16.18 -22.63 11.24
CA ILE A 695 16.75 -23.65 10.36
C ILE A 695 15.67 -24.64 9.97
N SER A 696 15.84 -25.23 8.79
CA SER A 696 14.88 -26.19 8.24
C SER A 696 15.61 -27.52 8.08
N ASN A 697 15.21 -28.50 8.87
CA ASN A 697 15.83 -29.82 8.86
C ASN A 697 14.76 -30.86 8.53
N ARG A 698 15.18 -32.12 8.47
CA ARG A 698 14.27 -33.21 8.15
C ARG A 698 14.39 -34.32 9.19
N VAL A 699 13.25 -34.70 9.78
CA VAL A 699 13.18 -35.86 10.65
C VAL A 699 12.85 -37.03 9.73
N ASP A 700 13.86 -37.84 9.43
CA ASP A 700 13.66 -38.98 8.55
C ASP A 700 12.91 -40.08 9.31
N LEU A 701 11.73 -40.45 8.81
CA LEU A 701 10.97 -41.52 9.44
C LEU A 701 11.68 -42.86 9.26
N SER A 702 12.60 -42.95 8.29
CA SER A 702 13.38 -44.16 8.11
C SER A 702 14.57 -44.18 9.05
N SER A 703 15.24 -43.05 9.21
CA SER A 703 16.38 -42.98 10.13
C SER A 703 15.92 -43.24 11.57
N ASP A 704 14.67 -42.90 11.89
CA ASP A 704 14.13 -43.18 13.22
C ASP A 704 13.90 -44.69 13.33
N ASP A 705 14.99 -45.41 13.62
CA ASP A 705 14.88 -46.85 13.82
C ASP A 705 14.21 -47.16 15.15
N ARG A 706 14.34 -46.26 16.13
CA ARG A 706 13.73 -46.46 17.43
C ARG A 706 12.20 -46.52 17.31
N ILE A 707 11.64 -45.78 16.34
CA ILE A 707 10.21 -45.84 16.10
C ILE A 707 9.87 -47.18 15.47
N LYS A 708 8.67 -47.68 15.76
CA LYS A 708 8.27 -49.00 15.28
C LYS A 708 7.70 -48.93 13.86
N SER A 709 6.70 -48.08 13.63
CA SER A 709 6.07 -48.00 12.32
C SER A 709 5.28 -46.70 12.24
N PHE A 710 4.67 -46.47 11.07
CA PHE A 710 3.94 -45.23 10.83
C PHE A 710 3.01 -45.45 9.65
N ILE A 711 2.11 -44.49 9.45
CA ILE A 711 1.19 -44.51 8.32
C ILE A 711 0.99 -43.07 7.86
N VAL A 712 1.21 -42.82 6.57
CA VAL A 712 0.94 -41.53 5.96
C VAL A 712 -0.29 -41.68 5.09
N ALA A 713 -1.24 -40.77 5.23
CA ALA A 713 -2.44 -40.82 4.42
C ALA A 713 -2.16 -40.30 3.02
N PRO A 714 -3.04 -40.60 2.06
CA PRO A 714 -2.87 -40.07 0.69
C PRO A 714 -2.84 -38.56 0.60
N ASP A 715 -3.29 -37.83 1.62
CA ASP A 715 -3.33 -36.38 1.54
C ASP A 715 -2.09 -35.70 2.11
N ASP A 716 -1.17 -36.46 2.71
CA ASP A 716 0.09 -35.96 3.27
C ASP A 716 -0.12 -34.82 4.27
N SER A 717 -1.34 -34.63 4.78
CA SER A 717 -1.61 -33.62 5.80
C SER A 717 -1.57 -34.17 7.21
N SER A 718 -1.36 -35.47 7.38
CA SER A 718 -1.33 -36.08 8.70
C SER A 718 -0.61 -37.42 8.61
N VAL A 719 0.12 -37.76 9.67
CA VAL A 719 0.86 -39.01 9.76
C VAL A 719 0.66 -39.61 11.15
N LYS A 720 0.23 -40.86 11.19
CA LYS A 720 0.09 -41.62 12.42
C LYS A 720 1.39 -42.37 12.69
N ILE A 721 1.70 -42.56 13.97
CA ILE A 721 2.97 -43.12 14.41
C ILE A 721 2.68 -44.20 15.44
N THR A 722 3.46 -45.29 15.38
CA THR A 722 3.34 -46.41 16.30
C THR A 722 4.73 -46.73 16.83
N LEU A 723 4.85 -46.95 18.13
CA LEU A 723 6.14 -47.20 18.76
C LEU A 723 6.16 -48.62 19.33
N PHE A 724 7.31 -49.00 19.90
CA PHE A 724 7.45 -50.33 20.48
C PHE A 724 6.64 -50.50 21.76
N ASP A 725 6.49 -49.42 22.54
CA ASP A 725 5.61 -49.46 23.69
C ASP A 725 4.13 -49.37 23.29
N ASP A 726 3.86 -49.48 21.99
CA ASP A 726 2.52 -49.57 21.41
C ASP A 726 1.67 -48.33 21.66
N SER A 727 2.28 -47.19 21.99
CA SER A 727 1.52 -45.94 22.10
C SER A 727 1.46 -45.30 20.72
N GLN A 728 0.27 -45.27 20.13
CA GLN A 728 0.07 -44.70 18.80
C GLN A 728 -0.40 -43.27 18.91
N LYS A 729 0.04 -42.42 17.97
CA LYS A 729 -0.26 -41.00 18.04
C LYS A 729 -0.05 -40.36 16.67
N THR A 730 -0.95 -39.45 16.30
CA THR A 730 -0.96 -38.85 14.98
C THR A 730 -0.64 -37.37 15.06
N ILE A 731 0.20 -36.89 14.14
CA ILE A 731 0.59 -35.49 14.06
C ILE A 731 0.34 -35.01 12.64
N ALA A 732 -0.13 -33.78 12.51
CA ALA A 732 -0.51 -33.22 11.21
C ALA A 732 0.40 -32.04 10.84
N LEU A 733 0.12 -31.47 9.67
CA LEU A 733 0.86 -30.30 9.20
C LEU A 733 0.65 -29.11 10.12
N THR A 734 1.69 -28.29 10.25
CA THR A 734 1.69 -27.07 11.07
C THR A 734 1.39 -27.38 12.54
N ASP A 735 1.75 -28.56 12.99
CA ASP A 735 1.67 -28.92 14.40
C ASP A 735 2.99 -28.61 15.08
N ARG A 736 2.93 -28.16 16.32
CA ARG A 736 4.10 -27.81 17.11
C ARG A 736 4.50 -28.97 18.00
N PHE A 737 5.69 -29.52 17.78
CA PHE A 737 6.16 -30.65 18.58
C PHE A 737 7.66 -30.52 18.81
N GLN A 738 8.17 -31.29 19.76
CA GLN A 738 9.57 -31.19 20.16
C GLN A 738 10.43 -32.17 19.36
N VAL A 739 11.58 -31.68 18.91
CA VAL A 739 12.59 -32.47 18.20
C VAL A 739 13.93 -32.25 18.87
N TYR A 740 14.96 -32.89 18.33
CA TYR A 740 16.30 -32.82 18.91
C TYR A 740 17.31 -32.59 17.79
N LEU A 741 18.21 -31.63 17.99
CA LEU A 741 19.24 -31.29 17.02
C LEU A 741 20.58 -31.80 17.50
N TYR A 742 21.29 -32.52 16.64
CA TYR A 742 22.62 -33.00 16.97
C TYR A 742 23.55 -32.76 15.79
N SER A 743 24.79 -32.38 16.10
CA SER A 743 25.79 -32.09 15.07
C SER A 743 26.50 -33.39 14.73
N ASP A 744 26.08 -34.02 13.62
CA ASP A 744 26.73 -35.21 13.12
C ASP A 744 28.12 -34.85 12.63
N TYR A 745 29.13 -35.35 13.34
CA TYR A 745 30.52 -35.35 12.92
C TYR A 745 31.02 -36.74 12.54
N SER A 746 30.23 -37.79 12.77
CA SER A 746 30.66 -39.13 12.36
C SER A 746 30.80 -39.23 10.85
N ARG A 747 29.91 -38.56 10.11
CA ARG A 747 30.15 -38.38 8.69
C ARG A 747 31.33 -37.42 8.50
N THR A 748 31.77 -37.30 7.24
CA THR A 748 33.02 -36.62 6.96
C THR A 748 33.02 -35.17 7.42
N PHE A 749 31.92 -34.45 7.21
CA PHE A 749 31.89 -33.03 7.51
C PHE A 749 30.74 -32.69 8.45
N PHE A 750 30.82 -31.49 9.01
CA PHE A 750 29.82 -30.95 9.92
C PHE A 750 28.44 -31.00 9.30
N SER A 751 27.52 -31.73 9.91
CA SER A 751 26.15 -31.79 9.38
C SER A 751 25.16 -31.76 10.53
N ILE A 752 24.35 -30.71 10.60
CA ILE A 752 23.30 -30.66 11.61
C ILE A 752 22.17 -31.59 11.20
N ARG A 753 21.83 -32.52 12.09
CA ARG A 753 20.77 -33.49 11.87
C ARG A 753 19.70 -33.33 12.94
N CYS A 754 18.48 -33.73 12.61
CA CYS A 754 17.35 -33.63 13.53
C CYS A 754 16.72 -35.00 13.71
N SER A 755 16.45 -35.35 14.97
CA SER A 755 15.83 -36.63 15.32
C SER A 755 14.63 -36.41 16.22
N LEU A 756 13.61 -37.24 16.01
CA LEU A 756 12.41 -37.16 16.84
C LEU A 756 12.65 -37.66 18.26
N VAL A 757 13.56 -38.62 18.44
CA VAL A 757 13.81 -39.24 19.74
C VAL A 757 15.02 -38.60 20.38
N SER A 758 14.96 -38.40 21.70
CA SER A 758 16.08 -37.82 22.44
C SER A 758 17.27 -38.77 22.45
N LEU A 759 18.45 -38.22 22.18
CA LEU A 759 19.69 -38.98 22.26
C LEU A 759 20.34 -38.81 23.64
N ASP B 14 -40.95 1.54 -36.80
CA ASP B 14 -41.74 0.72 -35.88
C ASP B 14 -40.88 -0.34 -35.23
N SER B 15 -41.47 -1.04 -34.26
CA SER B 15 -40.76 -2.11 -33.57
C SER B 15 -40.15 -3.10 -34.56
N ALA B 16 -40.80 -3.35 -35.69
CA ALA B 16 -40.23 -4.25 -36.69
C ALA B 16 -38.95 -3.67 -37.31
N THR B 17 -38.95 -2.38 -37.61
CA THR B 17 -37.73 -1.72 -38.06
C THR B 17 -36.64 -1.81 -37.01
N VAL B 18 -37.03 -1.65 -35.75
CA VAL B 18 -36.09 -1.78 -34.65
C VAL B 18 -35.54 -3.21 -34.61
N LYS B 19 -36.39 -4.20 -34.86
CA LYS B 19 -35.96 -5.59 -34.93
C LYS B 19 -34.94 -5.79 -36.04
N LYS B 20 -35.19 -5.19 -37.21
CA LYS B 20 -34.21 -5.24 -38.29
C LYS B 20 -32.87 -4.73 -37.80
N GLY B 21 -32.87 -3.54 -37.20
CA GLY B 21 -31.63 -3.00 -36.66
C GLY B 21 -31.01 -3.87 -35.58
N LEU B 22 -31.86 -4.50 -34.75
CA LEU B 22 -31.41 -5.38 -33.68
C LEU B 22 -30.68 -6.59 -34.24
N LYS B 23 -31.23 -7.21 -35.29
CA LYS B 23 -30.58 -8.33 -35.94
C LYS B 23 -29.48 -7.90 -36.90
N SER B 24 -29.39 -6.61 -37.21
CA SER B 24 -28.39 -6.11 -38.15
C SER B 24 -27.26 -5.40 -37.41
N GLY B 25 -26.14 -5.24 -38.12
CA GLY B 25 -25.04 -4.44 -37.65
C GLY B 25 -25.28 -2.99 -38.03
N THR B 26 -24.29 -2.15 -37.75
CA THR B 26 -24.35 -0.72 -38.07
C THR B 26 -25.47 -0.05 -37.28
N LEU B 27 -25.65 -0.51 -36.05
CA LEU B 27 -26.65 -0.02 -35.12
C LEU B 27 -26.06 0.00 -33.71
N PHE B 28 -26.66 0.82 -32.85
CA PHE B 28 -26.21 0.98 -31.48
C PHE B 28 -27.41 0.92 -30.53
N LYS B 29 -27.11 0.80 -29.24
CA LYS B 29 -28.15 0.75 -28.21
C LYS B 29 -27.51 1.21 -26.90
N GLY B 30 -27.95 2.34 -26.36
CA GLY B 30 -27.32 2.80 -25.14
C GLY B 30 -28.04 3.94 -24.47
N THR B 31 -27.54 4.33 -23.31
CA THR B 31 -28.10 5.48 -22.62
C THR B 31 -27.57 6.77 -23.26
N LEU B 32 -28.10 7.91 -22.81
CA LEU B 32 -27.64 9.21 -23.31
C LEU B 32 -27.30 10.11 -22.13
N ARG B 33 -26.16 10.79 -22.22
CA ARG B 33 -25.75 11.80 -21.24
C ARG B 33 -25.55 13.12 -21.97
N ILE B 34 -26.39 14.10 -21.66
CA ILE B 34 -26.31 15.42 -22.30
C ILE B 34 -25.32 16.27 -21.52
N LEU B 35 -24.43 16.95 -22.25
CA LEU B 35 -23.37 17.74 -21.65
C LEU B 35 -23.80 19.20 -21.50
N GLU B 36 -22.93 20.15 -21.87
CA GLU B 36 -23.24 21.56 -21.65
C GLU B 36 -24.43 22.00 -22.49
N ASN B 37 -24.41 21.71 -23.78
CA ASN B 37 -25.51 22.03 -24.67
C ASN B 37 -26.53 20.89 -24.64
N HIS B 38 -27.80 21.23 -24.83
CA HIS B 38 -28.82 20.18 -24.91
C HIS B 38 -28.57 19.27 -26.12
N ARG B 39 -27.93 19.80 -27.16
CA ARG B 39 -27.59 18.99 -28.32
C ARG B 39 -26.28 18.23 -28.12
N SER B 40 -25.37 18.75 -27.29
CA SER B 40 -24.07 18.12 -27.12
C SER B 40 -24.21 17.03 -26.06
N ALA B 41 -23.92 15.80 -26.45
CA ALA B 41 -24.12 14.65 -25.58
C ALA B 41 -23.21 13.51 -26.00
N PHE B 42 -23.10 12.52 -25.12
CA PHE B 42 -22.38 11.28 -25.40
C PHE B 42 -23.32 10.12 -25.15
N ALA B 43 -23.32 9.16 -26.08
CA ALA B 43 -24.07 7.92 -25.95
C ALA B 43 -23.35 7.00 -24.97
N CYS B 44 -23.90 6.87 -23.77
CA CYS B 44 -23.39 5.96 -22.76
C CYS B 44 -23.53 4.56 -23.31
N MET B 45 -22.39 3.96 -23.67
CA MET B 45 -22.34 2.68 -24.37
C MET B 45 -21.89 1.58 -23.42
N GLU B 46 -22.72 0.55 -23.27
CA GLU B 46 -22.47 -0.57 -22.38
C GLU B 46 -21.25 -1.39 -22.81
N ASP B 47 -20.14 -1.26 -22.08
CA ASP B 47 -18.91 -2.01 -22.33
C ASP B 47 -18.36 -1.82 -23.73
N ILE B 48 -18.76 -0.75 -24.43
CA ILE B 48 -18.30 -0.48 -25.78
C ILE B 48 -18.01 1.00 -25.92
N PRO B 49 -17.16 1.38 -26.87
CA PRO B 49 -16.78 2.80 -27.02
C PRO B 49 -18.00 3.70 -27.21
N ASP B 50 -18.03 4.77 -26.43
CA ASP B 50 -19.11 5.76 -26.52
C ASP B 50 -19.01 6.54 -27.83
N PHE B 51 -20.17 6.95 -28.33
CA PHE B 51 -20.30 7.76 -29.54
C PHE B 51 -20.82 9.15 -29.19
N TYR B 52 -20.72 10.07 -30.15
CA TYR B 52 -21.09 11.46 -29.93
C TYR B 52 -22.50 11.76 -30.44
N VAL B 53 -23.09 12.82 -29.88
CA VAL B 53 -24.45 13.25 -30.20
C VAL B 53 -24.48 14.77 -30.26
N ASP B 54 -24.96 15.31 -31.39
CA ASP B 54 -25.11 16.75 -31.58
C ASP B 54 -26.57 17.15 -31.69
N GLY B 55 -27.46 16.40 -31.04
CA GLY B 55 -28.87 16.64 -31.08
C GLY B 55 -29.60 16.04 -32.26
N PRO B 56 -29.25 14.81 -32.68
CA PRO B 56 -29.96 14.19 -33.80
C PRO B 56 -31.42 13.89 -33.50
N ILE B 57 -31.77 13.77 -32.22
CA ILE B 57 -33.14 13.55 -31.78
C ILE B 57 -34.11 14.53 -32.43
N ALA B 62 -34.64 12.53 -27.43
CA ALA B 62 -34.15 11.94 -26.20
C ALA B 62 -33.86 12.99 -25.14
N PHE B 63 -33.63 12.55 -23.91
CA PHE B 63 -33.37 13.41 -22.77
C PHE B 63 -32.13 12.93 -22.05
N HIS B 64 -31.81 13.55 -20.93
CA HIS B 64 -30.69 13.09 -20.12
C HIS B 64 -31.04 11.76 -19.47
N ASN B 65 -30.06 10.85 -19.44
CA ASN B 65 -30.25 9.51 -18.88
C ASN B 65 -31.41 8.78 -19.56
N ASP B 66 -31.70 9.15 -20.81
CA ASP B 66 -32.78 8.55 -21.59
C ASP B 66 -32.20 7.34 -22.32
N VAL B 67 -32.56 6.14 -21.87
CA VAL B 67 -32.06 4.93 -22.52
C VAL B 67 -32.70 4.85 -23.91
N VAL B 68 -31.86 4.94 -24.95
CA VAL B 68 -32.31 5.12 -26.32
C VAL B 68 -31.59 4.13 -27.22
N ILE B 69 -32.07 4.05 -28.45
CA ILE B 69 -31.47 3.21 -29.47
C ILE B 69 -30.89 4.16 -30.51
N VAL B 70 -29.58 4.32 -30.50
CA VAL B 70 -28.91 5.24 -31.39
C VAL B 70 -28.34 4.46 -32.58
N GLU B 71 -28.06 5.19 -33.65
CA GLU B 71 -27.60 4.57 -34.88
C GLU B 71 -26.42 5.32 -35.46
N PRO B 72 -25.37 4.62 -35.89
CA PRO B 72 -24.17 5.29 -36.38
C PRO B 72 -24.46 6.14 -37.61
N VAL B 73 -24.04 7.40 -37.55
CA VAL B 73 -24.17 8.30 -38.68
C VAL B 73 -22.79 8.79 -39.11
N SER B 124 -13.44 11.30 -33.55
CA SER B 124 -13.12 10.21 -32.64
C SER B 124 -14.38 9.42 -32.27
N ARG B 125 -15.53 10.08 -32.37
CA ARG B 125 -16.79 9.52 -31.92
C ARG B 125 -17.85 9.71 -32.99
N THR B 126 -18.57 8.64 -33.31
CA THR B 126 -19.61 8.70 -34.33
C THR B 126 -20.80 9.52 -33.84
N ARG B 127 -21.57 10.05 -34.78
CA ARG B 127 -22.69 10.93 -34.47
C ARG B 127 -24.00 10.14 -34.51
N ALA B 128 -24.15 9.24 -33.55
CA ALA B 128 -25.29 8.34 -33.55
C ALA B 128 -26.59 9.12 -33.32
N ARG B 129 -27.66 8.64 -33.94
CA ARG B 129 -28.97 9.28 -33.94
C ARG B 129 -29.98 8.43 -33.17
N VAL B 130 -30.75 9.07 -32.30
CA VAL B 130 -31.80 8.38 -31.54
C VAL B 130 -32.94 8.00 -32.48
N VAL B 131 -33.41 6.76 -32.35
CA VAL B 131 -34.50 6.27 -33.20
C VAL B 131 -35.60 5.67 -32.33
N ALA B 132 -35.36 5.60 -31.03
CA ALA B 132 -36.34 5.03 -30.11
C ALA B 132 -35.90 5.33 -28.68
N ILE B 133 -36.88 5.47 -27.79
CA ILE B 133 -36.62 5.71 -26.38
C ILE B 133 -36.96 4.43 -25.63
N GLU B 134 -35.92 3.75 -25.15
CA GLU B 134 -36.11 2.49 -24.42
C GLU B 134 -36.60 2.74 -23.01
N LYS B 135 -36.04 3.73 -22.33
CA LYS B 135 -36.46 4.12 -20.99
C LYS B 135 -36.42 5.63 -20.88
N ARG B 136 -37.44 6.19 -20.23
CA ARG B 136 -37.58 7.62 -20.03
C ARG B 136 -37.10 8.00 -18.64
N ALA B 137 -36.28 9.04 -18.56
CA ALA B 137 -35.83 9.57 -17.28
C ALA B 137 -37.04 10.01 -16.46
N GLU B 138 -36.89 9.91 -15.13
CA GLU B 138 -38.01 10.17 -14.24
C GLU B 138 -38.62 11.56 -14.46
N ILE B 139 -37.78 12.53 -14.84
CA ILE B 139 -38.17 13.93 -15.07
C ILE B 139 -39.34 14.32 -14.18
N SER B 140 -39.14 14.26 -12.86
CA SER B 140 -40.23 14.50 -11.93
C SER B 140 -40.72 15.93 -11.99
N LYS B 141 -39.85 16.86 -12.39
CA LYS B 141 -40.26 18.23 -12.62
C LYS B 141 -39.19 18.91 -13.46
N ILE B 142 -39.60 19.90 -14.23
CA ILE B 142 -38.70 20.73 -15.02
C ILE B 142 -38.93 22.17 -14.55
N VAL B 143 -38.14 22.60 -13.58
CA VAL B 143 -38.20 23.96 -13.07
C VAL B 143 -37.39 24.88 -13.96
N GLY B 144 -37.82 26.14 -14.03
CA GLY B 144 -37.13 27.12 -14.84
C GLY B 144 -37.81 28.47 -14.79
N ILE B 145 -37.73 29.23 -15.87
CA ILE B 145 -38.40 30.52 -15.98
C ILE B 145 -39.09 30.63 -17.33
N LEU B 146 -39.96 31.64 -17.44
CA LEU B 146 -40.73 31.87 -18.66
C LEU B 146 -40.43 33.26 -19.19
N ARG B 147 -40.17 33.33 -20.50
CA ARG B 147 -39.87 34.56 -21.20
C ARG B 147 -40.86 34.77 -22.33
N ALA B 148 -40.95 36.03 -22.77
CA ALA B 148 -41.83 36.48 -23.84
C ALA B 148 -41.61 35.67 -25.11
N PRO B 149 -42.58 35.61 -26.02
CA PRO B 149 -42.41 34.81 -27.24
C PRO B 149 -41.19 35.16 -28.07
N GLY B 150 -41.05 36.41 -28.51
CA GLY B 150 -39.84 36.65 -29.25
C GLY B 150 -38.60 36.80 -28.41
N TRP B 151 -38.70 36.64 -27.10
CA TRP B 151 -37.53 36.72 -26.23
C TRP B 151 -36.57 35.59 -26.57
N SER B 152 -35.28 35.92 -26.62
CA SER B 152 -34.25 34.92 -26.91
C SER B 152 -32.87 35.49 -26.60
N LEU B 153 -31.84 34.92 -27.22
CA LEU B 153 -30.49 35.45 -27.05
C LEU B 153 -30.42 36.85 -27.64
N LYS B 154 -29.82 37.77 -26.88
CA LYS B 154 -29.73 39.20 -27.23
C LYS B 154 -31.11 39.83 -27.38
N ASN B 155 -32.13 39.21 -26.81
CA ASN B 155 -33.51 39.70 -26.85
C ASN B 155 -34.06 39.89 -25.44
N VAL B 156 -33.22 40.38 -24.53
CA VAL B 156 -33.59 40.51 -23.12
C VAL B 156 -34.87 41.33 -22.97
N GLU B 157 -35.10 42.28 -23.87
CA GLU B 157 -36.35 43.03 -23.88
C GLU B 157 -37.07 42.96 -25.22
N TYR B 158 -36.50 42.28 -26.21
CA TYR B 158 -37.15 42.16 -27.52
C TYR B 158 -38.30 41.16 -27.44
N VAL B 159 -39.45 41.55 -27.99
CA VAL B 159 -40.65 40.72 -28.01
C VAL B 159 -41.20 40.72 -29.43
N SER B 160 -41.48 39.54 -29.98
CA SER B 160 -42.01 39.39 -31.32
C SER B 160 -43.44 38.85 -31.28
N LYS B 161 -44.34 39.45 -32.05
CA LYS B 161 -45.75 39.05 -31.99
C LYS B 161 -45.97 37.94 -32.99
N LYS B 162 -44.90 37.21 -33.27
CA LYS B 162 -44.95 36.16 -34.28
C LYS B 162 -45.96 35.08 -33.90
N SER B 163 -46.10 34.84 -32.60
CA SER B 163 -47.00 33.81 -32.07
C SER B 163 -46.89 33.81 -30.56
N SER B 164 -47.95 33.36 -29.91
CA SER B 164 -47.98 33.23 -28.46
C SER B 164 -47.01 32.17 -27.91
N TYR B 165 -46.06 31.67 -28.71
CA TYR B 165 -45.12 30.65 -28.26
C TYR B 165 -44.19 31.20 -27.19
N ALA B 166 -44.54 31.03 -25.92
CA ALA B 166 -43.71 31.51 -24.83
C ALA B 166 -42.44 30.67 -24.73
N ILE B 167 -41.35 31.29 -24.28
CA ILE B 167 -40.06 30.61 -24.26
C ILE B 167 -39.81 30.16 -22.83
N PHE B 168 -39.94 28.86 -22.57
CA PHE B 168 -39.63 28.33 -21.25
C PHE B 168 -38.20 27.84 -21.24
N ILE B 169 -37.45 28.28 -20.23
CA ILE B 169 -36.04 27.92 -20.08
C ILE B 169 -35.92 27.05 -18.82
N PRO B 170 -35.55 25.79 -18.96
CA PRO B 170 -35.38 24.93 -17.78
C PRO B 170 -34.08 25.24 -17.05
N LYS B 171 -34.08 24.97 -15.75
CA LYS B 171 -32.85 25.12 -14.96
C LYS B 171 -31.81 24.10 -15.41
N ASP B 172 -32.23 22.86 -15.66
CA ASP B 172 -31.33 21.84 -16.16
C ASP B 172 -30.94 22.18 -17.59
N LYS B 173 -29.69 22.58 -17.79
CA LYS B 173 -29.20 22.88 -19.13
C LYS B 173 -29.29 21.69 -20.07
N ARG B 174 -29.30 20.47 -19.53
CA ARG B 174 -29.41 19.28 -20.35
C ARG B 174 -30.76 19.20 -21.06
N LEU B 175 -31.81 19.80 -20.47
CA LEU B 175 -33.13 19.78 -21.11
C LEU B 175 -33.32 21.03 -21.97
N PRO B 176 -33.71 20.87 -23.24
CA PRO B 176 -33.91 22.04 -24.11
C PRO B 176 -35.11 22.89 -23.71
N PHE B 177 -35.32 23.99 -24.43
CA PHE B 177 -36.39 24.93 -24.15
C PHE B 177 -37.76 24.30 -24.42
N ILE B 178 -38.80 24.94 -23.89
CA ILE B 178 -40.17 24.47 -24.02
C ILE B 178 -41.01 25.59 -24.65
N THR B 179 -42.05 25.21 -25.39
CA THR B 179 -42.84 26.18 -26.13
C THR B 179 -44.11 26.63 -25.40
N ILE B 180 -44.87 25.69 -24.84
CA ILE B 180 -46.07 25.96 -24.05
C ILE B 180 -46.94 27.06 -24.67
N HIS B 181 -47.05 27.04 -26.00
CA HIS B 181 -47.66 28.15 -26.71
C HIS B 181 -49.12 28.37 -26.33
N LYS B 182 -49.84 27.30 -25.95
CA LYS B 182 -51.24 27.45 -25.52
C LYS B 182 -51.36 28.53 -24.46
N ASN B 183 -52.07 29.61 -24.79
CA ASN B 183 -52.28 30.70 -23.84
C ASN B 183 -53.02 30.21 -22.60
N ASP B 184 -53.98 29.30 -22.77
CA ASP B 184 -54.70 28.75 -21.63
C ASP B 184 -53.81 27.83 -20.80
N LEU B 185 -52.87 27.12 -21.45
CA LEU B 185 -51.92 26.28 -20.74
C LEU B 185 -51.30 26.96 -19.54
N SER B 186 -51.10 28.28 -19.60
CA SER B 186 -50.55 29.00 -18.46
C SER B 186 -51.32 28.70 -17.18
N ASP B 187 -52.60 28.34 -17.29
CA ASP B 187 -53.48 28.07 -16.16
C ASP B 187 -53.64 29.29 -15.25
N LEU B 188 -53.02 30.39 -15.63
CA LEU B 188 -53.05 31.66 -14.93
C LEU B 188 -53.04 32.76 -16.01
N SER B 189 -52.95 34.02 -15.58
CA SER B 189 -52.80 35.18 -16.45
C SER B 189 -54.05 35.54 -17.25
N GLY B 190 -54.01 35.41 -18.57
CA GLY B 190 -55.15 35.87 -19.37
C GLY B 190 -54.71 36.69 -20.56
N GLU B 191 -55.57 37.60 -21.00
CA GLU B 191 -55.22 38.48 -22.12
C GLU B 191 -53.90 39.20 -21.87
N ASN B 192 -53.66 39.62 -20.64
CA ASN B 192 -52.40 40.26 -20.32
C ASN B 192 -51.29 39.24 -20.04
N TRP B 193 -51.43 38.01 -20.51
CA TRP B 193 -50.47 36.96 -20.16
C TRP B 193 -49.04 37.40 -20.36
N ILE B 194 -48.73 38.02 -21.50
CA ILE B 194 -47.38 38.54 -21.70
C ILE B 194 -47.02 39.51 -20.59
N GLU B 195 -47.92 40.45 -20.29
CA GLU B 195 -47.69 41.41 -19.22
C GLU B 195 -47.38 40.73 -17.90
N ASN B 196 -48.19 39.72 -17.52
CA ASN B 196 -47.93 39.04 -16.25
C ASN B 196 -46.61 38.26 -16.27
N ILE B 197 -46.28 37.59 -17.37
CA ILE B 197 -45.00 36.92 -17.50
C ILE B 197 -43.85 37.90 -17.28
N LEU B 198 -43.86 39.02 -18.00
CA LEU B 198 -42.81 40.03 -17.84
C LEU B 198 -42.75 40.54 -16.40
N LYS B 199 -43.91 40.79 -15.78
CA LYS B 199 -43.93 41.20 -14.39
C LYS B 199 -43.28 40.16 -13.49
N HIS B 200 -43.53 38.88 -13.78
CA HIS B 200 -42.97 37.77 -13.01
C HIS B 200 -41.82 37.09 -13.75
N HIS B 201 -41.13 37.83 -14.62
CA HIS B 201 -40.05 37.23 -15.40
C HIS B 201 -38.93 36.72 -14.50
N ASP B 202 -38.64 37.44 -13.42
CA ASP B 202 -37.63 37.03 -12.45
C ASP B 202 -38.20 36.10 -11.39
N GLN B 203 -39.12 35.21 -11.76
CA GLN B 203 -39.74 34.27 -10.84
C GLN B 203 -39.57 32.85 -11.35
N LEU B 204 -39.07 31.97 -10.47
CA LEU B 204 -38.95 30.56 -10.77
C LEU B 204 -40.32 29.91 -10.84
N PHE B 205 -40.55 29.16 -11.92
CA PHE B 205 -41.77 28.42 -12.20
C PHE B 205 -41.44 26.96 -12.44
N SER B 206 -42.46 26.15 -12.69
CA SER B 206 -42.33 24.72 -12.96
C SER B 206 -43.22 24.34 -14.13
N VAL B 207 -42.72 23.43 -14.98
CA VAL B 207 -43.45 23.05 -16.19
C VAL B 207 -43.64 21.53 -16.21
N GLU B 208 -44.62 21.10 -17.00
CA GLU B 208 -44.87 19.68 -17.25
C GLU B 208 -44.45 19.33 -18.68
N ILE B 209 -44.12 18.07 -18.90
CA ILE B 209 -43.78 17.60 -20.25
C ILE B 209 -45.02 17.00 -20.90
N THR B 210 -45.45 17.60 -22.02
CA THR B 210 -46.53 17.11 -22.86
C THR B 210 -46.08 17.17 -24.31
N ARG B 211 -46.42 16.11 -25.06
CA ARG B 211 -46.15 15.98 -26.49
C ARG B 211 -44.67 15.67 -26.69
N TRP B 212 -44.30 15.13 -27.85
CA TRP B 212 -42.91 14.83 -28.13
C TRP B 212 -42.33 15.67 -29.26
N SER B 213 -43.18 16.28 -30.10
CA SER B 213 -42.77 17.18 -31.16
C SER B 213 -41.59 16.62 -31.94
N ILE B 214 -41.86 15.66 -32.83
CA ILE B 214 -40.80 15.05 -33.61
C ILE B 214 -40.10 16.11 -34.47
N TYR B 215 -38.81 15.90 -34.70
CA TYR B 215 -37.97 16.82 -35.48
C TYR B 215 -37.85 18.18 -34.80
N SER B 216 -38.07 18.22 -33.49
CA SER B 216 -38.00 19.45 -32.72
C SER B 216 -37.47 19.17 -31.32
N ARG B 217 -38.18 18.32 -30.58
CA ARG B 217 -37.86 17.88 -29.20
C ARG B 217 -38.24 18.95 -28.18
N TYR B 218 -38.83 20.08 -28.59
CA TYR B 218 -39.25 21.13 -27.67
C TYR B 218 -40.77 21.23 -27.71
N PRO B 219 -41.47 20.30 -27.04
CA PRO B 219 -42.93 20.33 -27.00
C PRO B 219 -43.46 21.33 -25.98
N MET B 220 -44.63 21.07 -25.41
CA MET B 220 -45.26 22.02 -24.50
C MET B 220 -45.54 21.37 -23.15
N GLY B 221 -46.14 22.15 -22.26
CA GLY B 221 -46.49 21.62 -20.97
C GLY B 221 -47.07 22.68 -20.06
N VAL B 222 -47.92 22.30 -19.13
CA VAL B 222 -48.61 23.27 -18.30
C VAL B 222 -47.63 23.79 -17.25
N LEU B 223 -47.63 25.11 -17.07
CA LEU B 223 -46.82 25.71 -16.01
C LEU B 223 -47.48 25.44 -14.67
N GLY B 224 -46.69 24.95 -13.72
CA GLY B 224 -47.25 24.56 -12.43
C GLY B 224 -47.27 25.71 -11.45
N GLU B 225 -46.75 25.48 -10.24
CA GLU B 225 -46.75 26.52 -9.22
C GLU B 225 -45.58 27.45 -9.42
N LYS B 226 -45.80 28.73 -9.15
CA LYS B 226 -44.72 29.71 -9.22
C LYS B 226 -43.86 29.53 -7.97
N LEU B 227 -42.67 28.96 -8.16
CA LEU B 227 -41.81 28.68 -7.01
C LEU B 227 -41.38 29.98 -6.32
N GLY B 228 -41.20 31.05 -7.08
CA GLY B 228 -41.00 32.34 -6.42
C GLY B 228 -39.72 33.05 -6.76
N ASN B 229 -39.31 34.02 -5.95
CA ASN B 229 -38.17 34.86 -6.30
C ASN B 229 -36.93 34.03 -6.57
N ILE B 230 -36.29 34.25 -7.72
CA ILE B 230 -35.05 33.56 -8.03
C ILE B 230 -33.97 33.95 -7.04
N THR B 231 -33.96 35.22 -6.64
CA THR B 231 -33.00 35.71 -5.66
C THR B 231 -33.33 35.26 -4.24
N ASP B 232 -34.52 34.75 -4.00
CA ASP B 232 -34.88 34.25 -2.67
C ASP B 232 -34.18 32.92 -2.43
N VAL B 233 -33.37 32.87 -1.36
CA VAL B 233 -32.66 31.64 -1.03
C VAL B 233 -33.65 30.53 -0.68
N GLU B 234 -34.73 30.88 0.03
CA GLU B 234 -35.71 29.87 0.42
C GLU B 234 -36.46 29.32 -0.79
N ALA B 235 -36.79 30.18 -1.75
CA ALA B 235 -37.47 29.72 -2.95
C ALA B 235 -36.56 28.83 -3.79
N TYR B 236 -35.30 29.25 -3.97
CA TYR B 236 -34.33 28.42 -4.67
C TYR B 236 -34.17 27.06 -3.99
N THR B 237 -34.11 27.05 -2.66
CA THR B 237 -33.94 25.80 -1.92
C THR B 237 -35.14 24.88 -2.13
N ASN B 238 -36.35 25.41 -1.96
CA ASN B 238 -37.55 24.60 -2.18
C ASN B 238 -37.62 24.07 -3.61
N ALA B 239 -37.21 24.90 -4.58
CA ALA B 239 -37.20 24.45 -5.97
C ALA B 239 -36.22 23.29 -6.16
N LEU B 240 -35.01 23.40 -5.60
CA LEU B 240 -34.05 22.32 -5.71
C LEU B 240 -34.57 21.03 -5.08
N LEU B 241 -35.19 21.15 -3.90
CA LEU B 241 -35.84 19.98 -3.29
C LEU B 241 -36.90 19.40 -4.22
N LEU B 242 -37.68 20.26 -4.86
CA LEU B 242 -38.75 19.79 -5.76
C LEU B 242 -38.17 19.04 -6.97
N GLU B 243 -37.03 19.48 -7.48
CA GLU B 243 -36.45 18.85 -8.67
C GLU B 243 -36.23 17.36 -8.47
N ASN B 244 -35.47 16.98 -7.44
CA ASN B 244 -35.13 15.58 -7.18
C ASN B 244 -36.19 14.87 -6.35
N GLY B 245 -37.38 15.44 -6.21
CA GLY B 245 -38.48 14.79 -5.54
C GLY B 245 -38.23 14.41 -4.09
N ILE B 246 -37.85 15.40 -3.28
CA ILE B 246 -37.65 15.21 -1.85
C ILE B 246 -38.78 15.90 -1.12
N SER B 247 -39.49 15.15 -0.29
CA SER B 247 -40.66 15.69 0.40
C SER B 247 -40.22 16.74 1.41
N SER B 248 -40.64 17.98 1.19
CA SER B 248 -40.39 19.08 2.12
C SER B 248 -41.64 19.50 2.87
N SER B 249 -42.75 18.79 2.69
CA SER B 249 -43.99 19.11 3.38
C SER B 249 -43.92 18.63 4.83
N PRO B 250 -44.60 19.33 5.74
CA PRO B 250 -44.63 18.87 7.14
C PRO B 250 -45.31 17.51 7.26
N PHE B 251 -45.05 16.86 8.39
CA PHE B 251 -45.56 15.51 8.61
C PHE B 251 -47.08 15.50 8.70
N SER B 252 -47.67 14.44 8.19
CA SER B 252 -49.12 14.29 8.23
C SER B 252 -49.60 14.13 9.66
N ASP B 253 -50.84 14.57 9.91
CA ASP B 253 -51.39 14.53 11.25
C ASP B 253 -51.50 13.11 11.80
N GLU B 254 -51.67 12.12 10.92
CA GLU B 254 -51.72 10.73 11.37
C GLU B 254 -50.38 10.30 11.96
N VAL B 255 -49.27 10.67 11.28
CA VAL B 255 -47.95 10.38 11.82
C VAL B 255 -47.79 11.00 13.20
N LEU B 256 -48.30 12.22 13.38
CA LEU B 256 -48.28 12.84 14.70
C LEU B 256 -49.16 12.10 15.70
N ASN B 257 -50.26 11.49 15.23
CA ASN B 257 -51.05 10.65 16.11
C ASN B 257 -50.27 9.42 16.56
N CYS B 258 -49.37 8.92 15.71
CA CYS B 258 -48.49 7.84 16.14
C CYS B 258 -47.49 8.28 17.22
N LEU B 259 -47.23 9.59 17.34
CA LEU B 259 -46.23 10.08 18.27
C LEU B 259 -46.67 9.83 19.71
N PRO B 260 -45.72 9.60 20.61
CA PRO B 260 -46.04 9.51 22.04
C PRO B 260 -46.11 10.90 22.65
N PRO B 261 -46.74 11.02 23.82
CA PRO B 261 -46.78 12.33 24.50
C PRO B 261 -45.39 12.82 24.88
N ASP B 262 -45.22 14.14 24.85
CA ASP B 262 -43.93 14.74 25.18
C ASP B 262 -43.50 14.43 26.60
N ASP B 263 -44.45 14.17 27.50
CA ASP B 263 -44.11 13.84 28.88
C ASP B 263 -43.78 12.36 29.06
N TRP B 264 -43.47 11.66 27.97
CA TRP B 264 -43.07 10.27 28.07
C TRP B 264 -41.82 10.14 28.93
N ILE B 265 -41.88 9.24 29.90
CA ILE B 265 -40.75 8.99 30.78
C ILE B 265 -40.36 7.52 30.65
N ILE B 266 -39.14 7.22 31.04
CA ILE B 266 -38.66 5.84 31.01
C ILE B 266 -39.27 5.11 32.18
N SER B 267 -40.05 4.07 31.90
CA SER B 267 -40.71 3.32 32.96
C SER B 267 -39.69 2.54 33.78
N HIS B 268 -39.90 2.53 35.11
CA HIS B 268 -39.03 1.77 35.99
C HIS B 268 -38.97 0.31 35.56
N GLU B 269 -40.12 -0.27 35.23
CA GLU B 269 -40.14 -1.60 34.64
C GLU B 269 -39.35 -1.63 33.33
N GLU B 270 -39.52 -0.60 32.49
CA GLU B 270 -38.78 -0.53 31.24
C GLU B 270 -37.28 -0.38 31.51
N ILE B 271 -36.91 0.36 32.56
CA ILE B 271 -35.50 0.44 32.93
C ILE B 271 -34.98 -0.92 33.34
N LYS B 272 -35.84 -1.77 33.90
CA LYS B 272 -35.42 -3.13 34.23
C LYS B 272 -35.36 -4.03 33.00
N LYS B 273 -36.18 -3.78 31.98
CA LYS B 273 -36.17 -4.63 30.80
C LYS B 273 -34.87 -4.53 30.02
N ARG B 274 -34.15 -3.42 30.13
CA ARG B 274 -32.93 -3.19 29.37
C ARG B 274 -31.72 -3.30 30.29
N ARG B 275 -30.53 -3.11 29.71
CA ARG B 275 -29.30 -3.12 30.48
C ARG B 275 -29.01 -1.69 30.96
N ASP B 276 -28.85 -1.51 32.27
CA ASP B 276 -28.72 -0.18 32.85
C ASP B 276 -27.25 0.25 32.78
N LEU B 277 -26.88 0.89 31.66
CA LEU B 277 -25.53 1.42 31.49
C LEU B 277 -25.47 2.92 31.76
N ARG B 278 -26.50 3.47 32.42
CA ARG B 278 -26.55 4.90 32.69
C ARG B 278 -25.39 5.33 33.60
N ASN B 279 -25.08 4.53 34.62
CA ASN B 279 -24.03 4.88 35.56
C ASN B 279 -22.64 4.85 34.93
N GLU B 280 -22.49 4.30 33.73
CA GLU B 280 -21.21 4.22 33.06
C GLU B 280 -20.86 5.55 32.39
N LEU B 281 -19.65 5.63 31.85
CA LEU B 281 -19.13 6.83 31.21
C LEU B 281 -19.39 6.74 29.71
N ILE B 282 -20.33 7.54 29.21
CA ILE B 282 -20.74 7.52 27.82
C ILE B 282 -20.85 8.96 27.32
N ILE B 283 -20.35 9.20 26.10
CA ILE B 283 -20.30 10.54 25.51
C ILE B 283 -20.76 10.48 24.07
N THR B 284 -21.00 11.67 23.50
CA THR B 284 -21.47 11.82 22.12
C THR B 284 -20.57 12.84 21.42
N ILE B 285 -19.61 12.36 20.64
CA ILE B 285 -18.71 13.23 19.88
C ILE B 285 -19.36 13.49 18.52
N ASP B 286 -19.95 14.67 18.37
CA ASP B 286 -20.63 15.09 17.15
C ASP B 286 -20.28 16.55 16.89
N PRO B 287 -20.43 17.01 15.64
CA PRO B 287 -20.01 18.37 15.31
C PRO B 287 -20.82 19.43 16.03
N GLU B 288 -20.34 20.66 15.92
CA GLU B 288 -20.93 21.78 16.64
C GLU B 288 -22.38 22.01 16.20
N THR B 289 -22.66 21.89 14.90
CA THR B 289 -23.98 22.17 14.36
C THR B 289 -24.86 20.91 14.31
N ALA B 290 -24.93 20.19 15.42
CA ALA B 290 -25.68 18.94 15.49
C ALA B 290 -26.89 19.10 16.40
N ARG B 291 -28.05 18.62 15.94
CA ARG B 291 -29.26 18.55 16.74
C ARG B 291 -29.77 17.14 16.98
N ASP B 292 -29.57 16.22 16.03
CA ASP B 292 -29.97 14.83 16.18
C ASP B 292 -28.72 14.00 16.42
N LEU B 293 -28.55 13.53 17.66
CA LEU B 293 -27.39 12.75 18.06
C LEU B 293 -27.78 11.27 18.08
N ASN B 294 -27.06 10.45 17.32
CA ASN B 294 -27.36 9.02 17.21
C ASN B 294 -26.32 8.13 17.87
N ASP B 295 -25.05 8.48 17.80
CA ASP B 295 -23.97 7.60 18.25
C ASP B 295 -23.52 7.96 19.65
N ALA B 296 -23.06 6.95 20.39
CA ALA B 296 -22.45 7.16 21.70
C ALA B 296 -21.39 6.11 21.93
N VAL B 297 -20.20 6.53 22.37
CA VAL B 297 -19.09 5.62 22.57
C VAL B 297 -18.74 5.56 24.06
N SER B 298 -18.23 4.40 24.49
CA SER B 298 -17.78 4.23 25.87
C SER B 298 -16.66 3.20 25.91
N CYS B 299 -15.77 3.35 26.89
CA CYS B 299 -14.73 2.37 27.13
C CYS B 299 -14.50 2.19 28.63
N ARG B 300 -14.27 0.94 29.04
CA ARG B 300 -13.99 0.62 30.43
C ARG B 300 -12.79 -0.32 30.47
N ALA B 301 -11.68 0.14 31.05
CA ALA B 301 -10.48 -0.67 31.14
C ALA B 301 -10.63 -1.75 32.19
N LEU B 302 -10.53 -3.01 31.78
CA LEU B 302 -10.59 -4.13 32.71
C LEU B 302 -9.20 -4.43 33.28
N ASP B 303 -9.21 -5.12 34.42
CA ASP B 303 -7.96 -5.42 35.13
C ASP B 303 -7.07 -6.38 34.35
N ASN B 304 -7.64 -7.23 33.51
CA ASN B 304 -6.87 -8.22 32.76
C ASN B 304 -6.11 -7.62 31.57
N GLY B 305 -5.84 -6.30 31.59
CA GLY B 305 -5.09 -5.64 30.55
C GLY B 305 -5.88 -5.34 29.28
N THR B 306 -7.14 -5.73 29.22
CA THR B 306 -7.98 -5.49 28.06
C THR B 306 -8.94 -4.35 28.35
N TYR B 307 -9.82 -4.07 27.39
CA TYR B 307 -10.80 -3.01 27.50
C TYR B 307 -12.14 -3.50 26.98
N GLU B 308 -13.21 -2.97 27.56
CA GLU B 308 -14.58 -3.22 27.14
C GLU B 308 -15.08 -1.97 26.43
N VAL B 309 -15.19 -2.05 25.11
CA VAL B 309 -15.62 -0.93 24.27
C VAL B 309 -17.09 -1.12 23.93
N GLY B 310 -17.86 -0.04 23.99
CA GLY B 310 -19.29 -0.11 23.77
C GLY B 310 -19.76 0.99 22.86
N VAL B 311 -20.64 0.62 21.93
CA VAL B 311 -21.30 1.53 21.00
C VAL B 311 -22.79 1.50 21.29
N HIS B 312 -23.40 2.68 21.42
CA HIS B 312 -24.79 2.83 21.82
C HIS B 312 -25.50 3.70 20.80
N ILE B 313 -26.63 3.20 20.29
CA ILE B 313 -27.35 3.80 19.17
C ILE B 313 -28.81 3.91 19.55
N ALA B 314 -29.37 5.12 19.43
CA ALA B 314 -30.74 5.39 19.86
C ALA B 314 -31.70 4.34 19.31
N ASP B 315 -32.47 3.73 20.23
CA ASP B 315 -33.37 2.62 19.87
C ASP B 315 -34.66 3.22 19.33
N VAL B 316 -34.60 3.62 18.06
CA VAL B 316 -35.76 4.25 17.41
C VAL B 316 -36.88 3.25 17.21
N THR B 317 -36.55 1.98 16.94
CA THR B 317 -37.58 0.96 16.74
C THR B 317 -38.46 0.78 17.98
N HIS B 318 -38.00 1.23 19.14
CA HIS B 318 -38.86 1.27 20.32
C HIS B 318 -39.99 2.28 20.16
N PHE B 319 -39.84 3.24 19.24
CA PHE B 319 -40.86 4.25 18.97
C PHE B 319 -41.55 4.07 17.62
N VAL B 320 -40.81 3.73 16.57
CA VAL B 320 -41.37 3.56 15.23
C VAL B 320 -41.76 2.10 15.03
N LYS B 321 -43.10 1.85 14.81
CA LYS B 321 -43.68 0.53 14.66
C LYS B 321 -43.93 0.21 13.18
N PRO B 322 -43.89 -1.07 12.82
CA PRO B 322 -44.07 -1.45 11.41
C PRO B 322 -45.44 -1.08 10.89
N ASP B 323 -45.49 -0.72 9.60
CA ASP B 323 -46.72 -0.43 8.87
C ASP B 323 -47.50 0.76 9.44
N SER B 324 -46.94 1.42 10.45
CA SER B 324 -47.55 2.63 10.96
C SER B 324 -47.32 3.78 9.99
N ALA B 325 -48.16 4.81 10.10
CA ALA B 325 -48.02 5.99 9.25
C ALA B 325 -46.64 6.63 9.42
N LEU B 326 -46.13 6.63 10.65
CA LEU B 326 -44.77 7.10 10.89
C LEU B 326 -43.75 6.29 10.10
N ASP B 327 -43.91 4.95 10.11
CA ASP B 327 -43.02 4.11 9.33
C ASP B 327 -43.13 4.41 7.85
N LYS B 328 -44.35 4.67 7.37
CA LYS B 328 -44.55 4.97 5.95
C LYS B 328 -43.85 6.27 5.56
N GLU B 329 -44.01 7.32 6.38
CA GLU B 329 -43.34 8.58 6.06
C GLU B 329 -41.83 8.45 6.16
N ALA B 330 -41.34 7.66 7.13
CA ALA B 330 -39.89 7.45 7.24
C ALA B 330 -39.34 6.73 6.01
N ALA B 331 -40.06 5.70 5.54
CA ALA B 331 -39.63 5.00 4.33
C ALA B 331 -39.76 5.90 3.10
N SER B 332 -40.73 6.81 3.09
CA SER B 332 -40.86 7.74 1.98
C SER B 332 -39.68 8.69 1.91
N ARG B 333 -39.33 9.32 3.04
CA ARG B 333 -38.18 10.21 3.05
C ARG B 333 -36.85 9.45 3.04
N ALA B 334 -36.85 8.22 3.56
CA ALA B 334 -35.72 7.29 3.48
C ALA B 334 -34.50 7.77 4.27
N THR B 335 -34.14 9.05 4.14
CA THR B 335 -32.99 9.59 4.85
C THR B 335 -33.22 11.06 5.14
N THR B 336 -32.50 11.57 6.13
CA THR B 336 -32.52 12.99 6.45
C THR B 336 -31.66 13.74 5.44
N VAL B 337 -32.25 14.73 4.77
CA VAL B 337 -31.54 15.54 3.79
C VAL B 337 -31.01 16.77 4.51
N TYR B 338 -29.70 16.98 4.40
CA TYR B 338 -29.02 18.06 5.12
C TYR B 338 -28.65 19.17 4.15
N LEU B 339 -29.24 20.34 4.34
CA LEU B 339 -28.93 21.52 3.56
C LEU B 339 -28.08 22.47 4.39
N VAL B 340 -27.64 23.56 3.76
CA VAL B 340 -26.71 24.47 4.42
C VAL B 340 -27.40 25.20 5.57
N GLN B 341 -28.60 25.72 5.32
CA GLN B 341 -29.29 26.56 6.29
C GLN B 341 -30.35 25.80 7.09
N LYS B 342 -30.75 24.61 6.66
CA LYS B 342 -31.76 23.84 7.37
C LYS B 342 -31.57 22.37 7.02
N ALA B 343 -32.48 21.54 7.51
CA ALA B 343 -32.41 20.10 7.29
C ALA B 343 -33.83 19.54 7.24
N ILE B 344 -34.06 18.63 6.30
CA ILE B 344 -35.34 17.94 6.17
C ILE B 344 -35.24 16.64 6.97
N PRO B 345 -35.93 16.51 8.09
CA PRO B 345 -35.77 15.31 8.92
C PRO B 345 -36.52 14.12 8.34
N MET B 346 -36.01 12.92 8.67
CA MET B 346 -36.71 11.69 8.32
C MET B 346 -37.82 11.39 9.32
N LEU B 347 -37.63 11.72 10.58
CA LEU B 347 -38.55 11.48 11.67
C LEU B 347 -39.06 12.80 12.22
N PRO B 348 -40.20 12.79 12.91
CA PRO B 348 -40.75 14.06 13.41
C PRO B 348 -39.80 14.72 14.35
N PRO B 349 -39.82 16.06 14.44
CA PRO B 349 -38.83 16.78 15.25
C PRO B 349 -38.85 16.41 16.72
N LEU B 350 -40.02 16.01 17.25
CA LEU B 350 -40.09 15.60 18.64
C LEU B 350 -39.15 14.43 18.93
N LEU B 351 -39.10 13.45 18.02
CA LEU B 351 -38.19 12.33 18.19
C LEU B 351 -36.75 12.70 17.79
N CYS B 352 -36.59 13.40 16.67
CA CYS B 352 -35.26 13.63 16.12
C CYS B 352 -34.46 14.63 16.93
N GLU B 353 -35.10 15.51 17.69
CA GLU B 353 -34.40 16.54 18.43
C GLU B 353 -34.53 16.43 19.94
N ARG B 354 -35.46 15.62 20.45
CA ARG B 354 -35.67 15.54 21.89
C ARG B 354 -35.68 14.10 22.39
N LEU B 355 -36.68 13.32 21.99
CA LEU B 355 -36.92 12.02 22.62
C LEU B 355 -35.86 11.00 22.23
N CYS B 356 -35.52 10.91 20.95
CA CYS B 356 -34.56 9.91 20.50
C CYS B 356 -33.12 10.40 20.54
N SER B 357 -32.90 11.69 20.36
CA SER B 357 -31.54 12.24 20.35
C SER B 357 -30.84 11.97 21.68
N LEU B 358 -29.59 11.51 21.59
CA LEU B 358 -28.80 11.16 22.77
C LEU B 358 -28.17 12.43 23.34
N ASN B 359 -29.04 13.29 23.87
CA ASN B 359 -28.60 14.54 24.47
C ASN B 359 -27.81 14.27 25.75
N PRO B 360 -26.96 15.21 26.16
CA PRO B 360 -26.14 14.99 27.35
C PRO B 360 -26.95 15.12 28.64
N ASN B 361 -26.53 14.34 29.64
CA ASN B 361 -27.14 14.34 30.96
C ASN B 361 -28.63 14.03 30.90
N VAL B 362 -29.03 13.17 29.96
CA VAL B 362 -30.42 12.74 29.80
C VAL B 362 -30.44 11.23 29.61
N GLU B 363 -31.36 10.56 30.30
CA GLU B 363 -31.54 9.12 30.11
C GLU B 363 -32.18 8.84 28.76
N ARG B 364 -31.69 7.80 28.09
CA ARG B 364 -32.10 7.48 26.73
C ARG B 364 -32.08 5.97 26.54
N LEU B 365 -33.06 5.46 25.80
CA LEU B 365 -33.13 4.04 25.46
C LEU B 365 -32.40 3.81 24.14
N ALA B 366 -31.45 2.89 24.13
CA ALA B 366 -30.61 2.69 22.96
C ALA B 366 -30.14 1.24 22.90
N PHE B 367 -30.03 0.72 21.68
CA PHE B 367 -29.42 -0.59 21.50
C PHE B 367 -27.90 -0.45 21.57
N SER B 368 -27.22 -1.44 22.13
CA SER B 368 -25.80 -1.34 22.38
C SER B 368 -25.09 -2.62 22.00
N VAL B 369 -23.85 -2.46 21.54
CA VAL B 369 -22.97 -3.55 21.17
C VAL B 369 -21.64 -3.35 21.88
N PHE B 370 -21.16 -4.41 22.53
CA PHE B 370 -19.93 -4.35 23.33
C PHE B 370 -18.92 -5.37 22.81
N TRP B 371 -17.65 -4.98 22.84
CA TRP B 371 -16.55 -5.84 22.46
C TRP B 371 -15.49 -5.85 23.55
N LYS B 372 -14.73 -6.92 23.59
CA LYS B 372 -13.57 -7.06 24.48
C LYS B 372 -12.33 -7.01 23.60
N LEU B 373 -11.57 -5.93 23.71
CA LEU B 373 -10.44 -5.67 22.82
C LEU B 373 -9.16 -5.48 23.62
N ASP B 374 -8.04 -5.78 22.98
CA ASP B 374 -6.73 -5.57 23.58
C ASP B 374 -6.24 -4.18 23.19
N SER B 375 -4.96 -3.91 23.41
CA SER B 375 -4.41 -2.61 23.02
C SER B 375 -4.38 -2.44 21.51
N ASN B 376 -4.29 -3.54 20.77
CA ASN B 376 -4.34 -3.49 19.30
C ASN B 376 -5.76 -3.48 18.75
N GLY B 377 -6.74 -3.90 19.53
CA GLY B 377 -8.13 -3.90 19.11
C GLY B 377 -8.69 -5.22 18.68
N LYS B 378 -7.90 -6.30 18.71
CA LYS B 378 -8.43 -7.62 18.36
C LYS B 378 -9.44 -8.08 19.39
N GLU B 379 -10.54 -8.67 18.90
CA GLU B 379 -11.57 -9.20 19.79
C GLU B 379 -10.99 -10.33 20.63
N ILE B 380 -10.76 -10.06 21.92
CA ILE B 380 -10.22 -11.10 22.80
C ILE B 380 -11.35 -11.98 23.32
N GLY B 381 -12.39 -11.36 23.87
CA GLY B 381 -13.55 -12.08 24.35
C GLY B 381 -14.72 -11.95 23.39
N LYS B 382 -15.74 -12.77 23.63
CA LYS B 382 -16.92 -12.75 22.78
C LYS B 382 -17.63 -11.40 22.87
N ARG B 383 -18.22 -10.99 21.75
CA ARG B 383 -18.99 -9.75 21.70
C ARG B 383 -20.29 -9.91 22.48
N TRP B 384 -20.99 -8.79 22.68
CA TRP B 384 -22.29 -8.77 23.33
C TRP B 384 -23.22 -7.81 22.60
N PHE B 385 -24.46 -8.24 22.40
CA PHE B 385 -25.49 -7.42 21.77
C PHE B 385 -26.69 -7.31 22.69
N GLY B 386 -27.32 -6.13 22.74
CA GLY B 386 -28.55 -6.01 23.50
C GLY B 386 -29.06 -4.60 23.73
N LYS B 387 -30.33 -4.47 24.10
CA LYS B 387 -30.92 -3.15 24.35
C LYS B 387 -30.66 -2.67 25.78
N THR B 388 -30.26 -1.40 25.89
CA THR B 388 -29.80 -0.80 27.12
C THR B 388 -30.47 0.56 27.31
N VAL B 389 -30.29 1.11 28.50
CA VAL B 389 -30.66 2.48 28.84
C VAL B 389 -29.42 3.17 29.37
N ILE B 390 -29.04 4.30 28.75
CA ILE B 390 -27.78 4.97 29.02
C ILE B 390 -28.05 6.45 29.27
N LYS B 391 -27.14 7.08 30.02
CA LYS B 391 -27.17 8.53 30.24
C LYS B 391 -25.80 9.09 29.91
N THR B 392 -25.73 9.86 28.82
CA THR B 392 -24.45 10.40 28.39
C THR B 392 -23.89 11.35 29.45
N CYS B 393 -22.61 11.19 29.77
CA CYS B 393 -22.00 12.01 30.81
C CYS B 393 -21.75 13.44 30.33
N ALA B 394 -21.45 13.62 29.04
CA ALA B 394 -21.19 14.93 28.49
C ALA B 394 -21.29 14.85 26.97
N ARG B 395 -21.53 16.00 26.36
CA ARG B 395 -21.53 16.14 24.91
C ARG B 395 -20.28 16.87 24.46
N LEU B 396 -19.64 16.37 23.41
CA LEU B 396 -18.37 16.88 22.94
C LEU B 396 -18.43 17.17 21.45
N ALA B 397 -17.69 18.20 21.04
CA ALA B 397 -17.50 18.52 19.62
C ALA B 397 -16.22 17.88 19.11
N TYR B 398 -16.18 17.64 17.80
CA TYR B 398 -15.00 17.02 17.20
C TYR B 398 -13.75 17.86 17.43
N SER B 399 -13.88 19.19 17.38
CA SER B 399 -12.74 20.05 17.64
C SER B 399 -12.20 19.87 19.06
N GLU B 400 -13.11 19.82 20.04
CA GLU B 400 -12.69 19.62 21.42
C GLU B 400 -12.09 18.23 21.62
N ALA B 401 -12.66 17.21 20.96
CA ALA B 401 -12.08 15.88 21.03
C ALA B 401 -10.67 15.85 20.47
N GLN B 402 -10.45 16.50 19.32
CA GLN B 402 -9.11 16.61 18.76
C GLN B 402 -8.17 17.32 19.71
N GLY B 403 -8.62 18.44 20.29
CA GLY B 403 -7.81 19.13 21.28
C GLY B 403 -7.40 18.24 22.43
N VAL B 404 -8.32 17.38 22.88
CA VAL B 404 -7.97 16.39 23.90
C VAL B 404 -6.92 15.41 23.37
N ILE B 405 -7.11 14.96 22.13
CA ILE B 405 -6.18 13.99 21.52
C ILE B 405 -4.77 14.58 21.44
N GLU B 406 -4.66 15.87 21.17
CA GLU B 406 -3.35 16.51 21.09
C GLU B 406 -2.64 16.57 22.43
N GLY B 407 -3.29 16.15 23.51
CA GLY B 407 -2.68 16.12 24.83
C GLY B 407 -3.11 17.23 25.74
N LYS B 408 -3.99 18.13 25.30
CA LYS B 408 -4.46 19.21 26.14
C LYS B 408 -5.48 18.69 27.15
N SER B 409 -5.73 19.49 28.18
CA SER B 409 -6.65 19.12 29.25
C SER B 409 -8.07 19.55 28.91
N TRP B 410 -9.03 18.82 29.50
CA TRP B 410 -10.45 19.07 29.26
C TRP B 410 -10.82 20.52 29.55
N ASP B 411 -10.25 21.09 30.61
CA ASP B 411 -10.58 22.47 30.97
C ASP B 411 -10.08 23.46 29.92
N ASP B 412 -9.02 23.11 29.19
CA ASP B 412 -8.52 23.98 28.14
C ASP B 412 -9.24 23.80 26.81
N ALA B 413 -9.88 22.66 26.60
CA ALA B 413 -10.53 22.37 25.32
C ALA B 413 -12.05 22.30 25.47
N VAL B 414 -12.58 21.32 26.19
CA VAL B 414 -14.03 21.17 26.33
C VAL B 414 -14.54 22.21 27.30
N GLY B 415 -14.17 22.07 28.58
CA GLY B 415 -14.61 23.01 29.60
C GLY B 415 -16.09 22.96 29.90
N LYS B 416 -16.66 21.77 29.97
CA LYS B 416 -18.08 21.55 30.21
C LYS B 416 -18.29 20.70 31.46
N PRO B 417 -19.44 20.84 32.12
CA PRO B 417 -19.71 20.02 33.30
C PRO B 417 -19.99 18.58 32.92
N ILE B 418 -19.51 17.66 33.74
CA ILE B 418 -19.62 16.23 33.53
C ILE B 418 -20.53 15.68 34.62
N GLY B 419 -21.81 15.52 34.30
CA GLY B 419 -22.75 14.98 35.28
C GLY B 419 -22.37 13.58 35.71
N GLY B 420 -22.47 13.33 37.01
CA GLY B 420 -22.17 12.02 37.57
C GLY B 420 -20.81 12.00 38.24
N THR B 421 -20.50 10.84 38.82
CA THR B 421 -19.21 10.64 39.47
C THR B 421 -18.04 10.72 38.50
N HIS B 422 -18.31 10.68 37.19
CA HIS B 422 -17.27 10.68 36.17
C HIS B 422 -16.41 11.93 36.27
N THR B 423 -15.13 11.75 36.60
CA THR B 423 -14.21 12.86 36.71
C THR B 423 -13.71 13.27 35.33
N PRO B 424 -13.24 14.53 35.18
CA PRO B 424 -12.66 14.94 33.89
C PRO B 424 -11.50 14.07 33.45
N LYS B 425 -10.61 13.69 34.39
CA LYS B 425 -9.42 12.93 34.02
C LYS B 425 -9.78 11.51 33.59
N ASP B 426 -10.82 10.92 34.17
CA ASP B 426 -11.31 9.64 33.70
C ASP B 426 -11.75 9.73 32.24
N VAL B 427 -12.50 10.79 31.90
CA VAL B 427 -12.97 10.96 30.53
C VAL B 427 -11.79 11.19 29.59
N GLU B 428 -10.79 11.96 30.04
CA GLU B 428 -9.58 12.15 29.23
C GLU B 428 -8.90 10.83 28.93
N THR B 429 -8.71 10.00 29.98
CA THR B 429 -8.07 8.70 29.79
C THR B 429 -8.87 7.82 28.83
N SER B 430 -10.19 7.80 28.97
CA SER B 430 -11.02 6.98 28.08
C SER B 430 -10.91 7.47 26.64
N ILE B 431 -10.96 8.78 26.42
CA ILE B 431 -10.88 9.34 25.07
C ILE B 431 -9.54 8.99 24.43
N LEU B 432 -8.45 9.15 25.18
CA LEU B 432 -7.13 8.86 24.62
C LEU B 432 -6.97 7.37 24.32
N THR B 433 -7.49 6.52 25.21
CA THR B 433 -7.49 5.09 24.95
C THR B 433 -8.22 4.76 23.65
N LEU B 434 -9.43 5.31 23.49
CA LEU B 434 -10.20 5.07 22.28
C LEU B 434 -9.46 5.60 21.05
N CYS B 435 -8.75 6.71 21.18
CA CYS B 435 -8.01 7.25 20.05
C CYS B 435 -6.90 6.30 19.61
N GLU B 436 -6.14 5.77 20.58
CA GLU B 436 -5.09 4.82 20.24
C GLU B 436 -5.67 3.55 19.61
N ILE B 437 -6.76 3.03 20.19
CA ILE B 437 -7.40 1.84 19.64
C ILE B 437 -7.86 2.10 18.21
N SER B 438 -8.44 3.27 17.95
CA SER B 438 -8.94 3.58 16.62
C SER B 438 -7.79 3.71 15.62
N ARG B 439 -6.67 4.30 16.04
CA ARG B 439 -5.50 4.35 15.16
C ARG B 439 -5.04 2.95 14.80
N LYS B 440 -4.97 2.05 15.80
CA LYS B 440 -4.55 0.67 15.52
C LYS B 440 -5.52 -0.01 14.55
N LEU B 441 -6.83 0.14 14.80
CA LEU B 441 -7.81 -0.50 13.93
C LEU B 441 -7.77 0.06 12.52
N ARG B 442 -7.48 1.36 12.37
CA ARG B 442 -7.38 1.96 11.06
C ARG B 442 -6.15 1.44 10.31
N LYS B 443 -5.02 1.35 11.00
CA LYS B 443 -3.82 0.77 10.39
C LYS B 443 -4.10 -0.66 9.92
N ASP B 444 -4.77 -1.46 10.76
CA ASP B 444 -5.08 -2.83 10.36
C ASP B 444 -6.04 -2.86 9.17
N ARG B 445 -7.07 -2.01 9.20
CA ARG B 445 -8.05 -1.99 8.12
C ARG B 445 -7.40 -1.68 6.78
N PHE B 446 -6.56 -0.64 6.72
CA PHE B 446 -5.92 -0.30 5.45
C PHE B 446 -4.84 -1.32 5.08
N ALA B 447 -4.10 -1.84 6.05
CA ALA B 447 -3.09 -2.83 5.75
C ALA B 447 -3.70 -4.11 5.20
N LYS B 448 -4.93 -4.44 5.61
CA LYS B 448 -5.59 -5.63 5.09
C LYS B 448 -6.08 -5.43 3.66
N GLY B 449 -6.27 -4.18 3.22
CA GLY B 449 -6.68 -3.94 1.85
C GLY B 449 -7.73 -2.86 1.63
N ALA B 450 -8.14 -2.16 2.69
CA ALA B 450 -9.15 -1.13 2.52
C ALA B 450 -8.59 0.06 1.74
N VAL B 451 -9.49 0.94 1.32
CA VAL B 451 -9.14 2.12 0.52
C VAL B 451 -9.60 3.37 1.25
N GLU B 452 -8.72 4.36 1.34
CA GLU B 452 -9.01 5.64 2.00
C GLU B 452 -9.03 6.74 0.95
N ILE B 453 -10.21 7.22 0.58
CA ILE B 453 -10.33 8.39 -0.28
C ILE B 453 -11.30 9.36 0.37
N ASN B 454 -10.85 10.59 0.60
CA ASN B 454 -11.66 11.63 1.22
C ASN B 454 -12.28 12.51 0.14
N SER B 455 -13.60 12.56 0.09
CA SER B 455 -14.33 13.38 -0.86
C SER B 455 -14.23 14.85 -0.41
N THR B 456 -14.97 15.73 -1.08
CA THR B 456 -14.92 17.16 -0.82
C THR B 456 -16.24 17.61 -0.21
N GLU B 457 -16.16 18.53 0.74
CA GLU B 457 -17.34 19.05 1.41
C GLU B 457 -17.05 20.46 1.90
N LEU B 458 -17.99 21.37 1.65
CA LEU B 458 -17.84 22.80 1.96
C LEU B 458 -18.73 23.16 3.14
N LYS B 459 -18.12 23.44 4.29
CA LYS B 459 -18.87 23.93 5.44
C LYS B 459 -18.93 25.45 5.38
N PHE B 460 -20.15 25.98 5.48
CA PHE B 460 -20.39 27.42 5.55
C PHE B 460 -20.89 27.78 6.94
N GLN B 461 -20.41 28.90 7.46
CA GLN B 461 -21.04 29.56 8.60
C GLN B 461 -21.80 30.77 8.08
N LEU B 462 -23.05 30.89 8.52
CA LEU B 462 -24.02 31.85 8.00
C LEU B 462 -24.22 32.99 9.00
N ASP B 463 -24.72 34.10 8.50
CA ASP B 463 -25.05 35.25 9.32
C ASP B 463 -26.47 35.09 9.88
N GLU B 464 -27.00 36.16 10.48
CA GLU B 464 -28.35 36.10 11.03
C GLU B 464 -29.41 35.96 9.94
N TYR B 465 -29.14 36.51 8.76
CA TYR B 465 -30.08 36.40 7.64
C TYR B 465 -29.91 35.12 6.84
N GLY B 466 -28.97 34.27 7.22
CA GLY B 466 -28.67 33.07 6.46
C GLY B 466 -27.65 33.26 5.36
N MET B 467 -27.19 34.49 5.14
CA MET B 467 -26.17 34.72 4.13
C MET B 467 -24.81 34.22 4.65
N PRO B 468 -24.06 33.51 3.82
CA PRO B 468 -22.76 32.97 4.27
C PRO B 468 -21.78 34.08 4.60
N ASN B 469 -21.32 34.10 5.85
CA ASN B 469 -20.24 35.00 6.23
C ASN B 469 -18.89 34.33 6.22
N LYS B 470 -18.84 32.99 6.30
CA LYS B 470 -17.58 32.28 6.19
C LYS B 470 -17.81 30.99 5.39
N CYS B 471 -16.86 30.65 4.53
CA CYS B 471 -16.95 29.46 3.71
C CYS B 471 -15.60 28.77 3.68
N GLU B 472 -15.56 27.48 4.02
CA GLU B 472 -14.29 26.77 4.09
C GLU B 472 -14.52 25.29 3.85
N VAL B 473 -13.47 24.61 3.37
CA VAL B 473 -13.51 23.17 3.18
C VAL B 473 -13.27 22.48 4.51
N TYR B 474 -13.84 21.29 4.67
CA TYR B 474 -13.79 20.55 5.92
C TYR B 474 -12.69 19.49 5.85
N GLU B 475 -11.78 19.53 6.81
CA GLU B 475 -10.72 18.55 6.95
C GLU B 475 -11.01 17.63 8.12
N GLN B 476 -10.66 16.35 7.97
CA GLN B 476 -10.96 15.33 8.96
C GLN B 476 -9.84 15.21 9.98
N THR B 477 -10.14 15.53 11.24
CA THR B 477 -9.19 15.41 12.33
C THR B 477 -9.18 13.96 12.85
N ASP B 478 -8.28 13.68 13.80
CA ASP B 478 -8.13 12.31 14.30
C ASP B 478 -9.38 11.80 15.00
N ALA B 479 -10.15 12.69 15.63
CA ALA B 479 -11.40 12.26 16.27
C ALA B 479 -12.40 11.76 15.24
N ASN B 480 -12.42 12.40 14.06
CA ASN B 480 -13.26 11.92 12.97
C ASN B 480 -12.93 10.47 12.64
N HIS B 481 -11.65 10.15 12.49
CA HIS B 481 -11.27 8.77 12.18
C HIS B 481 -11.54 7.83 13.36
N LEU B 482 -11.46 8.32 14.59
CA LEU B 482 -11.85 7.52 15.75
C LEU B 482 -13.30 7.07 15.62
N ILE B 483 -14.21 8.04 15.47
CA ILE B 483 -15.62 7.72 15.33
C ILE B 483 -15.84 6.83 14.11
N GLU B 484 -15.12 7.11 13.02
CA GLU B 484 -15.27 6.32 11.81
C GLU B 484 -14.95 4.85 12.08
N GLU B 485 -13.79 4.59 12.70
CA GLU B 485 -13.37 3.21 12.93
C GLU B 485 -14.34 2.48 13.85
N PHE B 486 -14.79 3.13 14.92
CA PHE B 486 -15.65 2.41 15.85
C PHE B 486 -17.05 2.19 15.28
N MET B 487 -17.57 3.16 14.54
CA MET B 487 -18.86 2.96 13.86
C MET B 487 -18.74 1.86 12.81
N LEU B 488 -17.62 1.79 12.09
CA LEU B 488 -17.41 0.71 11.14
C LEU B 488 -17.41 -0.64 11.84
N LEU B 489 -16.73 -0.73 12.99
CA LEU B 489 -16.72 -1.98 13.73
C LEU B 489 -18.13 -2.40 14.13
N ALA B 490 -18.90 -1.45 14.68
CA ALA B 490 -20.27 -1.77 15.08
C ALA B 490 -21.11 -2.23 13.89
N ASN B 491 -21.07 -1.48 12.79
CA ASN B 491 -21.85 -1.82 11.61
C ASN B 491 -21.47 -3.19 11.07
N ARG B 492 -20.18 -3.46 10.96
CA ARG B 492 -19.72 -4.73 10.42
C ARG B 492 -20.14 -5.90 11.30
N SER B 493 -20.02 -5.74 12.63
CA SER B 493 -20.45 -6.81 13.53
C SER B 493 -21.95 -7.07 13.42
N VAL B 494 -22.75 -6.01 13.37
CA VAL B 494 -24.20 -6.17 13.24
C VAL B 494 -24.53 -6.86 11.92
N ALA B 495 -23.84 -6.49 10.85
CA ALA B 495 -24.07 -7.12 9.55
C ALA B 495 -23.75 -8.60 9.61
N GLU B 496 -22.60 -8.96 10.18
CA GLU B 496 -22.24 -10.37 10.30
C GLU B 496 -23.29 -11.14 11.08
N HIS B 497 -23.75 -10.57 12.19
CA HIS B 497 -24.74 -11.26 13.03
C HIS B 497 -26.04 -11.49 12.28
N ILE B 498 -26.62 -10.42 11.72
CA ILE B 498 -27.92 -10.56 11.06
C ILE B 498 -27.82 -11.34 9.76
N SER B 499 -26.64 -11.41 9.14
CA SER B 499 -26.48 -12.25 7.96
C SER B 499 -26.36 -13.72 8.35
N LYS B 500 -25.68 -14.01 9.46
CA LYS B 500 -25.65 -15.38 9.96
C LYS B 500 -27.04 -15.88 10.32
N ASN B 501 -27.83 -15.04 10.99
CA ASN B 501 -29.15 -15.50 11.44
C ASN B 501 -30.13 -15.59 10.27
N PHE B 502 -30.37 -14.49 9.59
CA PHE B 502 -31.29 -14.44 8.46
C PHE B 502 -30.50 -14.37 7.15
N SER B 503 -29.90 -15.49 6.77
CA SER B 503 -29.09 -15.56 5.57
C SER B 503 -29.89 -15.26 4.30
N ASN B 504 -31.22 -15.25 4.38
CA ASN B 504 -32.07 -14.91 3.24
C ASN B 504 -32.77 -13.57 3.38
N ASN B 505 -33.00 -13.10 4.62
CA ASN B 505 -33.73 -11.85 4.81
C ASN B 505 -32.91 -10.85 5.63
N SER B 506 -31.72 -10.51 5.14
CA SER B 506 -30.85 -9.54 5.79
C SER B 506 -30.56 -8.39 4.84
N LEU B 507 -30.63 -7.17 5.37
CA LEU B 507 -30.37 -5.96 4.59
C LEU B 507 -28.92 -5.52 4.84
N LEU B 508 -28.06 -5.72 3.85
CA LEU B 508 -26.66 -5.34 3.94
C LEU B 508 -26.32 -4.36 2.81
N ARG B 509 -25.07 -3.91 2.80
CA ARG B 509 -24.59 -3.01 1.76
C ARG B 509 -23.44 -3.66 1.01
N ARG B 510 -23.34 -3.35 -0.28
CA ARG B 510 -22.34 -3.93 -1.16
C ARG B 510 -21.66 -2.84 -1.99
N HIS B 511 -20.42 -3.11 -2.39
CA HIS B 511 -19.66 -2.20 -3.24
C HIS B 511 -18.72 -3.05 -4.08
N ALA B 512 -19.08 -3.26 -5.36
CA ALA B 512 -18.31 -4.12 -6.24
C ALA B 512 -17.04 -3.43 -6.74
N SER B 513 -16.20 -4.21 -7.41
CA SER B 513 -14.98 -3.70 -7.99
C SER B 513 -15.29 -2.61 -9.01
N PRO B 514 -14.36 -1.67 -9.24
CA PRO B 514 -14.63 -0.55 -10.15
C PRO B 514 -14.82 -1.01 -11.60
N LYS B 515 -15.41 -0.11 -12.39
CA LYS B 515 -15.62 -0.37 -13.81
C LYS B 515 -14.27 -0.38 -14.52
N GLU B 516 -14.07 -1.39 -15.37
CA GLU B 516 -12.78 -1.53 -16.03
C GLU B 516 -12.45 -0.31 -16.88
N LYS B 517 -13.47 0.25 -17.54
CA LYS B 517 -13.24 1.37 -18.44
C LYS B 517 -12.97 2.64 -17.66
N GLN B 518 -13.79 2.92 -16.63
CA GLN B 518 -13.56 4.09 -15.80
C GLN B 518 -12.15 4.11 -15.22
N ILE B 519 -11.67 2.97 -14.75
CA ILE B 519 -10.34 2.94 -14.16
C ILE B 519 -9.27 3.10 -15.24
N ASN B 520 -9.50 2.53 -16.43
CA ASN B 520 -8.55 2.77 -17.51
C ASN B 520 -8.48 4.25 -17.88
N GLU B 521 -9.63 4.94 -17.89
CA GLU B 521 -9.63 6.37 -18.17
C GLU B 521 -8.89 7.15 -17.09
N PHE B 522 -9.11 6.80 -15.83
CA PHE B 522 -8.38 7.47 -14.75
C PHE B 522 -6.88 7.23 -14.88
N CYS B 523 -6.48 6.01 -15.26
CA CYS B 523 -5.08 5.72 -15.48
C CYS B 523 -4.50 6.52 -16.63
N HIS B 524 -5.28 6.74 -17.70
CA HIS B 524 -4.78 7.53 -18.81
C HIS B 524 -4.64 9.00 -18.44
N PHE B 525 -5.55 9.51 -17.61
CA PHE B 525 -5.39 10.87 -17.09
C PHE B 525 -4.13 10.98 -16.25
N LEU B 526 -3.85 9.95 -15.45
CA LEU B 526 -2.61 9.95 -14.67
C LEU B 526 -1.39 9.81 -15.57
N LYS B 527 -1.51 9.11 -16.71
CA LYS B 527 -0.44 9.11 -17.70
C LYS B 527 -0.17 10.53 -18.19
N SER B 528 -1.24 11.30 -18.37
CA SER B 528 -1.07 12.73 -18.65
C SER B 528 -0.34 13.42 -17.51
N MET B 529 -0.61 13.02 -16.27
CA MET B 529 0.13 13.51 -15.12
C MET B 529 1.42 12.73 -14.85
N ASN B 530 1.85 11.87 -15.77
CA ASN B 530 3.10 11.11 -15.64
C ASN B 530 3.08 10.26 -14.36
N PHE B 531 2.00 9.53 -14.16
CA PHE B 531 1.83 8.69 -12.98
C PHE B 531 1.13 7.39 -13.37
N ASP B 532 1.45 6.32 -12.65
CA ASP B 532 0.89 5.00 -12.93
C ASP B 532 0.03 4.56 -11.75
N PHE B 533 -1.14 3.99 -12.05
CA PHE B 533 -2.10 3.56 -11.04
C PHE B 533 -2.39 2.07 -11.24
N ASP B 534 -2.07 1.26 -10.23
CA ASP B 534 -2.36 -0.17 -10.25
C ASP B 534 -3.67 -0.43 -9.52
N ALA B 535 -4.73 -0.69 -10.27
CA ALA B 535 -6.03 -1.08 -9.72
C ALA B 535 -6.22 -2.58 -9.62
N SER B 536 -5.16 -3.37 -9.75
CA SER B 536 -5.27 -4.83 -9.68
C SER B 536 -5.95 -5.30 -8.39
N SER B 537 -5.81 -4.54 -7.31
CA SER B 537 -6.46 -4.88 -6.06
C SER B 537 -6.78 -3.61 -5.29
N SER B 538 -7.68 -3.73 -4.32
CA SER B 538 -8.00 -2.60 -3.46
C SER B 538 -6.76 -2.10 -2.73
N ALA B 539 -5.91 -3.02 -2.27
CA ALA B 539 -4.67 -2.62 -1.60
C ALA B 539 -3.76 -1.87 -2.56
N ALA B 540 -3.60 -2.38 -3.78
CA ALA B 540 -2.81 -1.68 -4.78
C ALA B 540 -3.45 -0.34 -5.14
N PHE B 541 -4.78 -0.29 -5.15
CA PHE B 541 -5.49 0.97 -5.41
C PHE B 541 -5.11 2.01 -4.36
N ASN B 542 -5.21 1.65 -3.08
CA ASN B 542 -4.87 2.60 -2.02
C ASN B 542 -3.39 2.96 -2.03
N ALA B 543 -2.52 2.00 -2.37
CA ALA B 543 -1.10 2.30 -2.46
C ALA B 543 -0.81 3.30 -3.57
N SER B 544 -1.45 3.13 -4.73
CA SER B 544 -1.31 4.09 -5.82
C SER B 544 -1.83 5.45 -5.40
N MET B 545 -2.94 5.49 -4.65
CA MET B 545 -3.45 6.75 -4.13
C MET B 545 -2.41 7.42 -3.23
N VAL B 546 -1.76 6.64 -2.35
CA VAL B 546 -0.75 7.19 -1.45
C VAL B 546 0.43 7.74 -2.24
N ARG B 547 0.91 7.00 -3.24
CA ARG B 547 2.00 7.49 -4.08
C ARG B 547 1.61 8.79 -4.79
N LEU B 548 0.37 8.85 -5.31
CA LEU B 548 -0.10 10.08 -5.94
C LEU B 548 -0.08 11.24 -4.97
N ARG B 549 -0.59 11.02 -3.74
CA ARG B 549 -0.55 12.06 -2.72
C ARG B 549 0.88 12.51 -2.44
N SER B 550 1.83 11.58 -2.47
CA SER B 550 3.24 11.90 -2.27
C SER B 550 3.95 12.32 -3.56
N THR B 551 3.20 12.52 -4.66
CA THR B 551 3.80 12.89 -5.93
C THR B 551 3.48 14.31 -6.36
N PHE B 552 2.27 14.79 -6.13
CA PHE B 552 1.86 16.13 -6.52
C PHE B 552 1.45 16.93 -5.30
N ASN B 553 1.23 18.23 -5.50
CA ASN B 553 0.77 19.09 -4.43
C ASN B 553 -0.64 18.70 -4.00
N GLU B 554 -1.00 19.15 -2.79
CA GLU B 554 -2.20 18.66 -2.12
C GLU B 554 -3.48 19.05 -2.85
N GLU B 555 -3.47 20.17 -3.58
CA GLU B 555 -4.69 20.64 -4.24
C GLU B 555 -5.01 19.80 -5.47
N LEU B 556 -4.01 19.57 -6.32
CA LEU B 556 -4.17 18.61 -7.40
C LEU B 556 -4.56 17.25 -6.85
N VAL B 557 -3.99 16.86 -5.71
CA VAL B 557 -4.33 15.58 -5.08
C VAL B 557 -5.79 15.57 -4.66
N GLU B 558 -6.32 16.71 -4.22
CA GLU B 558 -7.74 16.80 -3.88
C GLU B 558 -8.60 16.56 -5.10
N LEU B 559 -8.26 17.22 -6.22
CA LEU B 559 -8.97 16.96 -7.47
C LEU B 559 -8.89 15.48 -7.86
N PHE B 560 -7.70 14.88 -7.70
CA PHE B 560 -7.52 13.49 -8.09
C PHE B 560 -8.32 12.55 -7.20
N GLU B 561 -8.44 12.89 -5.92
CA GLU B 561 -9.27 12.07 -5.02
C GLU B 561 -10.74 12.16 -5.41
N ASN B 562 -11.21 13.35 -5.79
CA ASN B 562 -12.57 13.45 -6.31
C ASN B 562 -12.77 12.54 -7.51
N MET B 563 -11.90 12.67 -8.52
CA MET B 563 -12.02 11.81 -9.70
C MET B 563 -11.89 10.33 -9.34
N ALA B 564 -11.09 10.01 -8.32
CA ALA B 564 -10.93 8.62 -7.88
C ALA B 564 -12.25 8.08 -7.33
N VAL B 565 -12.90 8.84 -6.45
CA VAL B 565 -14.22 8.41 -5.96
C VAL B 565 -15.17 8.22 -7.12
N ARG B 566 -15.04 9.07 -8.16
CA ARG B 566 -15.85 8.85 -9.36
C ARG B 566 -15.54 7.51 -10.00
N SER B 567 -14.25 7.15 -10.10
CA SER B 567 -13.88 5.90 -10.78
C SER B 567 -14.46 4.68 -10.09
N LEU B 568 -14.70 4.74 -8.78
CA LEU B 568 -15.23 3.61 -8.04
C LEU B 568 -16.66 3.30 -8.46
N ASN B 569 -17.09 2.07 -8.20
CA ASN B 569 -18.45 1.68 -8.50
C ASN B 569 -19.40 2.17 -7.40
N ARG B 570 -20.67 2.29 -7.75
CA ARG B 570 -21.68 2.81 -6.83
C ARG B 570 -22.05 1.76 -5.80
N ALA B 571 -21.87 2.09 -4.52
CA ALA B 571 -22.31 1.21 -3.45
C ALA B 571 -23.84 1.22 -3.36
N GLU B 572 -24.39 0.10 -2.92
CA GLU B 572 -25.85 -0.05 -2.95
C GLU B 572 -26.30 -1.00 -1.85
N TYR B 573 -27.50 -0.73 -1.32
CA TYR B 573 -28.13 -1.64 -0.39
C TYR B 573 -28.67 -2.86 -1.11
N PHE B 574 -28.81 -3.95 -0.37
CA PHE B 574 -29.28 -5.19 -0.98
C PHE B 574 -29.84 -6.12 0.10
N CYS B 575 -30.76 -6.98 -0.32
CA CYS B 575 -31.27 -8.06 0.52
C CYS B 575 -30.45 -9.31 0.21
N THR B 576 -29.94 -9.95 1.28
CA THR B 576 -29.07 -11.11 1.10
C THR B 576 -29.73 -12.21 0.27
N GLY B 577 -31.06 -12.31 0.34
CA GLY B 577 -31.74 -13.33 -0.43
C GLY B 577 -31.66 -13.12 -1.92
N ASP B 578 -31.59 -11.86 -2.36
CA ASP B 578 -31.58 -11.56 -3.80
C ASP B 578 -30.31 -12.07 -4.47
N PHE B 579 -29.18 -12.03 -3.79
CA PHE B 579 -27.90 -12.45 -4.36
C PHE B 579 -27.48 -13.85 -3.96
N GLY B 580 -27.89 -14.32 -2.78
CA GLY B 580 -27.63 -15.67 -2.34
C GLY B 580 -26.18 -16.01 -2.02
N GLU B 581 -25.25 -15.67 -2.92
CA GLU B 581 -23.85 -15.99 -2.71
C GLU B 581 -23.19 -14.85 -1.92
N LYS B 582 -22.56 -15.20 -0.79
CA LYS B 582 -21.94 -14.19 0.05
C LYS B 582 -20.72 -13.54 -0.59
N THR B 583 -20.08 -14.21 -1.55
CA THR B 583 -18.96 -13.58 -2.25
C THR B 583 -19.39 -12.30 -2.96
N ASP B 584 -20.67 -12.20 -3.31
CA ASP B 584 -21.22 -11.01 -3.92
C ASP B 584 -21.52 -9.89 -2.92
N TRP B 585 -21.43 -10.16 -1.62
CA TRP B 585 -21.70 -9.17 -0.59
C TRP B 585 -20.47 -8.39 -0.18
N HIS B 586 -19.34 -8.58 -0.85
CA HIS B 586 -18.11 -7.92 -0.46
C HIS B 586 -18.16 -6.43 -0.75
N HIS B 587 -17.37 -5.66 0.00
CA HIS B 587 -17.27 -4.22 -0.14
C HIS B 587 -15.84 -3.87 -0.51
N TYR B 588 -15.63 -3.49 -1.78
CA TYR B 588 -14.29 -3.28 -2.30
C TYR B 588 -13.49 -2.27 -1.48
N ALA B 589 -14.02 -1.07 -1.28
CA ALA B 589 -13.25 -0.01 -0.64
C ALA B 589 -12.94 -0.31 0.82
N LEU B 590 -13.90 -0.88 1.55
CA LEU B 590 -13.67 -1.22 2.94
C LEU B 590 -13.06 -2.61 3.12
N SER B 591 -12.92 -3.38 2.05
CA SER B 591 -12.37 -4.73 2.09
C SER B 591 -13.07 -5.62 3.11
N PHE B 592 -14.32 -5.30 3.43
CA PHE B 592 -15.12 -6.10 4.35
C PHE B 592 -15.90 -7.16 3.60
N ASN B 593 -16.13 -8.29 4.26
CA ASN B 593 -16.98 -9.34 3.70
C ASN B 593 -18.45 -9.16 4.07
N HIS B 594 -18.74 -8.41 5.13
CA HIS B 594 -20.10 -8.12 5.54
C HIS B 594 -20.15 -6.69 6.07
N TYR B 595 -21.16 -5.93 5.64
CA TYR B 595 -21.31 -4.56 6.11
C TYR B 595 -22.76 -4.12 5.91
N THR B 596 -23.27 -3.35 6.86
CA THR B 596 -24.60 -2.78 6.79
C THR B 596 -24.59 -1.42 7.48
N HIS B 597 -25.73 -0.74 7.45
CA HIS B 597 -25.90 0.53 8.13
C HIS B 597 -26.75 0.32 9.38
N PHE B 598 -26.21 0.67 10.54
CA PHE B 598 -26.88 0.47 11.81
C PHE B 598 -26.69 1.60 12.82
N THR B 599 -25.71 2.48 12.63
CA THR B 599 -25.35 3.48 13.63
C THR B 599 -26.10 4.81 13.48
N SER B 600 -27.11 4.88 12.62
CA SER B 600 -27.85 6.13 12.40
C SER B 600 -29.31 5.83 12.11
N PRO B 601 -30.10 5.52 13.15
CA PRO B 601 -31.52 5.21 12.95
C PRO B 601 -32.43 6.41 12.94
N ILE B 602 -31.94 7.60 13.31
CA ILE B 602 -32.75 8.82 13.28
C ILE B 602 -32.61 9.54 11.96
N ARG B 603 -31.73 9.08 11.08
CA ARG B 603 -31.54 9.71 9.77
C ARG B 603 -31.38 8.70 8.64
N ARG B 604 -31.51 7.39 8.91
CA ARG B 604 -31.42 6.37 7.89
C ARG B 604 -32.43 5.27 8.21
N TYR B 605 -33.51 5.23 7.42
CA TYR B 605 -34.53 4.20 7.59
C TYR B 605 -33.99 2.78 7.44
N PRO B 606 -33.04 2.49 6.52
CA PRO B 606 -32.40 1.17 6.54
C PRO B 606 -31.83 0.80 7.90
N ASP B 607 -31.37 1.77 8.68
CA ASP B 607 -30.90 1.46 10.03
C ASP B 607 -32.05 1.01 10.92
N ILE B 608 -33.25 1.57 10.73
CA ILE B 608 -34.41 1.09 11.46
C ILE B 608 -34.70 -0.36 11.11
N ILE B 609 -34.67 -0.68 9.82
CA ILE B 609 -34.91 -2.06 9.39
C ILE B 609 -33.86 -2.99 9.98
N VAL B 610 -32.59 -2.58 9.97
CA VAL B 610 -31.53 -3.41 10.52
C VAL B 610 -31.67 -3.57 12.03
N HIS B 611 -32.15 -2.53 12.71
CA HIS B 611 -32.43 -2.65 14.15
C HIS B 611 -33.48 -3.72 14.40
N ARG B 612 -34.57 -3.68 13.62
CA ARG B 612 -35.60 -4.72 13.77
C ARG B 612 -35.02 -6.11 13.50
N LEU B 613 -34.19 -6.24 12.46
CA LEU B 613 -33.57 -7.52 12.15
C LEU B 613 -32.70 -8.00 13.31
N LEU B 614 -31.93 -7.10 13.91
CA LEU B 614 -31.07 -7.48 15.03
C LEU B 614 -31.88 -7.89 16.25
N GLU B 615 -32.94 -7.14 16.55
CA GLU B 615 -33.82 -7.50 17.65
C GLU B 615 -34.39 -8.90 17.46
N ARG B 616 -34.90 -9.20 16.26
CA ARG B 616 -35.44 -10.52 16.01
C ARG B 616 -34.36 -11.60 16.05
N SER B 617 -33.15 -11.27 15.58
CA SER B 617 -32.06 -12.25 15.60
C SER B 617 -31.66 -12.61 17.03
N LEU B 618 -31.74 -11.66 17.95
CA LEU B 618 -31.47 -11.99 19.35
C LEU B 618 -32.59 -12.81 19.98
N LYS B 619 -33.78 -12.81 19.39
CA LYS B 619 -34.89 -13.61 19.88
C LYS B 619 -35.05 -14.95 19.16
N ASN B 620 -34.29 -15.18 18.10
CA ASN B 620 -34.38 -16.42 17.31
C ASN B 620 -35.78 -16.62 16.75
N THR B 621 -36.46 -15.52 16.42
CA THR B 621 -37.80 -15.54 15.89
C THR B 621 -37.77 -15.37 14.38
N SER B 622 -38.87 -14.89 13.80
CA SER B 622 -38.98 -14.71 12.36
C SER B 622 -38.26 -13.45 11.91
N PRO B 623 -37.90 -13.35 10.62
CA PRO B 623 -37.29 -12.11 10.12
C PRO B 623 -38.26 -10.95 10.09
N GLY B 624 -39.57 -11.21 10.05
CA GLY B 624 -40.57 -10.16 10.06
C GLY B 624 -40.65 -9.32 8.81
N ILE B 625 -39.79 -9.56 7.82
CA ILE B 625 -39.83 -8.84 6.56
C ILE B 625 -39.67 -9.85 5.43
N ASP B 626 -40.45 -9.67 4.37
CA ASP B 626 -40.39 -10.54 3.21
C ASP B 626 -39.32 -10.04 2.25
N LYS B 627 -38.70 -10.99 1.54
CA LYS B 627 -37.68 -10.67 0.53
C LYS B 627 -38.11 -9.53 -0.37
N LYS B 628 -39.38 -9.55 -0.81
CA LYS B 628 -39.89 -8.51 -1.69
C LYS B 628 -39.79 -7.13 -1.05
N ASN B 629 -40.33 -6.98 0.16
CA ASN B 629 -40.30 -5.68 0.83
C ASN B 629 -38.87 -5.24 1.13
N CYS B 630 -38.00 -6.18 1.51
CA CYS B 630 -36.62 -5.84 1.77
C CYS B 630 -35.94 -5.29 0.52
N SER B 631 -36.16 -5.96 -0.62
CA SER B 631 -35.59 -5.47 -1.88
C SER B 631 -36.17 -4.11 -2.26
N LEU B 632 -37.48 -3.92 -2.05
CA LEU B 632 -38.10 -2.63 -2.35
C LEU B 632 -37.47 -1.52 -1.51
N VAL B 633 -37.33 -1.75 -0.21
CA VAL B 633 -36.70 -0.76 0.66
C VAL B 633 -35.28 -0.47 0.20
N ALA B 634 -34.52 -1.52 -0.15
CA ALA B 634 -33.15 -1.31 -0.60
C ALA B 634 -33.09 -0.42 -1.84
N ALA B 635 -33.91 -0.73 -2.84
CA ALA B 635 -33.88 0.04 -4.09
C ALA B 635 -34.35 1.47 -3.88
N HIS B 636 -35.46 1.65 -3.16
CA HIS B 636 -35.97 2.99 -2.90
C HIS B 636 -34.94 3.83 -2.14
N CYS B 637 -34.29 3.23 -1.14
CA CYS B 637 -33.31 3.98 -0.37
C CYS B 637 -32.06 4.29 -1.18
N ASN B 638 -31.66 3.39 -2.09
CA ASN B 638 -30.53 3.69 -2.96
C ASN B 638 -30.83 4.89 -3.86
N GLU B 639 -32.01 4.90 -4.49
CA GLU B 639 -32.35 6.02 -5.36
C GLU B 639 -32.49 7.32 -4.55
N LYS B 640 -33.12 7.23 -3.38
CA LYS B 640 -33.22 8.41 -2.52
C LYS B 640 -31.86 8.90 -2.06
N LYS B 641 -30.91 7.99 -1.84
CA LYS B 641 -29.56 8.40 -1.44
C LYS B 641 -28.87 9.16 -2.57
N GLU B 642 -28.99 8.66 -3.80
CA GLU B 642 -28.48 9.39 -4.96
C GLU B 642 -29.07 10.80 -5.02
N LYS B 643 -30.41 10.89 -4.96
CA LYS B 643 -31.07 12.18 -5.11
C LYS B 643 -30.70 13.12 -3.97
N SER B 644 -30.60 12.61 -2.74
CA SER B 644 -30.25 13.44 -1.60
C SER B 644 -28.82 13.96 -1.72
N THR B 645 -27.89 13.10 -2.14
CA THR B 645 -26.53 13.55 -2.38
C THR B 645 -26.51 14.69 -3.37
N THR B 646 -27.21 14.53 -4.49
CA THR B 646 -27.25 15.59 -5.49
C THR B 646 -27.84 16.88 -4.92
N VAL B 647 -28.92 16.77 -4.15
CA VAL B 647 -29.58 17.95 -3.61
C VAL B 647 -28.65 18.70 -2.65
N GLN B 648 -27.99 17.97 -1.75
CA GLN B 648 -27.09 18.60 -0.80
C GLN B 648 -25.91 19.27 -1.50
N GLU B 649 -25.37 18.61 -2.54
CA GLU B 649 -24.27 19.21 -3.30
C GLU B 649 -24.71 20.50 -3.98
N ASP B 650 -25.88 20.50 -4.62
CA ASP B 650 -26.37 21.70 -5.27
C ASP B 650 -26.66 22.82 -4.27
N SER B 651 -27.13 22.46 -3.08
CA SER B 651 -27.30 23.46 -2.03
C SER B 651 -25.97 24.12 -1.67
N GLN B 652 -24.94 23.28 -1.47
CA GLN B 652 -23.59 23.80 -1.23
C GLN B 652 -23.16 24.75 -2.34
N GLN B 653 -23.45 24.40 -3.59
CA GLN B 653 -23.09 25.27 -4.72
C GLN B 653 -23.81 26.61 -4.63
N LEU B 654 -25.11 26.57 -4.35
CA LEU B 654 -25.89 27.80 -4.19
C LEU B 654 -25.30 28.70 -3.12
N PHE B 655 -24.98 28.13 -1.96
CA PHE B 655 -24.45 28.96 -0.88
C PHE B 655 -23.04 29.43 -1.18
N LEU B 656 -22.25 28.66 -1.94
CA LEU B 656 -20.96 29.16 -2.40
C LEU B 656 -21.15 30.36 -3.31
N SER B 657 -22.15 30.32 -4.19
CA SER B 657 -22.44 31.47 -5.06
C SER B 657 -22.81 32.69 -4.23
N VAL B 658 -23.67 32.50 -3.22
CA VAL B 658 -24.05 33.62 -2.35
C VAL B 658 -22.84 34.16 -1.61
N TYR B 659 -21.93 33.27 -1.19
CA TYR B 659 -20.70 33.71 -0.53
C TYR B 659 -19.84 34.56 -1.46
N ILE B 660 -19.70 34.13 -2.73
CA ILE B 660 -18.94 34.92 -3.69
C ILE B 660 -19.57 36.28 -3.91
N ALA B 661 -20.90 36.31 -4.01
CA ALA B 661 -21.60 37.59 -4.18
C ALA B 661 -21.37 38.51 -2.99
N GLU B 662 -21.47 37.97 -1.77
CA GLU B 662 -21.26 38.77 -0.57
C GLU B 662 -19.82 39.27 -0.48
N TYR B 663 -18.85 38.46 -0.91
CA TYR B 663 -17.47 38.90 -0.92
C TYR B 663 -17.27 40.04 -1.91
N CYS B 664 -17.82 39.91 -3.12
CA CYS B 664 -17.69 40.97 -4.11
C CYS B 664 -18.36 42.25 -3.62
N LYS B 665 -19.49 42.12 -2.92
CA LYS B 665 -20.18 43.31 -2.41
C LYS B 665 -19.39 43.97 -1.28
N LYS B 666 -18.87 43.16 -0.35
CA LYS B 666 -18.21 43.72 0.82
C LYS B 666 -16.89 44.40 0.46
N HIS B 667 -16.08 43.76 -0.38
CA HIS B 667 -14.77 44.29 -0.73
C HIS B 667 -14.81 45.25 -1.91
N ASP B 668 -15.99 45.74 -2.29
CA ASP B 668 -16.17 46.69 -3.39
C ASP B 668 -15.38 46.25 -4.63
N LYS B 669 -15.57 45.00 -5.03
CA LYS B 669 -15.00 44.46 -6.25
C LYS B 669 -16.10 43.78 -7.05
N LYS B 670 -15.73 43.33 -8.26
CA LYS B 670 -16.62 42.56 -9.10
C LYS B 670 -16.26 41.08 -9.15
N SER B 671 -15.21 40.67 -8.45
CA SER B 671 -14.79 39.28 -8.47
C SER B 671 -14.00 38.97 -7.21
N MET B 672 -13.94 37.68 -6.88
CA MET B 672 -13.11 37.20 -5.78
C MET B 672 -11.85 36.55 -6.33
N PRO B 673 -10.66 36.98 -5.90
CA PRO B 673 -9.43 36.37 -6.40
C PRO B 673 -9.17 35.03 -5.71
N VAL B 674 -8.83 34.02 -6.51
CA VAL B 674 -8.57 32.68 -6.00
C VAL B 674 -7.39 32.09 -6.76
N GLN B 675 -6.84 31.01 -6.21
CA GLN B 675 -5.78 30.25 -6.84
C GLN B 675 -6.38 29.04 -7.56
N ALA B 676 -5.79 28.68 -8.70
CA ALA B 676 -6.33 27.58 -9.48
C ALA B 676 -5.20 26.89 -10.22
N PHE B 677 -5.42 25.60 -10.48
CA PHE B 677 -4.49 24.76 -11.21
C PHE B 677 -5.06 24.43 -12.58
N ALA B 678 -4.23 24.54 -13.61
CA ALA B 678 -4.66 24.23 -14.97
C ALA B 678 -4.63 22.71 -15.13
N THR B 679 -5.80 22.09 -15.17
CA THR B 679 -5.88 20.64 -15.31
C THR B 679 -5.86 20.20 -16.76
N ARG B 680 -6.53 20.96 -17.63
CA ARG B 680 -6.62 20.63 -19.04
C ARG B 680 -6.69 21.93 -19.82
N ILE B 681 -6.08 21.93 -21.00
CA ILE B 681 -5.99 23.09 -21.88
C ILE B 681 -6.67 22.74 -23.19
N SER B 682 -7.76 23.44 -23.49
CA SER B 682 -8.50 23.29 -24.73
C SER B 682 -8.21 24.45 -25.67
N GLY B 683 -8.55 24.26 -26.94
CA GLY B 683 -8.33 25.25 -27.98
C GLY B 683 -8.56 26.69 -27.56
N ASN B 684 -9.81 27.05 -27.27
CA ASN B 684 -10.15 28.41 -26.88
C ASN B 684 -10.63 28.49 -25.43
N SER B 685 -10.14 27.62 -24.58
CA SER B 685 -10.52 27.62 -23.16
C SER B 685 -9.52 26.76 -22.39
N ILE B 686 -9.57 26.88 -21.07
CA ILE B 686 -8.66 26.15 -20.18
C ILE B 686 -9.44 25.68 -18.97
N ASP B 687 -9.35 24.38 -18.67
CA ASP B 687 -9.98 23.82 -17.48
C ASP B 687 -9.12 24.15 -16.25
N VAL B 688 -9.73 24.80 -15.27
CA VAL B 688 -9.05 25.18 -14.04
C VAL B 688 -9.78 24.54 -12.86
N TYR B 689 -9.00 24.20 -11.84
CA TYR B 689 -9.51 23.65 -10.59
C TYR B 689 -9.17 24.61 -9.48
N ILE B 690 -10.20 25.10 -8.79
CA ILE B 690 -10.04 25.93 -7.59
C ILE B 690 -10.19 25.00 -6.40
N SER B 691 -9.08 24.74 -5.71
CA SER B 691 -9.09 23.85 -4.56
C SER B 691 -9.61 24.50 -3.30
N GLU B 692 -9.53 25.84 -3.21
CA GLU B 692 -10.00 26.53 -2.01
C GLU B 692 -11.48 26.26 -1.77
N TYR B 693 -12.25 26.00 -2.84
CA TYR B 693 -13.66 25.65 -2.72
C TYR B 693 -14.00 24.36 -3.44
N GLY B 694 -13.00 23.62 -3.92
CA GLY B 694 -13.21 22.33 -4.54
C GLY B 694 -14.12 22.35 -5.75
N ILE B 695 -13.88 23.29 -6.67
CA ILE B 695 -14.74 23.45 -7.84
C ILE B 695 -13.87 23.38 -9.10
N SER B 696 -14.47 22.91 -10.18
CA SER B 696 -13.80 22.77 -11.47
C SER B 696 -14.55 23.59 -12.51
N ASN B 697 -13.93 24.65 -13.01
CA ASN B 697 -14.56 25.50 -14.00
C ASN B 697 -13.68 25.57 -15.25
N ARG B 698 -14.15 26.27 -16.27
CA ARG B 698 -13.41 26.44 -17.52
C ARG B 698 -13.39 27.92 -17.89
N VAL B 699 -12.19 28.46 -18.08
CA VAL B 699 -12.01 29.85 -18.51
C VAL B 699 -11.94 29.88 -20.03
N ASP B 700 -12.98 30.42 -20.66
CA ASP B 700 -13.01 30.54 -22.11
C ASP B 700 -12.04 31.65 -22.53
N LEU B 701 -11.01 31.27 -23.30
CA LEU B 701 -10.00 32.23 -23.73
C LEU B 701 -10.52 33.20 -24.79
N SER B 702 -11.55 32.83 -25.54
CA SER B 702 -12.08 33.71 -26.58
C SER B 702 -13.18 34.63 -26.08
N SER B 703 -14.13 34.10 -25.30
CA SER B 703 -15.26 34.91 -24.85
C SER B 703 -14.83 36.05 -23.94
N ASP B 704 -13.72 35.89 -23.21
CA ASP B 704 -13.21 36.95 -22.36
C ASP B 704 -12.60 38.06 -23.22
N ASP B 705 -13.21 39.25 -23.17
CA ASP B 705 -12.72 40.37 -23.97
C ASP B 705 -11.34 40.85 -23.51
N ARG B 706 -10.99 40.65 -22.24
CA ARG B 706 -9.71 41.13 -21.76
C ARG B 706 -8.53 40.45 -22.46
N ILE B 707 -8.68 39.19 -22.87
CA ILE B 707 -7.58 38.47 -23.50
C ILE B 707 -7.34 38.99 -24.92
N LYS B 708 -6.07 39.04 -25.32
CA LYS B 708 -5.66 39.48 -26.64
C LYS B 708 -5.51 38.31 -27.62
N SER B 709 -4.70 37.31 -27.26
CA SER B 709 -4.44 36.16 -28.14
C SER B 709 -3.81 35.06 -27.30
N PHE B 710 -3.54 33.92 -27.95
CA PHE B 710 -3.00 32.75 -27.27
C PHE B 710 -2.39 31.80 -28.29
N ILE B 711 -1.63 30.83 -27.78
CA ILE B 711 -1.02 29.78 -28.58
C ILE B 711 -0.93 28.50 -27.74
N VAL B 712 -1.33 27.38 -28.36
CA VAL B 712 -1.29 26.06 -27.73
C VAL B 712 -0.09 25.27 -28.24
N ALA B 713 0.57 24.54 -27.33
CA ALA B 713 1.74 23.74 -27.65
C ALA B 713 1.32 22.52 -28.49
N PRO B 714 2.28 21.84 -29.12
CA PRO B 714 1.92 20.66 -29.93
C PRO B 714 1.20 19.58 -29.14
N ASP B 715 1.44 19.48 -27.84
CA ASP B 715 0.74 18.54 -26.98
C ASP B 715 -0.32 19.21 -26.12
N ASP B 716 -0.52 20.53 -26.28
CA ASP B 716 -1.39 21.30 -25.40
C ASP B 716 -0.87 21.28 -23.96
N SER B 717 0.44 21.07 -23.80
CA SER B 717 1.09 21.07 -22.50
C SER B 717 1.55 22.45 -22.08
N SER B 718 1.34 23.46 -22.92
CA SER B 718 1.65 24.85 -22.57
C SER B 718 0.88 25.75 -23.52
N VAL B 719 0.39 26.87 -22.99
CA VAL B 719 -0.36 27.85 -23.77
C VAL B 719 0.07 29.24 -23.32
N LYS B 720 0.50 30.05 -24.29
CA LYS B 720 0.81 31.45 -24.03
C LYS B 720 -0.44 32.29 -24.26
N ILE B 721 -0.58 33.36 -23.46
CA ILE B 721 -1.75 34.20 -23.41
C ILE B 721 -1.30 35.65 -23.34
N THR B 722 -2.07 36.54 -23.98
CA THR B 722 -1.76 37.96 -23.99
C THR B 722 -3.00 38.72 -23.51
N LEU B 723 -2.77 39.71 -22.64
CA LEU B 723 -3.82 40.45 -21.96
C LEU B 723 -3.83 41.91 -22.41
N PHE B 724 -4.68 42.70 -21.77
CA PHE B 724 -4.83 44.10 -22.13
C PHE B 724 -3.56 44.91 -21.84
N ASP B 725 -2.87 44.60 -20.75
CA ASP B 725 -1.59 45.22 -20.46
C ASP B 725 -0.44 44.63 -21.26
N ASP B 726 -0.72 43.80 -22.26
CA ASP B 726 0.29 43.22 -23.16
C ASP B 726 1.25 42.32 -22.40
N SER B 727 0.81 41.78 -21.27
CA SER B 727 1.61 40.84 -20.48
C SER B 727 1.50 39.45 -21.09
N GLN B 728 2.64 38.87 -21.45
CA GLN B 728 2.68 37.58 -22.15
C GLN B 728 2.60 36.43 -21.14
N LYS B 729 1.47 36.38 -20.44
CA LYS B 729 1.31 35.43 -19.35
C LYS B 729 1.17 34.03 -19.91
N THR B 730 1.95 33.09 -19.37
CA THR B 730 1.99 31.74 -19.92
C THR B 730 1.51 30.76 -18.86
N ILE B 731 0.66 29.81 -19.26
CA ILE B 731 0.14 28.79 -18.36
C ILE B 731 0.34 27.42 -19.01
N ALA B 732 0.79 26.45 -18.23
CA ALA B 732 0.99 25.09 -18.68
C ALA B 732 0.08 24.18 -17.87
N LEU B 733 0.14 22.88 -18.15
CA LEU B 733 -0.61 21.93 -17.33
C LEU B 733 -0.08 21.94 -15.92
N THR B 734 -0.99 21.79 -14.94
CA THR B 734 -0.64 21.76 -13.52
C THR B 734 0.04 23.05 -13.07
N ASP B 735 -0.29 24.17 -13.70
CA ASP B 735 0.24 25.47 -13.28
C ASP B 735 -0.65 26.11 -12.24
N ARG B 736 -0.03 26.77 -11.27
CA ARG B 736 -0.73 27.47 -10.20
C ARG B 736 -0.78 28.94 -10.57
N PHE B 737 -1.99 29.45 -10.80
CA PHE B 737 -2.14 30.84 -11.20
C PHE B 737 -3.41 31.42 -10.58
N GLN B 738 -3.50 32.74 -10.59
CA GLN B 738 -4.62 33.44 -9.98
C GLN B 738 -5.72 33.67 -11.01
N VAL B 739 -6.95 33.39 -10.61
CA VAL B 739 -8.13 33.66 -11.41
C VAL B 739 -9.15 34.40 -10.53
N TYR B 740 -10.30 34.73 -11.10
CA TYR B 740 -11.30 35.50 -10.38
C TYR B 740 -12.67 34.88 -10.60
N LEU B 741 -13.42 34.71 -9.52
CA LEU B 741 -14.75 34.11 -9.54
C LEU B 741 -15.81 35.19 -9.37
N TYR B 742 -16.81 35.17 -10.24
CA TYR B 742 -17.94 36.09 -10.16
C TYR B 742 -19.24 35.32 -10.34
N SER B 743 -20.25 35.69 -9.56
CA SER B 743 -21.55 35.01 -9.60
C SER B 743 -22.42 35.68 -10.65
N ASP B 744 -22.45 35.08 -11.84
CA ASP B 744 -23.32 35.56 -12.92
C ASP B 744 -24.78 35.28 -12.56
N TYR B 745 -25.53 36.35 -12.31
CA TYR B 745 -26.98 36.30 -12.28
C TYR B 745 -27.61 36.92 -13.51
N SER B 746 -26.81 37.63 -14.33
CA SER B 746 -27.28 38.13 -15.61
C SER B 746 -27.63 36.99 -16.55
N ARG B 747 -26.92 35.88 -16.45
CA ARG B 747 -27.30 34.66 -17.14
C ARG B 747 -28.65 34.18 -16.63
N THR B 748 -29.18 33.16 -17.31
CA THR B 748 -30.56 32.74 -17.06
C THR B 748 -30.75 32.33 -15.61
N PHE B 749 -29.82 31.55 -15.07
CA PHE B 749 -29.88 31.07 -13.70
C PHE B 749 -28.57 31.38 -12.98
N PHE B 750 -28.60 31.25 -11.65
CA PHE B 750 -27.41 31.48 -10.84
C PHE B 750 -26.27 30.60 -11.33
N SER B 751 -25.18 31.22 -11.77
CA SER B 751 -24.05 30.46 -12.30
C SER B 751 -22.74 31.11 -11.89
N ILE B 752 -21.92 30.38 -11.13
CA ILE B 752 -20.58 30.87 -10.82
C ILE B 752 -19.70 30.73 -12.05
N ARG B 753 -19.08 31.84 -12.47
CA ARG B 753 -18.20 31.85 -13.62
C ARG B 753 -16.82 32.31 -13.19
N CYS B 754 -15.81 31.91 -13.97
CA CYS B 754 -14.42 32.19 -13.69
C CYS B 754 -13.78 32.92 -14.86
N SER B 755 -13.01 33.95 -14.56
CA SER B 755 -12.31 34.74 -15.56
C SER B 755 -10.83 34.81 -15.21
N LEU B 756 -9.98 34.79 -16.23
CA LEU B 756 -8.54 34.89 -16.00
C LEU B 756 -8.16 36.28 -15.51
N VAL B 757 -8.84 37.30 -16.00
CA VAL B 757 -8.58 38.69 -15.63
C VAL B 757 -9.67 39.14 -14.65
N SER B 758 -9.28 39.96 -13.69
CA SER B 758 -10.25 40.52 -12.74
C SER B 758 -11.24 41.40 -13.48
N LEU B 759 -12.51 41.32 -13.09
CA LEU B 759 -13.56 42.13 -13.71
C LEU B 759 -13.69 43.50 -13.06
N ASN B 760 -12.80 43.83 -12.13
CA ASN B 760 -12.76 45.16 -11.51
C ASN B 760 -14.09 45.58 -10.90
#